data_7U58
#
_entry.id   7U58
#
_cell.length_a   1.00
_cell.length_b   1.00
_cell.length_c   1.00
_cell.angle_alpha   90.00
_cell.angle_beta   90.00
_cell.angle_gamma   90.00
#
_symmetry.space_group_name_H-M   'P 1'
#
loop_
_entity.id
_entity.type
_entity.pdbx_description
1 polymer MusD
2 non-polymer 'ZINC ION'
3 non-polymer 'MAGNESIUM ION'
#
_entity_poly.entity_id   1
_entity_poly.type   'polypeptide(L)'
_entity_poly.pdbx_seq_one_letter_code
;SNAMKILQIKPHFRAEIIEPKHVYLLSESSTHALTGELYCQLIPLLNGNYTVDEIINKLQVDPSHIDYALERLQARGYIT
EAIPQLTPEAVAFWGLLKVEPQVAYQCLQQTQVYVSSVVNLPTQPLITALEEVGIKAINWDGELQEFPPHSLLVVLTDDY
LQPQLNKINQIALKANQPWLLIKPVGTILWLGPIFQPQITGCWECLAQRLRVNREVEASVLRQKNSSLQLSPSQELNSSV
LQSNGNGVKSEVIECLPPPAAVIPSTLQTALHLATTEIAKWIVKQGVEDTTPFPTLEGKVITFDQRNLDLQTHILSLRPQ
CPSCGNPNLLTERAFQPLVLSSRKKQFTSDGGHRAFSPDQTVNRYQHLISPITGVVTSLVRASDPNDSLNHTYNAVHSFV
IASNIGRMRRYLKHKSSGKGKTDSQSKASGFCEAIERYSGVYQGDEPRISATLAELGEKAIHPARCSLFSSEQYEYREEF
NRRGGVFDWIPQPFDETKVIEWTPVWSLTEQTHKYIPTAYCYYGYPLPEDHEFCRANSNGDATGNTLEEAIIQGFFEIVE
RDSVAIWWYNRLKRPAVDLASFNEPYLLEVQDLYRSNNRDLWVIDITADLDIPTFVAVSYLKDNKHQTILLGFGTHFDPK
IAILRAVTEVNQIAFTCDGVEVTKEFVEMREWFKKATIENQPYLVPDSTVPAKVYQDYQQRWSDDIYEDVMTCVEISKNA
GLETLVLDKTRPDIGLNVAKVIVPEMPHYWLRMGAKRIYDVPVKMGWLSTPLTEEQMNPISVPI
;
_entity_poly.pdbx_strand_id   A,B
#
loop_
_chem_comp.id
_chem_comp.type
_chem_comp.name
_chem_comp.formula
MG non-polymer 'MAGNESIUM ION' 'Mg 2'
ZN non-polymer 'ZINC ION' 'Zn 2'
#
# COMPACT_ATOMS: atom_id res chain seq x y z
N GLN A 85 -8.99 41.72 -27.55
CA GLN A 85 -8.16 42.38 -28.54
C GLN A 85 -6.76 41.76 -28.57
N LEU A 86 -6.60 40.66 -27.85
CA LEU A 86 -5.31 39.99 -27.77
C LEU A 86 -5.02 39.20 -29.04
N THR A 87 -3.76 38.80 -29.18
CA THR A 87 -3.34 37.99 -30.31
C THR A 87 -4.00 36.60 -30.24
N PRO A 88 -4.24 35.96 -31.38
CA PRO A 88 -4.82 34.60 -31.34
C PRO A 88 -3.96 33.61 -30.60
N GLU A 89 -2.64 33.83 -30.55
CA GLU A 89 -1.78 32.96 -29.75
C GLU A 89 -2.12 33.07 -28.27
N ALA A 90 -2.48 34.27 -27.81
CA ALA A 90 -2.83 34.45 -26.40
C ALA A 90 -4.18 33.83 -26.08
N VAL A 91 -5.17 34.02 -26.96
CA VAL A 91 -6.50 33.47 -26.69
C VAL A 91 -6.46 31.95 -26.73
N ALA A 92 -5.51 31.36 -27.45
CA ALA A 92 -5.34 29.91 -27.41
C ALA A 92 -4.91 29.44 -26.03
N PHE A 93 -4.08 30.23 -25.35
CA PHE A 93 -3.66 29.88 -24.00
C PHE A 93 -4.84 29.88 -23.04
N TRP A 94 -5.72 30.88 -23.15
CA TRP A 94 -6.90 30.92 -22.29
C TRP A 94 -7.88 29.81 -22.60
N GLY A 95 -7.77 29.18 -23.77
CA GLY A 95 -8.71 28.14 -24.14
C GLY A 95 -8.64 26.92 -23.24
N LEU A 96 -7.42 26.52 -22.86
CA LEU A 96 -7.27 25.35 -22.01
C LEU A 96 -7.77 25.58 -20.59
N LEU A 97 -8.06 26.82 -20.22
CA LEU A 97 -8.65 27.14 -18.93
C LEU A 97 -10.18 27.12 -18.97
N LYS A 98 -10.75 26.52 -20.01
CA LYS A 98 -12.20 26.35 -20.20
C LYS A 98 -12.98 27.62 -19.88
N VAL A 99 -12.39 28.77 -20.16
CA VAL A 99 -13.03 30.06 -19.93
C VAL A 99 -13.08 30.83 -21.25
N GLU A 100 -14.23 31.42 -21.54
CA GLU A 100 -14.39 32.17 -22.77
C GLU A 100 -13.50 33.42 -22.74
N PRO A 101 -13.02 33.87 -23.90
CA PRO A 101 -12.13 35.04 -23.92
C PRO A 101 -12.78 36.30 -23.36
N GLN A 102 -14.08 36.51 -23.60
CA GLN A 102 -14.73 37.72 -23.13
C GLN A 102 -14.72 37.81 -21.60
N VAL A 103 -15.00 36.69 -20.93
CA VAL A 103 -14.94 36.68 -19.47
C VAL A 103 -13.52 36.90 -18.99
N ALA A 104 -12.55 36.24 -19.62
CA ALA A 104 -11.16 36.35 -19.19
C ALA A 104 -10.62 37.76 -19.39
N TYR A 105 -10.84 38.33 -20.58
CA TYR A 105 -10.28 39.63 -20.92
C TYR A 105 -10.58 40.67 -19.84
N GLN A 106 -11.82 40.67 -19.34
CA GLN A 106 -12.22 41.64 -18.33
C GLN A 106 -11.31 41.57 -17.11
N CYS A 107 -11.04 40.34 -16.62
CA CYS A 107 -10.17 40.20 -15.45
C CYS A 107 -8.80 40.79 -15.70
N LEU A 108 -8.36 40.81 -16.96
CA LEU A 108 -7.04 41.35 -17.29
C LEU A 108 -6.95 42.86 -17.08
N GLN A 109 -8.07 43.56 -16.95
CA GLN A 109 -8.02 44.97 -16.58
C GLN A 109 -8.22 45.19 -15.08
N GLN A 110 -8.35 44.12 -14.30
CA GLN A 110 -8.53 44.26 -12.86
C GLN A 110 -7.42 43.63 -12.04
N THR A 111 -6.56 42.82 -12.64
CA THR A 111 -5.50 42.13 -11.92
C THR A 111 -4.15 42.71 -12.30
N GLN A 112 -3.36 43.07 -11.30
CA GLN A 112 -2.01 43.62 -11.47
C GLN A 112 -1.02 42.68 -10.81
N VAL A 113 0.00 42.27 -11.57
CA VAL A 113 1.01 41.33 -11.09
C VAL A 113 2.32 42.07 -10.92
N TYR A 114 2.77 42.20 -9.68
CA TYR A 114 4.05 42.84 -9.38
C TYR A 114 5.12 41.76 -9.30
N VAL A 115 6.04 41.76 -10.26
CA VAL A 115 7.08 40.75 -10.32
C VAL A 115 8.36 41.33 -9.75
N SER A 116 9.03 40.56 -8.89
CA SER A 116 10.25 41.00 -8.25
C SER A 116 11.19 39.81 -8.07
N SER A 117 12.46 40.11 -7.88
CA SER A 117 13.48 39.10 -7.63
C SER A 117 14.23 39.44 -6.35
N VAL A 118 14.56 38.42 -5.57
CA VAL A 118 15.23 38.62 -4.29
C VAL A 118 16.73 38.40 -4.37
N VAL A 119 17.22 37.67 -5.38
CA VAL A 119 18.64 37.38 -5.51
C VAL A 119 19.15 37.92 -6.84
N ASN A 120 18.56 39.02 -7.29
CA ASN A 120 18.94 39.68 -8.55
C ASN A 120 18.75 38.76 -9.75
N LEU A 121 17.73 37.90 -9.69
CA LEU A 121 17.38 37.08 -10.84
C LEU A 121 16.75 37.95 -11.92
N PRO A 122 16.90 37.58 -13.20
CA PRO A 122 16.28 38.35 -14.27
C PRO A 122 14.76 38.39 -14.13
N THR A 123 14.22 39.58 -13.90
CA THR A 123 12.79 39.74 -13.70
C THR A 123 12.04 39.98 -15.00
N GLN A 124 12.70 40.61 -15.99
CA GLN A 124 12.02 40.94 -17.24
C GLN A 124 11.45 39.73 -17.98
N PRO A 125 12.13 38.59 -18.11
CA PRO A 125 11.54 37.48 -18.89
C PRO A 125 10.16 37.05 -18.38
N LEU A 126 9.96 37.00 -17.07
CA LEU A 126 8.64 36.64 -16.56
C LEU A 126 7.62 37.74 -16.85
N ILE A 127 8.03 39.01 -16.76
CA ILE A 127 7.11 40.10 -17.04
C ILE A 127 6.64 40.06 -18.49
N THR A 128 7.58 39.87 -19.42
CA THR A 128 7.18 39.80 -20.83
C THR A 128 6.42 38.52 -21.14
N ALA A 129 6.72 37.42 -20.44
CA ALA A 129 5.94 36.21 -20.62
C ALA A 129 4.49 36.41 -20.19
N LEU A 130 4.28 37.10 -19.07
CA LEU A 130 2.91 37.39 -18.64
C LEU A 130 2.26 38.42 -19.54
N GLU A 131 3.03 39.36 -20.10
CA GLU A 131 2.45 40.35 -21.00
C GLU A 131 2.03 39.71 -22.32
N GLU A 132 2.73 38.66 -22.76
CA GLU A 132 2.37 38.00 -24.01
C GLU A 132 0.96 37.42 -23.94
N VAL A 133 0.61 36.78 -22.83
CA VAL A 133 -0.74 36.23 -22.67
C VAL A 133 -1.74 37.27 -22.21
N GLY A 134 -1.35 38.53 -22.10
CA GLY A 134 -2.26 39.61 -21.78
C GLY A 134 -2.28 40.03 -20.32
N ILE A 135 -1.64 39.28 -19.43
CA ILE A 135 -1.65 39.64 -18.02
C ILE A 135 -0.83 40.89 -17.81
N LYS A 136 -1.43 41.89 -17.16
CA LYS A 136 -0.79 43.17 -16.91
C LYS A 136 0.18 43.02 -15.74
N ALA A 137 1.45 42.80 -16.07
CA ALA A 137 2.49 42.58 -15.07
C ALA A 137 3.53 43.70 -15.16
N ILE A 138 3.90 44.25 -14.00
CA ILE A 138 4.90 45.30 -13.92
C ILE A 138 5.93 44.93 -12.86
N ASN A 139 7.13 45.49 -12.99
CA ASN A 139 8.20 45.20 -12.06
C ASN A 139 7.91 45.83 -10.70
N TRP A 140 8.46 45.20 -9.65
CA TRP A 140 8.26 45.65 -8.28
C TRP A 140 9.59 46.11 -7.69
N ASP A 141 9.58 47.28 -7.06
CA ASP A 141 10.79 47.80 -6.44
C ASP A 141 11.27 46.90 -5.30
N GLY A 142 10.34 46.45 -4.46
CA GLY A 142 10.66 45.58 -3.34
C GLY A 142 10.24 46.10 -1.99
N GLU A 143 9.79 47.35 -1.91
CA GLU A 143 9.44 47.96 -0.63
C GLU A 143 8.03 48.56 -0.59
N LEU A 144 7.38 48.73 -1.73
CA LEU A 144 6.05 49.32 -1.75
C LEU A 144 5.04 48.41 -1.05
N GLN A 145 4.24 48.98 -0.16
CA GLN A 145 3.20 48.22 0.54
C GLN A 145 1.79 48.53 0.06
N GLU A 146 1.57 49.70 -0.54
CA GLU A 146 0.25 50.06 -1.05
C GLU A 146 -0.01 49.28 -2.34
N PHE A 147 -1.07 48.49 -2.35
CA PHE A 147 -1.40 47.64 -3.48
C PHE A 147 -2.86 47.80 -3.86
N PRO A 148 -3.20 47.59 -5.13
CA PRO A 148 -4.61 47.66 -5.55
C PRO A 148 -5.40 46.52 -4.96
N PRO A 149 -6.73 46.66 -4.86
CA PRO A 149 -7.53 45.61 -4.20
C PRO A 149 -7.37 44.23 -4.83
N HIS A 150 -7.26 44.15 -6.15
CA HIS A 150 -7.02 42.89 -6.84
C HIS A 150 -5.61 42.92 -7.41
N SER A 151 -4.72 42.10 -6.86
CA SER A 151 -3.32 42.10 -7.27
C SER A 151 -2.67 40.81 -6.82
N LEU A 152 -1.48 40.57 -7.35
CA LEU A 152 -0.68 39.40 -6.98
C LEU A 152 0.79 39.76 -7.09
N LEU A 153 1.58 39.35 -6.11
CA LEU A 153 3.00 39.65 -6.05
C LEU A 153 3.79 38.37 -6.26
N VAL A 154 4.59 38.34 -7.33
CA VAL A 154 5.42 37.19 -7.65
C VAL A 154 6.85 37.50 -7.25
N VAL A 155 7.48 36.57 -6.54
CA VAL A 155 8.84 36.75 -6.04
C VAL A 155 9.69 35.58 -6.53
N LEU A 156 10.74 35.89 -7.29
CA LEU A 156 11.65 34.89 -7.81
C LEU A 156 12.84 34.73 -6.88
N THR A 157 13.34 33.50 -6.78
CA THR A 157 14.46 33.21 -5.91
C THR A 157 15.20 31.99 -6.42
N ASP A 158 16.42 31.82 -5.92
CA ASP A 158 17.18 30.59 -6.17
C ASP A 158 17.07 29.59 -5.03
N ASP A 159 16.76 30.06 -3.82
CA ASP A 159 16.53 29.19 -2.68
C ASP A 159 15.39 29.79 -1.86
N TYR A 160 14.66 28.92 -1.17
CA TYR A 160 13.54 29.37 -0.34
C TYR A 160 13.96 29.78 1.06
N LEU A 161 15.25 29.71 1.39
CA LEU A 161 15.73 30.11 2.71
C LEU A 161 16.53 31.41 2.66
N GLN A 162 16.29 32.23 1.64
CA GLN A 162 16.96 33.53 1.57
C GLN A 162 16.46 34.42 2.71
N PRO A 163 17.35 35.01 3.49
CA PRO A 163 16.89 35.84 4.62
C PRO A 163 15.99 37.00 4.21
N GLN A 164 16.26 37.61 3.05
CA GLN A 164 15.48 38.77 2.63
C GLN A 164 14.01 38.40 2.44
N LEU A 165 13.71 37.14 2.12
CA LEU A 165 12.33 36.70 2.00
C LEU A 165 11.55 36.97 3.29
N ASN A 166 12.22 36.86 4.44
CA ASN A 166 11.55 37.14 5.71
C ASN A 166 10.97 38.55 5.73
N LYS A 167 11.66 39.50 5.10
CA LYS A 167 11.10 40.85 5.00
C LYS A 167 9.86 40.85 4.13
N ILE A 168 9.91 40.15 2.99
CA ILE A 168 8.76 40.11 2.08
C ILE A 168 7.54 39.56 2.79
N ASN A 169 7.73 38.49 3.57
CA ASN A 169 6.64 37.91 4.34
C ASN A 169 6.02 38.97 5.26
N GLN A 170 6.87 39.77 5.92
CA GLN A 170 6.34 40.80 6.81
C GLN A 170 5.51 41.81 6.03
N ILE A 171 5.85 42.05 4.76
CA ILE A 171 5.03 42.92 3.94
C ILE A 171 3.70 42.26 3.62
N ALA A 172 3.72 40.95 3.35
CA ALA A 172 2.51 40.26 2.92
C ALA A 172 1.49 40.18 4.06
N LEU A 173 1.93 39.74 5.24
CA LEU A 173 1.00 39.58 6.36
C LEU A 173 0.43 40.93 6.80
N LYS A 174 1.28 41.96 6.85
CA LYS A 174 0.82 43.28 7.27
C LYS A 174 -0.21 43.85 6.30
N ALA A 175 0.03 43.69 5.00
CA ALA A 175 -0.86 44.24 3.98
C ALA A 175 -1.94 43.26 3.53
N ASN A 176 -1.92 42.02 4.06
CA ASN A 176 -2.88 40.99 3.67
C ASN A 176 -2.89 40.79 2.15
N GLN A 177 -1.70 40.73 1.57
CA GLN A 177 -1.53 40.61 0.12
C GLN A 177 -1.05 39.21 -0.23
N PRO A 178 -1.81 38.44 -1.02
CA PRO A 178 -1.31 37.14 -1.47
C PRO A 178 -0.08 37.30 -2.35
N TRP A 179 0.84 36.35 -2.24
CA TRP A 179 2.04 36.38 -3.06
C TRP A 179 2.50 34.97 -3.36
N LEU A 180 3.15 34.81 -4.50
CA LEU A 180 3.65 33.53 -4.99
C LEU A 180 5.18 33.57 -4.99
N LEU A 181 5.78 32.44 -4.60
CA LEU A 181 7.23 32.30 -4.53
C LEU A 181 7.67 31.27 -5.56
N ILE A 182 8.61 31.65 -6.43
CA ILE A 182 9.01 30.81 -7.55
C ILE A 182 10.53 30.64 -7.52
N LYS A 183 10.98 29.42 -7.78
CA LYS A 183 12.41 29.11 -7.92
C LYS A 183 12.61 28.58 -9.34
N PRO A 184 12.89 29.46 -10.30
CA PRO A 184 13.01 29.04 -11.70
C PRO A 184 14.41 28.65 -12.15
N VAL A 185 15.36 28.48 -11.24
CA VAL A 185 16.72 28.15 -11.60
C VAL A 185 17.05 26.75 -11.12
N GLY A 186 18.12 26.20 -11.69
CA GLY A 186 18.59 24.88 -11.31
C GLY A 186 17.88 23.77 -12.07
N THR A 187 18.38 22.55 -11.87
CA THR A 187 17.79 21.39 -12.52
C THR A 187 16.37 21.15 -12.04
N ILE A 188 16.12 21.32 -10.74
CA ILE A 188 14.82 21.04 -10.14
C ILE A 188 14.11 22.36 -9.88
N LEU A 189 12.90 22.50 -10.41
CA LEU A 189 12.11 23.72 -10.29
C LEU A 189 11.15 23.58 -9.13
N TRP A 190 11.00 24.65 -8.35
CA TRP A 190 10.05 24.72 -7.25
C TRP A 190 9.06 25.82 -7.59
N LEU A 191 7.80 25.44 -7.86
CA LEU A 191 6.80 26.43 -8.23
C LEU A 191 6.33 27.25 -7.03
N GLY A 192 6.41 26.69 -5.83
CA GLY A 192 6.09 27.42 -4.63
C GLY A 192 4.61 27.70 -4.48
N PRO A 193 4.19 28.06 -3.27
CA PRO A 193 2.77 28.25 -3.00
C PRO A 193 2.32 29.70 -3.19
N ILE A 194 1.01 29.87 -3.25
CA ILE A 194 0.38 31.19 -3.24
C ILE A 194 0.13 31.51 -1.77
N PHE A 195 1.03 32.28 -1.16
CA PHE A 195 0.90 32.59 0.26
C PHE A 195 -0.24 33.57 0.50
N GLN A 196 -1.43 33.06 0.77
CA GLN A 196 -2.56 33.91 1.09
C GLN A 196 -2.64 34.09 2.60
N PRO A 197 -2.47 35.31 3.12
CA PRO A 197 -2.49 35.49 4.58
C PRO A 197 -3.84 35.13 5.18
N GLN A 198 -3.78 34.59 6.41
CA GLN A 198 -4.93 34.22 7.24
C GLN A 198 -5.70 33.02 6.70
N ILE A 199 -5.33 32.48 5.54
CA ILE A 199 -5.96 31.30 4.97
C ILE A 199 -4.97 30.16 4.83
N THR A 200 -3.81 30.43 4.26
CA THR A 200 -2.72 29.47 4.15
C THR A 200 -1.54 29.95 4.97
N GLY A 201 -0.57 29.04 5.15
CA GLY A 201 0.61 29.39 5.92
C GLY A 201 1.43 30.45 5.22
N CYS A 202 2.15 31.24 6.02
CA CYS A 202 3.02 32.27 5.49
C CYS A 202 4.35 31.63 5.08
N TRP A 203 5.35 32.47 4.79
CA TRP A 203 6.62 31.93 4.31
C TRP A 203 7.31 31.08 5.36
N GLU A 204 7.39 31.56 6.61
CA GLU A 204 8.20 30.85 7.58
C GLU A 204 7.55 29.58 8.09
N CYS A 205 6.24 29.40 7.87
CA CYS A 205 5.64 28.08 8.06
C CYS A 205 6.32 27.06 7.17
N LEU A 206 6.66 27.46 5.95
CA LEU A 206 7.47 26.62 5.07
C LEU A 206 8.93 26.61 5.48
N ALA A 207 9.44 27.76 5.92
CA ALA A 207 10.87 27.92 6.15
C ALA A 207 11.35 27.08 7.32
N GLN A 208 10.56 26.99 8.39
CA GLN A 208 10.98 26.20 9.54
C GLN A 208 11.09 24.73 9.18
N ARG A 209 10.10 24.20 8.46
CA ARG A 209 10.14 22.80 8.07
C ARG A 209 11.23 22.54 7.04
N LEU A 210 11.52 23.51 6.18
CA LEU A 210 12.67 23.37 5.28
C LEU A 210 13.97 23.33 6.06
N ARG A 211 14.10 24.21 7.06
CA ARG A 211 15.32 24.23 7.87
C ARG A 211 15.51 22.92 8.60
N VAL A 212 14.44 22.36 9.16
CA VAL A 212 14.52 21.07 9.83
C VAL A 212 14.88 19.97 8.84
N ASN A 213 14.24 19.99 7.66
CA ASN A 213 14.47 18.93 6.68
C ASN A 213 15.81 19.04 5.98
N ARG A 214 16.39 20.24 5.92
CA ARG A 214 17.66 20.47 5.23
C ARG A 214 18.84 20.49 6.18
N GLU A 215 18.80 19.68 7.25
CA GLU A 215 19.93 19.60 8.17
C GLU A 215 20.98 18.61 7.74
N VAL A 216 20.76 17.88 6.64
CA VAL A 216 21.78 16.97 6.11
C VAL A 216 22.75 17.75 5.23
N GLU A 217 24.02 17.38 5.29
CA GLU A 217 25.08 18.01 4.51
C GLU A 217 25.11 19.52 4.68
N LEU A 267 15.59 27.93 -19.44
CA LEU A 267 14.65 27.91 -18.34
C LEU A 267 13.26 28.38 -18.77
N GLN A 268 13.00 28.29 -20.08
CA GLN A 268 11.70 28.70 -20.61
C GLN A 268 10.57 27.87 -20.04
N THR A 269 10.84 26.61 -19.72
CA THR A 269 9.81 25.76 -19.12
C THR A 269 9.36 26.32 -17.78
N ALA A 270 10.30 26.82 -16.97
CA ALA A 270 9.94 27.44 -15.70
C ALA A 270 9.04 28.65 -15.91
N LEU A 271 9.39 29.49 -16.89
CA LEU A 271 8.59 30.68 -17.16
C LEU A 271 7.19 30.30 -17.60
N HIS A 272 7.06 29.28 -18.45
CA HIS A 272 5.75 28.91 -18.95
C HIS A 272 4.89 28.27 -17.88
N LEU A 273 5.48 27.42 -17.03
CA LEU A 273 4.72 26.85 -15.93
C LEU A 273 4.30 27.95 -14.93
N ALA A 274 5.18 28.90 -14.66
CA ALA A 274 4.83 30.01 -13.80
C ALA A 274 3.69 30.83 -14.38
N THR A 275 3.73 31.09 -15.69
CA THR A 275 2.66 31.82 -16.34
C THR A 275 1.34 31.06 -16.24
N THR A 276 1.38 29.75 -16.44
CA THR A 276 0.16 28.94 -16.33
C THR A 276 -0.41 29.01 -14.92
N GLU A 277 0.45 28.88 -13.90
CA GLU A 277 -0.03 28.93 -12.53
C GLU A 277 -0.60 30.31 -12.17
N ILE A 278 0.07 31.37 -12.61
CA ILE A 278 -0.42 32.72 -12.34
C ILE A 278 -1.77 32.94 -13.02
N ALA A 279 -1.91 32.49 -14.27
CA ALA A 279 -3.17 32.65 -14.97
C ALA A 279 -4.28 31.86 -14.30
N LYS A 280 -3.95 30.65 -13.82
CA LYS A 280 -4.96 29.84 -13.12
C LYS A 280 -5.42 30.54 -11.85
N TRP A 281 -4.47 31.11 -11.09
CA TRP A 281 -4.87 31.86 -9.90
C TRP A 281 -5.72 33.07 -10.26
N ILE A 282 -5.35 33.77 -11.34
CA ILE A 282 -6.09 34.97 -11.73
C ILE A 282 -7.52 34.63 -12.10
N VAL A 283 -7.71 33.58 -12.92
CA VAL A 283 -9.06 33.22 -13.34
C VAL A 283 -9.86 32.65 -12.17
N LYS A 284 -9.21 31.90 -11.28
CA LYS A 284 -9.89 31.40 -10.09
C LYS A 284 -10.32 32.55 -9.19
N GLN A 285 -9.44 33.54 -9.01
CA GLN A 285 -9.78 34.68 -8.17
C GLN A 285 -10.85 35.55 -8.80
N GLY A 286 -10.87 35.66 -10.13
CA GLY A 286 -11.77 36.56 -10.81
C GLY A 286 -13.24 36.24 -10.67
N VAL A 287 -13.68 35.12 -11.23
CA VAL A 287 -15.09 34.76 -11.28
C VAL A 287 -15.39 33.50 -10.50
N GLU A 288 -14.52 32.49 -10.59
CA GLU A 288 -14.76 31.18 -9.99
C GLU A 288 -16.12 30.61 -10.44
N ASP A 289 -16.35 30.68 -11.75
CA ASP A 289 -17.58 30.15 -12.30
C ASP A 289 -17.66 28.64 -12.14
N THR A 290 -16.54 27.94 -12.32
CA THR A 290 -16.47 26.50 -12.18
C THR A 290 -15.74 26.15 -10.90
N THR A 291 -16.27 25.16 -10.17
CA THR A 291 -15.66 24.75 -8.91
C THR A 291 -14.22 24.23 -9.05
N PRO A 292 -13.87 23.35 -10.02
CA PRO A 292 -12.52 22.78 -10.02
C PRO A 292 -11.50 23.78 -10.53
N PHE A 293 -10.71 24.33 -9.61
CA PHE A 293 -9.61 25.24 -9.94
C PHE A 293 -8.40 24.89 -9.08
N PRO A 294 -7.67 23.83 -9.44
CA PRO A 294 -6.52 23.43 -8.63
C PRO A 294 -5.36 24.42 -8.74
N THR A 295 -5.50 25.58 -8.11
CA THR A 295 -4.43 26.55 -8.08
C THR A 295 -3.32 26.10 -7.12
N LEU A 296 -2.20 26.82 -7.15
CA LEU A 296 -1.06 26.51 -6.31
C LEU A 296 -1.18 27.13 -4.91
N GLU A 297 -2.38 27.46 -4.47
CA GLU A 297 -2.58 28.09 -3.17
C GLU A 297 -2.19 27.12 -2.05
N GLY A 298 -1.16 27.47 -1.29
CA GLY A 298 -0.69 26.61 -0.22
C GLY A 298 -0.22 25.26 -0.71
N LYS A 299 0.56 25.23 -1.79
CA LYS A 299 0.96 23.98 -2.41
C LYS A 299 2.20 24.22 -3.26
N VAL A 300 3.24 23.42 -3.04
CA VAL A 300 4.51 23.54 -3.74
C VAL A 300 4.59 22.43 -4.78
N ILE A 301 4.87 22.81 -6.02
CA ILE A 301 5.04 21.85 -7.11
C ILE A 301 6.52 21.75 -7.44
N THR A 302 7.08 20.57 -7.26
CA THR A 302 8.50 20.31 -7.51
C THR A 302 8.63 19.49 -8.78
N PHE A 303 9.24 20.09 -9.81
CA PHE A 303 9.34 19.47 -11.13
C PHE A 303 10.81 19.27 -11.48
N ASP A 304 11.22 18.02 -11.69
CA ASP A 304 12.58 17.70 -12.09
C ASP A 304 12.58 17.37 -13.58
N GLN A 305 13.27 18.20 -14.36
CA GLN A 305 13.31 18.06 -15.80
C GLN A 305 14.25 16.94 -16.25
N ARG A 306 15.27 16.63 -15.45
CA ARG A 306 16.25 15.63 -15.86
C ARG A 306 15.58 14.28 -16.07
N ASN A 307 14.81 13.81 -15.10
CA ASN A 307 14.01 12.60 -15.26
C ASN A 307 12.53 12.90 -15.43
N LEU A 308 12.14 14.17 -15.47
CA LEU A 308 10.77 14.60 -15.76
C LEU A 308 9.76 13.96 -14.81
N ASP A 309 9.88 14.32 -13.53
CA ASP A 309 8.90 13.88 -12.55
C ASP A 309 8.40 15.07 -11.74
N LEU A 310 7.13 15.03 -11.39
CA LEU A 310 6.47 16.12 -10.68
C LEU A 310 5.91 15.62 -9.35
N GLN A 311 6.16 16.38 -8.30
CA GLN A 311 5.71 16.04 -6.96
C GLN A 311 4.97 17.23 -6.36
N THR A 312 4.02 16.92 -5.48
CA THR A 312 3.19 17.92 -4.83
C THR A 312 3.40 17.87 -3.33
N HIS A 313 3.70 19.03 -2.73
CA HIS A 313 3.89 19.16 -1.30
C HIS A 313 2.83 20.11 -0.74
N ILE A 314 2.11 19.67 0.28
CA ILE A 314 1.02 20.45 0.84
C ILE A 314 1.57 21.26 2.01
N LEU A 315 1.69 22.57 1.81
CA LEU A 315 2.11 23.45 2.90
C LEU A 315 1.02 23.49 3.97
N SER A 316 1.44 23.39 5.22
CA SER A 316 0.51 23.29 6.35
C SER A 316 0.62 24.55 7.20
N LEU A 317 -0.51 25.21 7.43
CA LEU A 317 -0.56 26.36 8.32
C LEU A 317 -0.22 25.94 9.75
N ARG A 318 0.66 26.70 10.39
CA ARG A 318 1.08 26.39 11.75
C ARG A 318 0.49 27.40 12.72
N PRO A 319 -0.43 26.99 13.60
CA PRO A 319 -1.01 27.96 14.55
C PRO A 319 0.00 28.55 15.51
N GLN A 320 1.16 27.92 15.70
CA GLN A 320 2.19 28.40 16.59
C GLN A 320 3.27 29.19 15.86
N CYS A 321 3.03 29.56 14.61
CA CYS A 321 4.03 30.30 13.85
C CYS A 321 4.26 31.68 14.46
N PRO A 322 5.50 32.12 14.58
CA PRO A 322 5.77 33.42 15.23
C PRO A 322 5.08 34.61 14.57
N SER A 323 4.98 34.63 13.24
CA SER A 323 4.47 35.82 12.57
C SER A 323 2.97 35.75 12.31
N CYS A 324 2.53 34.76 11.54
CA CYS A 324 1.11 34.69 11.18
C CYS A 324 0.26 34.17 12.33
N GLY A 325 0.78 33.22 13.10
CA GLY A 325 0.05 32.59 14.17
C GLY A 325 0.38 33.15 15.53
N ASN A 326 0.05 32.38 16.57
CA ASN A 326 0.32 32.77 17.94
C ASN A 326 1.52 31.97 18.45
N PRO A 327 2.67 32.60 18.68
CA PRO A 327 3.86 31.84 19.08
C PRO A 327 3.86 31.39 20.53
N ASN A 328 2.83 31.74 21.30
CA ASN A 328 2.76 31.39 22.71
C ASN A 328 1.84 30.21 22.97
N LEU A 329 1.26 29.62 21.92
CA LEU A 329 0.14 28.70 22.10
C LEU A 329 0.48 27.55 23.04
N LEU A 330 1.69 26.99 22.90
CA LEU A 330 2.10 25.90 23.79
C LEU A 330 2.17 26.36 25.24
N THR A 331 2.48 27.64 25.47
CA THR A 331 2.57 28.13 26.85
C THR A 331 1.20 28.13 27.53
N GLU A 332 0.16 28.63 26.87
CA GLU A 332 -1.16 28.55 27.47
C GLU A 332 -1.65 27.10 27.54
N ARG A 333 -1.30 26.29 26.54
CA ARG A 333 -1.75 24.89 26.56
C ARG A 333 -1.16 24.14 27.75
N ALA A 334 0.12 24.37 28.04
CA ALA A 334 0.77 23.66 29.14
C ALA A 334 0.25 24.13 30.50
N PHE A 335 0.04 25.43 30.65
CA PHE A 335 -0.36 25.96 31.96
C PHE A 335 -1.78 25.56 32.33
N GLN A 336 -2.65 25.38 31.34
CA GLN A 336 -4.00 24.94 31.63
C GLN A 336 -3.98 23.50 32.16
N PRO A 337 -4.83 23.19 33.14
CA PRO A 337 -4.87 21.82 33.66
C PRO A 337 -5.24 20.82 32.57
N LEU A 338 -4.60 19.65 32.62
CA LEU A 338 -4.85 18.61 31.64
C LEU A 338 -6.14 17.88 31.98
N VAL A 339 -7.02 17.73 30.99
CA VAL A 339 -8.29 17.06 31.15
C VAL A 339 -8.38 15.93 30.14
N LEU A 340 -8.78 14.75 30.61
CA LEU A 340 -8.91 13.57 29.76
C LEU A 340 -10.39 13.26 29.55
N SER A 341 -10.78 13.10 28.29
CA SER A 341 -12.17 12.85 27.93
C SER A 341 -12.35 11.39 27.55
N SER A 342 -13.45 10.80 28.03
CA SER A 342 -13.73 9.41 27.74
C SER A 342 -14.05 9.23 26.26
N ARG A 343 -13.49 8.17 25.66
CA ARG A 343 -13.73 7.87 24.25
C ARG A 343 -13.69 6.35 24.10
N LYS A 344 -14.87 5.73 24.03
CA LYS A 344 -14.95 4.28 23.93
C LYS A 344 -14.37 3.80 22.60
N LYS A 345 -13.60 2.71 22.67
CA LYS A 345 -13.02 2.13 21.46
C LYS A 345 -14.12 1.55 20.57
N GLN A 346 -13.91 1.66 19.26
CA GLN A 346 -14.87 1.17 18.28
C GLN A 346 -14.40 -0.06 17.53
N PHE A 347 -13.10 -0.22 17.32
CA PHE A 347 -12.55 -1.37 16.60
C PHE A 347 -11.23 -1.78 17.25
N THR A 348 -11.16 -3.03 17.69
CA THR A 348 -9.96 -3.61 18.29
C THR A 348 -9.68 -4.96 17.65
N SER A 349 -9.71 -5.00 16.32
CA SER A 349 -9.54 -6.26 15.60
C SER A 349 -8.14 -6.83 15.79
N ASP A 350 -7.12 -6.09 15.38
CA ASP A 350 -5.75 -6.56 15.46
C ASP A 350 -4.83 -5.40 15.80
N GLY A 351 -3.63 -5.74 16.26
CA GLY A 351 -2.62 -4.76 16.64
C GLY A 351 -2.65 -4.36 18.10
N GLY A 352 -3.83 -4.30 18.69
CA GLY A 352 -4.00 -3.93 20.08
C GLY A 352 -5.21 -3.04 20.24
N HIS A 353 -5.25 -2.35 21.38
CA HIS A 353 -6.35 -1.42 21.68
C HIS A 353 -6.01 -0.05 21.08
N ARG A 354 -6.15 0.02 19.76
CA ARG A 354 -5.85 1.24 19.00
C ARG A 354 -7.13 1.75 18.34
N ALA A 355 -7.22 3.07 18.22
CA ALA A 355 -8.41 3.68 17.62
C ALA A 355 -8.55 3.30 16.15
N PHE A 356 -7.44 3.28 15.41
CA PHE A 356 -7.48 2.97 13.99
C PHE A 356 -6.17 2.34 13.57
N SER A 357 -6.20 1.65 12.44
CA SER A 357 -5.01 1.03 11.89
C SER A 357 -4.04 2.09 11.40
N PRO A 358 -2.74 1.78 11.35
CA PRO A 358 -1.76 2.76 10.86
C PRO A 358 -2.00 3.19 9.42
N ASP A 359 -2.65 2.36 8.61
CA ASP A 359 -2.98 2.75 7.24
C ASP A 359 -3.92 3.95 7.22
N GLN A 360 -4.91 3.96 8.10
CA GLN A 360 -5.82 5.10 8.19
C GLN A 360 -5.09 6.36 8.64
N THR A 361 -4.17 6.22 9.61
CA THR A 361 -3.40 7.36 10.06
C THR A 361 -2.53 7.92 8.94
N VAL A 362 -1.90 7.05 8.16
CA VAL A 362 -1.08 7.50 7.05
C VAL A 362 -1.94 8.18 5.99
N ASN A 363 -3.12 7.62 5.71
CA ASN A 363 -4.02 8.25 4.74
C ASN A 363 -4.47 9.62 5.21
N ARG A 364 -4.65 9.78 6.52
CA ARG A 364 -5.10 11.06 7.05
C ARG A 364 -3.96 12.09 7.06
N TYR A 365 -2.74 11.65 7.35
CA TYR A 365 -1.61 12.56 7.56
C TYR A 365 -0.57 12.47 6.44
N GLN A 366 -0.96 12.02 5.25
CA GLN A 366 -0.05 12.04 4.12
C GLN A 366 0.42 13.45 3.77
N HIS A 367 -0.30 14.49 4.19
CA HIS A 367 0.16 15.86 3.94
C HIS A 367 1.41 16.21 4.72
N LEU A 368 1.78 15.42 5.72
CA LEU A 368 3.03 15.60 6.45
C LEU A 368 4.18 14.78 5.90
N ILE A 369 3.93 13.98 4.86
CA ILE A 369 4.96 13.11 4.28
C ILE A 369 5.52 13.85 3.06
N SER A 370 6.61 14.58 3.28
CA SER A 370 7.24 15.35 2.22
C SER A 370 8.65 15.76 2.64
N PRO A 371 9.60 15.84 1.72
CA PRO A 371 10.95 16.31 2.06
C PRO A 371 11.13 17.82 1.99
N ILE A 372 10.08 18.56 1.65
CA ILE A 372 10.14 20.02 1.56
C ILE A 372 9.35 20.67 2.68
N THR A 373 8.05 20.40 2.76
CA THR A 373 7.19 20.97 3.78
C THR A 373 6.63 19.92 4.73
N GLY A 374 7.23 18.74 4.77
CA GLY A 374 6.77 17.67 5.62
C GLY A 374 7.69 17.43 6.81
N VAL A 375 7.19 16.63 7.74
CA VAL A 375 7.98 16.26 8.92
C VAL A 375 8.67 14.92 8.76
N VAL A 376 8.22 14.08 7.84
CA VAL A 376 8.84 12.78 7.56
C VAL A 376 9.04 12.66 6.06
N THR A 377 10.20 12.12 5.66
CA THR A 377 10.53 12.00 4.26
C THR A 377 10.11 10.67 3.64
N SER A 378 9.95 9.63 4.45
CA SER A 378 9.57 8.31 3.98
C SER A 378 10.54 7.80 2.91
N LEU A 379 10.16 7.96 1.64
CA LEU A 379 10.98 7.57 0.49
C LEU A 379 11.26 6.07 0.49
N VAL A 380 12.02 5.59 1.47
CA VAL A 380 12.33 4.17 1.56
C VAL A 380 11.05 3.37 1.79
N ARG A 381 10.22 3.83 2.72
CA ARG A 381 8.93 3.20 3.06
C ARG A 381 9.21 1.75 3.48
N ALA A 382 8.61 0.75 2.85
CA ALA A 382 8.81 -0.63 3.25
C ALA A 382 10.21 -1.08 2.86
N SER A 383 11.06 -1.29 3.88
CA SER A 383 12.42 -1.74 3.65
C SER A 383 12.62 -3.22 3.94
N ASP A 384 11.77 -3.82 4.76
CA ASP A 384 11.88 -5.23 5.06
C ASP A 384 11.52 -6.07 3.84
N PRO A 385 12.04 -7.30 3.76
CA PRO A 385 11.73 -8.16 2.61
C PRO A 385 10.24 -8.45 2.51
N ASN A 386 9.74 -8.51 1.28
CA ASN A 386 8.32 -8.77 1.03
C ASN A 386 7.99 -10.26 1.06
N ASP A 387 8.99 -11.14 1.15
CA ASP A 387 8.72 -12.57 1.20
C ASP A 387 7.93 -12.94 2.45
N SER A 388 8.29 -12.37 3.59
CA SER A 388 7.56 -12.62 4.83
C SER A 388 6.18 -12.00 4.78
N LEU A 389 5.18 -12.73 5.28
CA LEU A 389 3.80 -12.30 5.25
C LEU A 389 3.18 -12.13 6.64
N ASN A 390 3.49 -13.03 7.56
CA ASN A 390 2.89 -12.98 8.90
C ASN A 390 3.40 -11.81 9.73
N HIS A 391 4.46 -11.14 9.29
CA HIS A 391 5.01 -10.00 10.02
C HIS A 391 5.63 -9.03 9.02
N THR A 392 5.70 -7.76 9.41
CA THR A 392 6.24 -6.74 8.53
C THR A 392 6.89 -5.64 9.35
N TYR A 393 7.77 -4.89 8.71
CA TYR A 393 8.47 -3.78 9.32
C TYR A 393 8.70 -2.70 8.28
N ASN A 394 8.61 -1.44 8.71
CA ASN A 394 8.81 -0.29 7.85
C ASN A 394 9.84 0.64 8.46
N ALA A 395 10.64 1.27 7.60
CA ALA A 395 11.69 2.18 8.03
C ALA A 395 11.63 3.46 7.21
N VAL A 396 11.73 4.60 7.89
CA VAL A 396 11.80 5.90 7.25
C VAL A 396 12.95 6.68 7.86
N HIS A 397 13.42 7.69 7.15
CA HIS A 397 14.53 8.52 7.58
C HIS A 397 14.04 9.93 7.87
N SER A 398 14.35 10.43 9.05
CA SER A 398 13.96 11.77 9.47
C SER A 398 15.03 12.31 10.42
N PHE A 399 14.71 13.37 11.15
CA PHE A 399 15.64 14.01 12.06
C PHE A 399 15.13 13.89 13.49
N VAL A 400 15.99 13.46 14.40
CA VAL A 400 15.64 13.26 15.80
C VAL A 400 16.48 14.12 16.73
N ILE A 401 17.78 14.24 16.50
CA ILE A 401 18.68 14.98 17.38
C ILE A 401 19.46 15.97 16.54
N ALA A 402 19.54 17.21 17.01
CA ALA A 402 20.32 18.25 16.35
C ALA A 402 21.76 18.14 16.85
N SER A 403 22.60 17.48 16.08
CA SER A 403 23.99 17.23 16.44
C SER A 403 24.92 18.17 15.69
N ASN A 404 26.15 18.28 16.19
CA ASN A 404 27.17 19.14 15.59
C ASN A 404 28.52 18.47 15.40
N ILE A 405 28.80 17.36 16.10
CA ILE A 405 30.08 16.69 15.95
C ILE A 405 30.20 16.09 14.57
N GLY A 406 31.42 16.10 14.01
CA GLY A 406 31.62 15.57 12.68
C GLY A 406 31.31 14.09 12.58
N ARG A 407 31.68 13.31 13.61
CA ARG A 407 31.35 11.90 13.64
C ARG A 407 29.85 11.65 13.72
N MET A 408 29.07 12.64 14.15
CA MET A 408 27.63 12.52 14.25
C MET A 408 26.88 13.34 13.21
N ARG A 409 27.56 14.24 12.50
CA ARG A 409 26.87 15.13 11.56
C ARG A 409 26.42 14.37 10.32
N ARG A 410 27.28 13.56 9.73
CA ARG A 410 26.97 12.94 8.46
C ARG A 410 27.14 11.42 8.45
N TYR A 411 28.16 10.90 9.15
CA TYR A 411 28.48 9.49 9.02
C TYR A 411 27.42 8.61 9.68
N LEU A 412 26.95 8.97 10.86
CA LEU A 412 26.02 8.14 11.61
C LEU A 412 24.59 8.66 11.63
N LYS A 413 24.40 9.98 11.51
CA LYS A 413 23.05 10.54 11.55
C LYS A 413 22.21 10.06 10.38
N HIS A 414 22.81 9.92 9.20
CA HIS A 414 22.08 9.47 8.03
C HIS A 414 21.62 8.02 8.20
N LYS A 415 20.59 7.66 7.44
CA LYS A 415 19.96 6.34 7.53
C LYS A 415 19.43 6.07 8.94
N SER A 416 18.85 7.10 9.56
CA SER A 416 18.23 6.96 10.87
C SER A 416 16.85 6.34 10.67
N SER A 417 16.68 5.10 11.09
CA SER A 417 15.48 4.33 10.80
C SER A 417 14.45 4.51 11.91
N GLY A 418 13.32 5.12 11.56
CA GLY A 418 12.17 5.16 12.45
C GLY A 418 11.39 3.87 12.34
N LYS A 419 11.94 2.80 12.91
CA LYS A 419 11.41 1.46 12.68
C LYS A 419 10.01 1.30 13.27
N GLY A 420 9.12 0.71 12.48
CA GLY A 420 7.83 0.28 12.96
C GLY A 420 7.55 -1.15 12.56
N LYS A 421 7.42 -2.05 13.52
CA LYS A 421 7.27 -3.48 13.25
C LYS A 421 5.92 -3.94 13.78
N THR A 422 5.15 -4.62 12.94
CA THR A 422 3.86 -5.15 13.35
C THR A 422 3.60 -6.45 12.60
N ASP A 423 3.00 -7.41 13.30
CA ASP A 423 2.60 -8.66 12.65
C ASP A 423 1.52 -8.42 11.60
N SER A 424 0.58 -7.54 11.89
CA SER A 424 -0.49 -7.24 10.95
C SER A 424 0.06 -6.47 9.75
N GLN A 425 -0.72 -6.46 8.67
CA GLN A 425 -0.39 -5.79 7.42
C GLN A 425 0.85 -6.40 6.77
N SER A 426 1.22 -5.88 5.60
CA SER A 426 2.36 -6.41 4.85
C SER A 426 3.47 -5.40 4.62
N LYS A 427 3.23 -4.11 4.87
CA LYS A 427 4.25 -3.09 4.67
C LYS A 427 4.54 -2.26 5.92
N ALA A 428 3.73 -2.39 6.98
CA ALA A 428 3.89 -1.63 8.21
C ALA A 428 3.84 -0.13 7.96
N SER A 429 4.12 0.67 8.98
CA SER A 429 4.07 2.12 8.86
C SER A 429 5.42 2.78 9.11
N GLY A 430 6.04 2.53 10.25
CA GLY A 430 7.25 3.24 10.61
C GLY A 430 7.06 4.73 10.72
N PHE A 431 5.83 5.18 10.97
CA PHE A 431 5.45 6.58 10.92
C PHE A 431 5.25 7.19 12.31
N CYS A 432 4.69 6.42 13.24
CA CYS A 432 4.46 6.94 14.58
C CYS A 432 5.77 7.26 15.30
N GLU A 433 6.79 6.41 15.13
CA GLU A 433 8.08 6.68 15.75
C GLU A 433 8.69 7.95 15.19
N ALA A 434 8.61 8.14 13.87
CA ALA A 434 9.12 9.38 13.27
C ALA A 434 8.35 10.59 13.78
N ILE A 435 7.04 10.47 13.92
CA ILE A 435 6.24 11.59 14.42
C ILE A 435 6.65 11.95 15.85
N GLU A 436 6.81 10.94 16.71
CA GLU A 436 7.20 11.23 18.08
C GLU A 436 8.60 11.81 18.16
N ARG A 437 9.52 11.33 17.32
CA ARG A 437 10.86 11.87 17.32
C ARG A 437 10.88 13.31 16.87
N TYR A 438 10.08 13.64 15.84
CA TYR A 438 9.98 15.02 15.40
C TYR A 438 9.36 15.90 16.47
N SER A 439 8.30 15.42 17.12
CA SER A 439 7.64 16.21 18.15
C SER A 439 8.52 16.41 19.38
N GLY A 440 9.46 15.52 19.63
CA GLY A 440 10.36 15.68 20.74
C GLY A 440 11.52 16.63 20.52
N VAL A 441 11.64 17.20 19.31
CA VAL A 441 12.76 18.07 18.99
C VAL A 441 12.50 19.46 19.56
N TYR A 442 13.53 20.04 20.19
CA TYR A 442 13.42 21.39 20.73
C TYR A 442 13.40 22.41 19.59
N GLN A 443 12.47 23.36 19.67
CA GLN A 443 12.33 24.39 18.66
C GLN A 443 12.31 25.81 19.23
N GLY A 444 12.32 25.96 20.55
CA GLY A 444 12.25 27.26 21.19
C GLY A 444 10.85 27.70 21.58
N ASP A 445 9.82 27.08 21.01
CA ASP A 445 8.44 27.38 21.35
C ASP A 445 8.01 26.69 22.64
N GLU A 446 8.76 25.68 23.09
CA GLU A 446 8.35 24.85 24.21
C GLU A 446 8.27 25.67 25.49
N PRO A 447 7.30 25.37 26.35
CA PRO A 447 7.15 26.14 27.59
C PRO A 447 8.25 25.81 28.60
N ARG A 448 8.75 26.85 29.26
CA ARG A 448 9.79 26.68 30.25
C ARG A 448 9.87 27.93 31.12
N ILE A 449 10.27 27.74 32.36
CA ILE A 449 10.49 28.83 33.31
C ILE A 449 11.91 28.73 33.85
N SER A 450 12.62 29.84 33.87
CA SER A 450 14.02 29.85 34.29
C SER A 450 14.08 30.07 35.80
N ALA A 451 14.57 29.07 36.52
CA ALA A 451 14.63 29.12 37.98
C ALA A 451 15.59 28.05 38.47
N THR A 452 15.66 27.87 39.79
CA THR A 452 16.45 26.82 40.40
C THR A 452 15.53 25.93 41.24
N LEU A 453 16.11 24.86 41.78
CA LEU A 453 15.34 23.94 42.62
C LEU A 453 14.92 24.60 43.93
N ALA A 454 15.74 25.51 44.47
CA ALA A 454 15.47 26.07 45.79
C ALA A 454 14.17 26.85 45.82
N GLU A 455 14.00 27.80 44.90
CA GLU A 455 12.78 28.59 44.89
C GLU A 455 11.60 27.81 44.33
N LEU A 456 11.84 26.80 43.50
CA LEU A 456 10.75 25.98 43.00
C LEU A 456 10.17 25.10 44.10
N GLY A 457 11.01 24.66 45.05
CA GLY A 457 10.49 23.91 46.18
C GLY A 457 10.03 22.52 45.80
N GLU A 458 9.00 22.05 46.52
CA GLU A 458 8.47 20.71 46.29
C GLU A 458 7.77 20.58 44.94
N LYS A 459 7.43 21.68 44.30
CA LYS A 459 6.77 21.61 43.00
C LYS A 459 7.68 21.06 41.91
N ALA A 460 8.99 21.13 42.10
CA ALA A 460 9.95 20.64 41.12
C ALA A 460 10.40 19.23 41.47
N ILE A 461 10.98 18.56 40.48
CA ILE A 461 11.49 17.20 40.63
C ILE A 461 12.99 17.22 40.34
N HIS A 462 13.77 16.68 41.28
CA HIS A 462 15.22 16.68 41.12
C HIS A 462 15.59 15.84 39.91
N PRO A 463 16.55 16.30 39.08
CA PRO A 463 16.96 15.50 37.91
C PRO A 463 17.50 14.13 38.27
N ALA A 464 18.17 14.00 39.40
CA ALA A 464 18.66 12.69 39.83
C ALA A 464 17.53 11.74 40.18
N ARG A 465 16.35 12.27 40.52
CA ARG A 465 15.20 11.43 40.76
C ARG A 465 14.65 10.79 39.49
N CYS A 466 15.07 11.27 38.32
CA CYS A 466 14.67 10.71 37.04
C CYS A 466 15.79 9.98 36.32
N SER A 467 17.00 10.57 36.28
CA SER A 467 18.13 9.89 35.65
C SER A 467 18.51 8.63 36.42
N LEU A 468 18.51 8.70 37.76
CA LEU A 468 18.79 7.56 38.63
C LEU A 468 20.17 6.97 38.36
N PHE A 469 21.19 7.78 38.62
CA PHE A 469 22.59 7.35 38.53
C PHE A 469 23.18 7.28 39.92
N SER A 470 24.01 6.28 40.16
CA SER A 470 24.62 6.10 41.47
C SER A 470 25.74 7.12 41.69
N SER A 471 25.99 7.43 42.96
CA SER A 471 27.11 8.29 43.31
C SER A 471 28.43 7.63 42.95
N GLU A 472 28.54 6.32 43.17
CA GLU A 472 29.72 5.59 42.71
C GLU A 472 29.82 5.62 41.19
N GLN A 473 28.68 5.71 40.49
CA GLN A 473 28.69 5.85 39.05
C GLN A 473 29.09 7.25 38.60
N TYR A 474 28.99 8.24 39.49
CA TYR A 474 29.43 9.60 39.19
C TYR A 474 30.90 9.83 39.52
N GLU A 475 31.40 9.20 40.60
CA GLU A 475 32.78 9.41 40.99
C GLU A 475 33.76 8.86 39.94
N TYR A 476 33.38 7.78 39.26
CA TYR A 476 34.18 7.20 38.20
C TYR A 476 33.54 7.43 36.83
N ARG A 477 32.91 8.60 36.67
CA ARG A 477 32.17 8.88 35.44
C ARG A 477 33.10 8.90 34.23
N GLU A 478 34.29 9.47 34.38
CA GLU A 478 35.22 9.55 33.25
C GLU A 478 35.68 8.16 32.81
N GLU A 479 36.04 7.31 33.77
CA GLU A 479 36.50 5.96 33.42
C GLU A 479 35.39 5.16 32.75
N PHE A 480 34.16 5.28 33.25
CA PHE A 480 33.02 4.62 32.62
C PHE A 480 32.58 5.30 31.34
N ASN A 481 33.13 6.48 31.03
CA ASN A 481 32.81 7.17 29.79
C ASN A 481 33.80 6.86 28.68
N ARG A 482 35.07 6.58 29.00
CA ARG A 482 35.98 6.10 27.98
C ARG A 482 35.52 4.77 27.38
N ARG A 483 35.04 3.86 28.21
CA ARG A 483 34.57 2.56 27.74
C ARG A 483 33.04 2.53 27.78
N GLY A 484 32.43 2.12 26.68
CA GLY A 484 30.99 2.05 26.56
C GLY A 484 30.48 2.81 25.35
N GLY A 485 29.19 2.62 25.09
CA GLY A 485 28.55 3.23 23.95
C GLY A 485 28.06 4.65 24.24
N VAL A 486 27.52 5.28 23.19
CA VAL A 486 26.96 6.62 23.35
C VAL A 486 25.67 6.56 24.14
N PHE A 487 24.91 5.47 24.01
CA PHE A 487 23.60 5.39 24.66
C PHE A 487 23.71 5.46 26.18
N ASP A 488 24.69 4.75 26.76
CA ASP A 488 24.84 4.70 28.20
C ASP A 488 25.91 5.66 28.71
N TRP A 489 26.02 6.84 28.09
CA TRP A 489 26.92 7.86 28.59
C TRP A 489 26.44 8.39 29.93
N ILE A 490 27.38 8.69 30.82
CA ILE A 490 27.07 9.15 32.16
C ILE A 490 27.16 10.68 32.17
N PRO A 491 26.06 11.39 32.42
CA PRO A 491 26.11 12.85 32.44
C PRO A 491 26.76 13.35 33.72
N GLN A 492 27.07 14.65 33.71
CA GLN A 492 27.67 15.28 34.88
C GLN A 492 26.64 15.35 36.01
N PRO A 493 27.09 15.31 37.27
CA PRO A 493 26.16 15.43 38.39
C PRO A 493 25.42 16.76 38.36
N PHE A 494 24.14 16.71 38.73
CA PHE A 494 23.32 17.91 38.71
C PHE A 494 23.76 18.87 39.82
N ASP A 495 23.75 20.16 39.49
CA ASP A 495 24.09 21.21 40.44
C ASP A 495 22.82 22.01 40.74
N GLU A 496 22.47 22.09 42.02
CA GLU A 496 21.25 22.80 42.42
C GLU A 496 21.46 24.30 42.51
N THR A 497 22.71 24.79 42.51
CA THR A 497 22.95 26.22 42.58
C THR A 497 22.70 26.92 41.26
N LYS A 498 22.96 26.26 40.14
CA LYS A 498 22.81 26.88 38.83
C LYS A 498 21.34 27.05 38.47
N VAL A 499 21.09 27.98 37.55
CA VAL A 499 19.75 28.29 37.08
C VAL A 499 19.49 27.54 35.79
N ILE A 500 18.38 26.82 35.72
CA ILE A 500 18.00 26.05 34.55
C ILE A 500 16.54 26.30 34.23
N GLU A 501 16.12 25.79 33.08
CA GLU A 501 14.77 25.98 32.58
C GLU A 501 13.95 24.72 32.85
N TRP A 502 12.81 24.89 33.52
CA TRP A 502 11.94 23.80 33.90
C TRP A 502 10.66 23.86 33.08
N THR A 503 10.29 22.75 32.47
CA THR A 503 9.05 22.59 31.73
C THR A 503 7.96 22.07 32.66
N PRO A 504 6.78 22.70 32.67
CA PRO A 504 5.68 22.18 33.50
C PRO A 504 5.11 20.90 32.91
N VAL A 505 4.75 19.99 33.81
CA VAL A 505 4.14 18.71 33.45
C VAL A 505 2.96 18.47 34.40
N TRP A 506 2.04 17.62 33.94
CA TRP A 506 0.81 17.35 34.66
C TRP A 506 0.96 16.03 35.43
N SER A 507 1.07 16.12 36.76
CA SER A 507 1.12 14.94 37.60
C SER A 507 -0.32 14.48 37.85
N LEU A 508 -0.64 13.28 37.35
CA LEU A 508 -1.99 12.75 37.46
C LEU A 508 -2.27 12.23 38.87
N THR A 509 -1.26 11.66 39.54
CA THR A 509 -1.47 11.14 40.88
C THR A 509 -1.90 12.24 41.84
N GLU A 510 -1.22 13.38 41.80
CA GLU A 510 -1.61 14.54 42.60
C GLU A 510 -2.52 15.50 41.84
N GLN A 511 -2.76 15.26 40.55
CA GLN A 511 -3.62 16.10 39.73
C GLN A 511 -3.20 17.57 39.79
N THR A 512 -1.90 17.80 39.66
CA THR A 512 -1.38 19.16 39.77
C THR A 512 -0.25 19.34 38.75
N HIS A 513 0.51 20.42 38.90
CA HIS A 513 1.61 20.74 38.00
C HIS A 513 2.94 20.56 38.72
N LYS A 514 3.80 19.74 38.14
CA LYS A 514 5.19 19.60 38.58
C LYS A 514 6.10 20.21 37.52
N TYR A 515 7.40 20.26 37.82
CA TYR A 515 8.37 20.85 36.92
C TYR A 515 9.50 19.87 36.66
N ILE A 516 9.77 19.59 35.39
CA ILE A 516 10.85 18.67 35.01
C ILE A 516 11.87 19.46 34.21
N PRO A 517 13.17 19.24 34.37
CA PRO A 517 14.15 20.00 33.59
C PRO A 517 13.89 19.84 32.09
N THR A 518 13.97 20.96 31.37
CA THR A 518 13.63 20.96 29.96
C THR A 518 14.58 20.09 29.15
N ALA A 519 15.87 20.10 29.52
CA ALA A 519 16.85 19.29 28.80
C ALA A 519 16.52 17.82 28.86
N TYR A 520 15.79 17.38 29.89
CA TYR A 520 15.37 16.00 30.02
C TYR A 520 14.14 15.67 29.18
N CYS A 521 13.42 16.67 28.69
CA CYS A 521 12.16 16.45 27.98
C CYS A 521 12.29 16.51 26.47
N TYR A 522 13.12 17.40 25.93
CA TYR A 522 13.17 17.66 24.51
C TYR A 522 14.55 17.35 23.95
N TYR A 523 14.58 16.82 22.73
CA TYR A 523 15.83 16.50 22.05
C TYR A 523 16.52 17.79 21.59
N GLY A 524 17.85 17.74 21.56
CA GLY A 524 18.61 18.85 21.00
C GLY A 524 18.54 20.13 21.79
N TYR A 525 18.19 20.06 23.07
CA TYR A 525 18.14 21.26 23.88
C TYR A 525 19.56 21.78 24.10
N PRO A 526 19.82 23.07 23.85
CA PRO A 526 21.18 23.59 24.06
C PRO A 526 21.56 23.66 25.53
N LEU A 527 22.47 22.79 25.95
CA LEU A 527 22.92 22.75 27.32
C LEU A 527 24.32 23.34 27.45
N PRO A 528 24.62 24.02 28.56
CA PRO A 528 25.99 24.50 28.78
C PRO A 528 26.97 23.34 28.84
N GLU A 529 28.19 23.59 28.36
CA GLU A 529 29.20 22.54 28.34
C GLU A 529 29.59 22.09 29.73
N ASP A 530 29.50 22.99 30.72
CA ASP A 530 29.86 22.68 32.09
C ASP A 530 28.69 22.21 32.93
N HIS A 531 27.48 22.14 32.36
CA HIS A 531 26.30 21.72 33.11
C HIS A 531 25.45 20.77 32.27
N GLU A 532 26.09 19.83 31.59
CA GLU A 532 25.35 18.83 30.81
C GLU A 532 24.94 17.70 31.74
N PHE A 533 23.89 17.96 32.52
CA PHE A 533 23.48 17.04 33.57
C PHE A 533 22.56 15.93 33.09
N CYS A 534 22.03 16.02 31.88
CA CYS A 534 21.12 15.00 31.38
C CYS A 534 21.01 15.10 29.88
N ARG A 535 20.55 14.01 29.26
CA ARG A 535 20.27 13.94 27.84
C ARG A 535 18.91 13.30 27.63
N ALA A 536 18.08 13.94 26.80
CA ALA A 536 16.73 13.44 26.58
C ALA A 536 16.77 12.12 25.82
N ASN A 537 15.89 11.21 26.20
CA ASN A 537 15.76 9.90 25.55
C ASN A 537 14.29 9.67 25.21
N SER A 538 14.03 8.53 24.56
CA SER A 538 12.68 8.19 24.12
C SER A 538 11.88 7.44 25.17
N ASN A 539 12.44 7.23 26.36
CA ASN A 539 11.73 6.49 27.40
C ASN A 539 10.49 7.23 27.83
N GLY A 540 9.32 6.62 27.62
CA GLY A 540 8.05 7.19 27.98
C GLY A 540 7.34 7.92 26.86
N ASP A 541 8.06 8.29 25.80
CA ASP A 541 7.43 9.01 24.69
C ASP A 541 6.58 8.03 23.87
N ALA A 542 5.41 8.50 23.44
CA ALA A 542 4.50 7.65 22.70
C ALA A 542 3.56 8.52 21.87
N THR A 543 2.92 7.89 20.90
CA THR A 543 1.99 8.55 19.99
C THR A 543 0.60 7.96 20.13
N GLY A 544 -0.35 8.61 19.46
CA GLY A 544 -1.72 8.14 19.44
C GLY A 544 -2.67 9.14 18.80
N ASN A 545 -3.75 8.62 18.21
CA ASN A 545 -4.81 9.49 17.70
C ASN A 545 -5.50 10.26 18.81
N THR A 546 -5.48 9.75 20.03
CA THR A 546 -5.99 10.44 21.21
C THR A 546 -4.88 10.53 22.25
N LEU A 547 -4.97 11.55 23.09
CA LEU A 547 -3.94 11.77 24.11
C LEU A 547 -3.89 10.62 25.10
N GLU A 548 -5.06 10.09 25.48
CA GLU A 548 -5.10 9.02 26.47
C GLU A 548 -4.42 7.76 25.94
N GLU A 549 -4.60 7.45 24.66
CA GLU A 549 -3.91 6.29 24.08
C GLU A 549 -2.41 6.47 24.13
N ALA A 550 -1.92 7.68 23.85
CA ALA A 550 -0.49 7.95 23.96
C ALA A 550 -0.02 7.79 25.40
N ILE A 551 -0.84 8.21 26.37
CA ILE A 551 -0.47 8.04 27.77
C ILE A 551 -0.36 6.57 28.13
N ILE A 552 -1.31 5.75 27.66
CA ILE A 552 -1.26 4.31 27.92
C ILE A 552 0.00 3.71 27.30
N GLN A 553 0.30 4.07 26.05
CA GLN A 553 1.49 3.51 25.40
C GLN A 553 2.76 3.93 26.14
N GLY A 554 2.84 5.18 26.57
CA GLY A 554 4.02 5.63 27.30
C GLY A 554 4.17 4.93 28.64
N PHE A 555 3.07 4.76 29.38
CA PHE A 555 3.14 4.05 30.65
C PHE A 555 3.53 2.60 30.45
N PHE A 556 3.01 1.96 29.40
CA PHE A 556 3.41 0.59 29.11
C PHE A 556 4.89 0.50 28.79
N GLU A 557 5.41 1.47 28.03
CA GLU A 557 6.84 1.50 27.75
C GLU A 557 7.65 1.66 29.03
N ILE A 558 7.19 2.55 29.92
CA ILE A 558 7.92 2.81 31.15
C ILE A 558 7.98 1.56 32.02
N VAL A 559 6.83 0.91 32.23
CA VAL A 559 6.81 -0.28 33.07
C VAL A 559 7.55 -1.43 32.40
N GLU A 560 7.51 -1.50 31.07
CA GLU A 560 8.29 -2.48 30.34
C GLU A 560 9.77 -2.34 30.62
N ARG A 561 10.29 -1.11 30.49
CA ARG A 561 11.71 -0.89 30.72
C ARG A 561 12.08 -1.12 32.18
N ASP A 562 11.19 -0.73 33.11
CA ASP A 562 11.45 -1.00 34.52
C ASP A 562 11.59 -2.50 34.78
N SER A 563 10.62 -3.29 34.31
CA SER A 563 10.66 -4.73 34.57
C SER A 563 11.87 -5.37 33.88
N VAL A 564 12.19 -4.93 32.67
CA VAL A 564 13.33 -5.49 31.96
C VAL A 564 14.62 -5.19 32.70
N ALA A 565 14.78 -3.96 33.19
CA ALA A 565 15.97 -3.62 33.95
C ALA A 565 16.06 -4.43 35.23
N ILE A 566 14.95 -4.59 35.94
CA ILE A 566 14.96 -5.34 37.19
C ILE A 566 15.37 -6.78 36.93
N TRP A 567 14.81 -7.40 35.89
CA TRP A 567 15.17 -8.78 35.59
C TRP A 567 16.61 -8.90 35.13
N TRP A 568 17.06 -7.98 34.26
CA TRP A 568 18.37 -8.11 33.64
C TRP A 568 19.49 -7.89 34.65
N TYR A 569 19.41 -6.81 35.43
CA TYR A 569 20.55 -6.44 36.25
C TYR A 569 20.72 -7.34 37.48
N ASN A 570 19.66 -8.02 37.91
CA ASN A 570 19.77 -8.97 39.00
C ASN A 570 20.12 -10.38 38.52
N ARG A 571 20.15 -10.62 37.21
CA ARG A 571 20.42 -11.93 36.65
C ARG A 571 19.49 -12.99 37.23
N LEU A 572 18.21 -12.63 37.37
CA LEU A 572 17.23 -13.51 37.99
C LEU A 572 16.66 -14.47 36.96
N LYS A 573 16.48 -15.72 37.38
CA LYS A 573 15.82 -16.73 36.57
C LYS A 573 14.31 -16.64 36.76
N ARG A 574 13.57 -16.75 35.68
CA ARG A 574 12.13 -16.54 35.71
C ARG A 574 11.41 -17.71 35.05
N PRO A 575 10.16 -17.96 35.44
CA PRO A 575 9.42 -19.08 34.83
C PRO A 575 9.12 -18.84 33.36
N ALA A 576 8.99 -19.94 32.63
CA ALA A 576 8.68 -19.89 31.22
C ALA A 576 7.19 -19.62 31.01
N VAL A 577 6.80 -19.50 29.74
CA VAL A 577 5.41 -19.33 29.36
C VAL A 577 5.12 -20.29 28.22
N ASP A 578 4.10 -21.13 28.39
CA ASP A 578 3.72 -22.09 27.36
C ASP A 578 2.90 -21.37 26.30
N LEU A 579 3.42 -21.33 25.07
CA LEU A 579 2.76 -20.57 24.02
C LEU A 579 1.42 -21.18 23.63
N ALA A 580 1.31 -22.52 23.68
CA ALA A 580 0.07 -23.18 23.30
C ALA A 580 -1.10 -22.75 24.18
N SER A 581 -0.83 -22.39 25.44
CA SER A 581 -1.89 -21.93 26.33
C SER A 581 -2.47 -20.59 25.93
N PHE A 582 -1.82 -19.87 25.01
CA PHE A 582 -2.30 -18.57 24.57
C PHE A 582 -3.32 -18.67 23.44
N ASN A 583 -3.71 -19.89 23.07
CA ASN A 583 -4.68 -20.19 22.01
C ASN A 583 -4.48 -19.32 20.77
N GLU A 584 -3.23 -19.10 20.38
CA GLU A 584 -2.90 -18.34 19.19
C GLU A 584 -2.01 -19.17 18.28
N PRO A 585 -2.49 -19.60 17.11
CA PRO A 585 -1.63 -20.39 16.21
C PRO A 585 -0.43 -19.63 15.70
N TYR A 586 -0.47 -18.30 15.72
CA TYR A 586 0.67 -17.52 15.24
C TYR A 586 1.91 -17.77 16.07
N LEU A 587 1.75 -17.91 17.39
CA LEU A 587 2.87 -18.19 18.28
C LEU A 587 3.55 -19.51 17.88
N LEU A 588 2.75 -20.56 17.73
CA LEU A 588 3.32 -21.87 17.38
C LEU A 588 3.94 -21.85 16.00
N GLU A 589 3.30 -21.16 15.05
CA GLU A 589 3.85 -21.08 13.70
C GLU A 589 5.21 -20.37 13.71
N VAL A 590 5.32 -19.26 14.44
CA VAL A 590 6.58 -18.53 14.51
C VAL A 590 7.65 -19.38 15.20
N GLN A 591 7.28 -20.07 16.29
CA GLN A 591 8.24 -20.91 16.98
C GLN A 591 8.74 -22.03 16.09
N ASP A 592 7.84 -22.67 15.34
CA ASP A 592 8.23 -23.74 14.44
C ASP A 592 9.12 -23.21 13.32
N LEU A 593 8.79 -22.04 12.77
CA LEU A 593 9.62 -21.45 11.73
C LEU A 593 11.02 -21.14 12.25
N TYR A 594 11.11 -20.59 13.47
CA TYR A 594 12.42 -20.29 14.04
C TYR A 594 13.21 -21.57 14.30
N ARG A 595 12.54 -22.61 14.77
CA ARG A 595 13.22 -23.89 14.99
C ARG A 595 13.71 -24.49 13.67
N SER A 596 12.91 -24.36 12.61
CA SER A 596 13.34 -24.81 11.29
C SER A 596 14.55 -24.02 10.81
N ASN A 597 14.59 -22.72 11.10
CA ASN A 597 15.72 -21.88 10.74
C ASN A 597 16.89 -22.04 11.71
N ASN A 598 16.88 -23.09 12.53
CA ASN A 598 17.96 -23.35 13.49
C ASN A 598 18.09 -22.21 14.51
N ARG A 599 16.95 -21.82 15.09
CA ARG A 599 16.91 -20.75 16.09
C ARG A 599 15.85 -21.12 17.12
N ASP A 600 16.29 -21.62 18.27
CA ASP A 600 15.37 -21.99 19.33
C ASP A 600 14.84 -20.72 19.99
N LEU A 601 13.52 -20.65 20.16
CA LEU A 601 12.85 -19.48 20.70
C LEU A 601 11.96 -19.88 21.86
N TRP A 602 11.96 -19.06 22.92
CA TRP A 602 11.09 -19.28 24.06
C TRP A 602 10.70 -17.92 24.64
N VAL A 603 9.82 -17.95 25.63
CA VAL A 603 9.29 -16.74 26.26
C VAL A 603 9.41 -16.87 27.77
N ILE A 604 9.76 -15.76 28.42
CA ILE A 604 10.00 -15.71 29.86
C ILE A 604 9.15 -14.60 30.44
N ASP A 605 8.47 -14.89 31.55
CA ASP A 605 7.62 -13.92 32.22
C ASP A 605 8.44 -13.19 33.29
N ILE A 606 8.53 -11.86 33.14
CA ILE A 606 9.32 -11.04 34.05
C ILE A 606 8.45 -9.97 34.69
N THR A 607 7.17 -10.29 34.91
CA THR A 607 6.23 -9.34 35.47
C THR A 607 6.70 -8.85 36.84
N ALA A 608 6.62 -7.54 37.05
CA ALA A 608 7.10 -6.88 38.25
C ALA A 608 5.95 -6.70 39.25
N ASP A 609 6.19 -5.91 40.30
CA ASP A 609 5.20 -5.71 41.34
C ASP A 609 3.95 -4.99 40.85
N LEU A 610 4.04 -4.26 39.73
CA LEU A 610 2.86 -3.61 39.19
C LEU A 610 1.86 -4.60 38.60
N ASP A 611 2.25 -5.86 38.45
CA ASP A 611 1.36 -6.93 37.98
C ASP A 611 0.85 -6.68 36.57
N ILE A 612 1.59 -5.89 35.79
CA ILE A 612 1.29 -5.68 34.38
C ILE A 612 2.06 -6.73 33.59
N PRO A 613 1.39 -7.59 32.81
CA PRO A 613 2.09 -8.66 32.10
C PRO A 613 3.26 -8.17 31.26
N THR A 614 4.46 -8.56 31.63
CA THR A 614 5.68 -8.21 30.90
C THR A 614 6.39 -9.49 30.49
N PHE A 615 6.71 -9.61 29.21
CA PHE A 615 7.29 -10.83 28.66
C PHE A 615 8.54 -10.49 27.85
N VAL A 616 9.52 -11.38 27.93
CA VAL A 616 10.74 -11.27 27.13
C VAL A 616 10.87 -12.54 26.30
N ALA A 617 10.99 -12.38 24.99
CA ALA A 617 11.16 -13.49 24.07
C ALA A 617 12.63 -13.62 23.70
N VAL A 618 13.18 -14.81 23.90
CA VAL A 618 14.61 -15.06 23.71
C VAL A 618 14.77 -16.09 22.59
N SER A 619 15.60 -15.75 21.61
CA SER A 619 15.92 -16.64 20.51
C SER A 619 17.42 -16.80 20.41
N TYR A 620 17.88 -18.01 20.12
CA TYR A 620 19.31 -18.24 19.98
C TYR A 620 19.55 -19.32 18.92
N LEU A 621 20.62 -19.14 18.15
CA LEU A 621 20.96 -20.08 17.10
C LEU A 621 21.75 -21.26 17.68
N LYS A 622 21.29 -22.46 17.40
CA LYS A 622 21.91 -23.66 17.95
C LYS A 622 23.13 -24.06 17.12
N ASP A 623 23.87 -25.04 17.64
CA ASP A 623 25.03 -25.67 17.02
C ASP A 623 25.98 -24.65 16.37
N ASN A 624 26.13 -23.48 16.99
CA ASN A 624 27.03 -22.46 16.48
C ASN A 624 27.78 -21.84 17.65
N LYS A 625 28.99 -21.37 17.36
CA LYS A 625 29.79 -20.68 18.38
C LYS A 625 29.33 -19.25 18.61
N HIS A 626 28.51 -18.71 17.71
CA HIS A 626 27.92 -17.39 17.85
C HIS A 626 26.41 -17.58 18.01
N GLN A 627 25.93 -17.54 19.25
CA GLN A 627 24.51 -17.76 19.50
C GLN A 627 23.66 -16.67 18.85
N THR A 628 24.14 -15.43 18.84
CA THR A 628 23.39 -14.28 18.34
C THR A 628 22.01 -14.21 18.99
N ILE A 629 22.04 -14.03 20.32
CA ILE A 629 20.81 -14.05 21.10
C ILE A 629 19.99 -12.81 20.77
N LEU A 630 18.76 -13.03 20.32
CA LEU A 630 17.83 -11.95 20.03
C LEU A 630 16.79 -11.87 21.14
N LEU A 631 16.61 -10.66 21.68
CA LEU A 631 15.69 -10.42 22.78
C LEU A 631 14.61 -9.44 22.33
N GLY A 632 13.37 -9.80 22.58
CA GLY A 632 12.24 -8.91 22.36
C GLY A 632 11.49 -8.69 23.66
N PHE A 633 10.97 -7.49 23.85
CA PHE A 633 10.27 -7.12 25.07
C PHE A 633 8.85 -6.70 24.73
N GLY A 634 7.90 -7.14 25.54
CA GLY A 634 6.52 -6.76 25.37
C GLY A 634 5.85 -6.55 26.71
N THR A 635 4.88 -5.64 26.73
CA THR A 635 4.15 -5.33 27.96
C THR A 635 2.80 -4.74 27.60
N HIS A 636 1.74 -5.31 28.17
CA HIS A 636 0.39 -4.82 27.96
C HIS A 636 -0.51 -5.44 29.03
N PHE A 637 -1.68 -4.84 29.21
CA PHE A 637 -2.67 -5.43 30.10
C PHE A 637 -3.14 -6.79 29.60
N ASP A 638 -3.31 -6.92 28.28
CA ASP A 638 -3.70 -8.19 27.69
C ASP A 638 -2.47 -9.04 27.43
N PRO A 639 -2.34 -10.20 28.08
CA PRO A 639 -1.13 -11.03 27.87
C PRO A 639 -0.96 -11.48 26.44
N LYS A 640 -2.04 -11.71 25.71
CA LYS A 640 -1.93 -12.19 24.33
C LYS A 640 -1.20 -11.19 23.46
N ILE A 641 -1.62 -9.92 23.50
CA ILE A 641 -0.96 -8.91 22.68
C ILE A 641 0.41 -8.55 23.23
N ALA A 642 0.65 -8.76 24.53
CA ALA A 642 2.01 -8.60 25.04
C ALA A 642 2.96 -9.64 24.45
N ILE A 643 2.51 -10.91 24.40
CA ILE A 643 3.30 -11.94 23.74
C ILE A 643 3.48 -11.61 22.27
N LEU A 644 2.42 -11.11 21.63
CA LEU A 644 2.52 -10.72 20.22
C LEU A 644 3.56 -9.63 20.02
N ARG A 645 3.58 -8.64 20.91
CA ARG A 645 4.58 -7.58 20.84
C ARG A 645 5.98 -8.14 20.99
N ALA A 646 6.16 -9.06 21.95
CA ALA A 646 7.49 -9.65 22.17
C ALA A 646 7.97 -10.41 20.94
N VAL A 647 7.11 -11.26 20.38
CA VAL A 647 7.55 -12.05 19.23
C VAL A 647 7.75 -11.16 18.01
N THR A 648 6.94 -10.12 17.85
CA THR A 648 7.15 -9.18 16.74
C THR A 648 8.48 -8.44 16.89
N GLU A 649 8.81 -8.05 18.12
CA GLU A 649 10.09 -7.39 18.35
C GLU A 649 11.26 -8.33 18.04
N VAL A 650 11.12 -9.61 18.40
CA VAL A 650 12.16 -10.58 18.07
C VAL A 650 12.27 -10.74 16.56
N ASN A 651 11.14 -10.86 15.87
CA ASN A 651 11.14 -11.12 14.44
C ASN A 651 11.66 -9.92 13.64
N GLN A 652 11.43 -8.71 14.13
CA GLN A 652 11.91 -7.53 13.41
C GLN A 652 13.43 -7.54 13.29
N ILE A 653 14.12 -7.90 14.37
CA ILE A 653 15.58 -8.02 14.30
C ILE A 653 16.01 -9.33 13.64
N ALA A 654 15.20 -10.38 13.75
CA ALA A 654 15.56 -11.66 13.16
C ALA A 654 15.52 -11.58 11.64
N PHE A 655 15.94 -12.69 11.01
CA PHE A 655 16.02 -12.80 9.55
C PHE A 655 16.93 -11.73 8.96
N THR A 656 17.96 -11.36 9.70
CA THR A 656 18.96 -10.37 9.28
C THR A 656 20.36 -10.88 9.58
N CYS A 657 20.62 -12.14 9.19
CA CYS A 657 21.93 -12.73 9.42
C CYS A 657 23.02 -11.99 8.65
N ASP A 658 22.73 -11.60 7.41
CA ASP A 658 23.70 -10.89 6.59
C ASP A 658 23.85 -9.42 6.98
N GLY A 659 23.01 -8.92 7.87
CA GLY A 659 23.09 -7.53 8.30
C GLY A 659 24.15 -7.31 9.35
N VAL A 660 25.41 -7.29 8.95
CA VAL A 660 26.52 -7.10 9.86
C VAL A 660 26.75 -5.60 10.08
N GLU A 661 26.81 -5.19 11.34
CA GLU A 661 27.01 -3.80 11.72
C GLU A 661 28.05 -3.71 12.84
N VAL A 662 29.18 -4.40 12.67
CA VAL A 662 30.19 -4.45 13.72
C VAL A 662 30.77 -3.07 13.99
N THR A 663 30.72 -2.16 13.01
CA THR A 663 31.30 -0.83 13.19
C THR A 663 30.41 0.30 12.71
N LYS A 664 29.29 0.02 12.03
CA LYS A 664 28.49 1.09 11.46
C LYS A 664 27.56 1.72 12.50
N GLU A 665 26.60 0.93 13.00
CA GLU A 665 25.66 1.44 13.99
C GLU A 665 25.32 0.48 15.12
N PHE A 666 25.65 -0.81 15.00
CA PHE A 666 25.34 -1.79 16.04
C PHE A 666 26.59 -2.45 16.59
N VAL A 667 27.61 -1.64 16.92
CA VAL A 667 28.83 -2.18 17.48
C VAL A 667 28.55 -2.92 18.79
N GLU A 668 27.72 -2.34 19.65
CA GLU A 668 27.39 -3.01 20.91
C GLU A 668 26.53 -4.25 20.66
N MET A 669 25.62 -4.18 19.69
CA MET A 669 24.80 -5.34 19.37
C MET A 669 25.64 -6.48 18.81
N ARG A 670 26.60 -6.16 17.93
CA ARG A 670 27.46 -7.19 17.38
C ARG A 670 28.39 -7.76 18.45
N GLU A 671 28.87 -6.91 19.36
CA GLU A 671 29.66 -7.41 20.47
C GLU A 671 28.85 -8.36 21.36
N TRP A 672 27.59 -8.00 21.61
CA TRP A 672 26.72 -8.87 22.39
C TRP A 672 26.48 -10.19 21.67
N PHE A 673 26.28 -10.14 20.35
CA PHE A 673 26.10 -11.37 19.58
C PHE A 673 27.35 -12.25 19.64
N LYS A 674 28.53 -11.64 19.56
CA LYS A 674 29.76 -12.41 19.52
C LYS A 674 30.10 -13.01 20.88
N LYS A 675 29.86 -12.27 21.96
CA LYS A 675 30.36 -12.69 23.26
C LYS A 675 29.26 -12.89 24.29
N ALA A 676 28.18 -13.59 23.90
CA ALA A 676 27.12 -13.92 24.85
C ALA A 676 26.43 -15.20 24.39
N THR A 677 26.52 -16.24 25.21
CA THR A 677 25.87 -17.52 24.97
C THR A 677 24.70 -17.68 25.93
N ILE A 678 24.08 -18.87 25.89
CA ILE A 678 22.98 -19.17 26.80
C ILE A 678 23.46 -19.83 28.09
N GLU A 679 24.74 -20.21 28.17
CA GLU A 679 25.27 -20.80 29.39
C GLU A 679 26.07 -19.81 30.24
N ASN A 680 26.77 -18.87 29.62
CA ASN A 680 27.43 -17.82 30.37
C ASN A 680 26.46 -16.75 30.84
N GLN A 681 25.27 -16.69 30.26
CA GLN A 681 24.19 -15.83 30.71
C GLN A 681 23.05 -16.71 31.21
N PRO A 682 23.17 -17.30 32.40
CA PRO A 682 22.16 -18.28 32.83
C PRO A 682 20.78 -17.68 33.03
N TYR A 683 20.66 -16.37 33.25
CA TYR A 683 19.34 -15.79 33.44
C TYR A 683 18.52 -15.75 32.16
N LEU A 684 19.16 -15.91 31.00
CA LEU A 684 18.45 -15.82 29.74
C LEU A 684 17.59 -17.05 29.46
N VAL A 685 17.86 -18.18 30.12
CA VAL A 685 17.07 -19.38 29.92
C VAL A 685 15.98 -19.44 30.99
N PRO A 686 14.81 -19.98 30.68
CA PRO A 686 13.74 -20.04 31.69
C PRO A 686 14.10 -21.00 32.81
N ASP A 687 13.56 -20.70 33.99
CA ASP A 687 13.78 -21.57 35.15
C ASP A 687 12.97 -22.85 35.01
N SER A 688 13.66 -23.98 34.98
CA SER A 688 12.98 -25.27 34.79
C SER A 688 12.22 -25.71 36.03
N THR A 689 12.66 -25.28 37.22
CA THR A 689 12.03 -25.74 38.46
C THR A 689 10.59 -25.24 38.56
N VAL A 690 10.38 -23.95 38.38
CA VAL A 690 9.04 -23.38 38.51
C VAL A 690 8.22 -23.75 37.28
N PRO A 691 6.99 -24.23 37.44
CA PRO A 691 6.17 -24.56 36.27
C PRO A 691 5.87 -23.32 35.44
N ALA A 692 5.74 -23.53 34.13
CA ALA A 692 5.52 -22.43 33.20
C ALA A 692 4.16 -21.78 33.43
N LYS A 693 4.12 -20.46 33.40
CA LYS A 693 2.87 -19.73 33.53
C LYS A 693 2.02 -19.90 32.28
N VAL A 694 0.72 -19.91 32.47
CA VAL A 694 -0.23 -20.07 31.37
C VAL A 694 -1.01 -18.77 31.19
N TYR A 695 -1.83 -18.73 30.14
CA TYR A 695 -2.61 -17.53 29.85
C TYR A 695 -3.70 -17.28 30.88
N GLN A 696 -4.04 -18.27 31.69
CA GLN A 696 -5.06 -18.12 32.73
C GLN A 696 -4.48 -17.66 34.05
N ASP A 697 -3.16 -17.45 34.13
CA ASP A 697 -2.52 -17.00 35.36
C ASP A 697 -2.48 -15.49 35.50
N TYR A 698 -2.97 -14.75 34.50
CA TYR A 698 -2.94 -13.30 34.51
C TYR A 698 -4.36 -12.76 34.57
N GLN A 699 -4.62 -11.88 35.53
CA GLN A 699 -5.94 -11.29 35.69
C GLN A 699 -6.23 -10.29 34.58
N GLN A 700 -7.51 -10.08 34.31
CA GLN A 700 -7.96 -9.23 33.23
C GLN A 700 -8.21 -7.82 33.76
N ARG A 701 -7.50 -6.84 33.21
CA ARG A 701 -7.65 -5.45 33.62
C ARG A 701 -8.10 -4.51 32.51
N TRP A 702 -7.90 -4.89 31.24
CA TRP A 702 -8.27 -4.01 30.14
C TRP A 702 -9.77 -3.82 30.08
N SER A 703 -10.17 -2.61 29.69
CA SER A 703 -11.59 -2.24 29.62
C SER A 703 -11.92 -1.79 28.21
N ASP A 704 -13.21 -1.48 27.99
CA ASP A 704 -13.65 -1.06 26.67
C ASP A 704 -13.23 0.37 26.35
N ASP A 705 -13.19 1.24 27.35
CA ASP A 705 -12.85 2.64 27.17
C ASP A 705 -11.47 2.92 27.74
N ILE A 706 -10.73 3.81 27.08
CA ILE A 706 -9.35 4.08 27.47
C ILE A 706 -9.23 5.05 28.64
N TYR A 707 -10.30 5.77 28.98
CA TYR A 707 -10.22 6.71 30.10
C TYR A 707 -10.02 5.98 31.43
N GLU A 708 -10.84 4.97 31.69
CA GLU A 708 -10.61 4.16 32.89
C GLU A 708 -9.35 3.34 32.79
N ASP A 709 -8.84 3.10 31.58
CA ASP A 709 -7.51 2.50 31.46
C ASP A 709 -6.44 3.46 31.98
N VAL A 710 -6.53 4.74 31.63
CA VAL A 710 -5.62 5.73 32.19
C VAL A 710 -5.78 5.77 33.71
N MET A 711 -7.02 5.75 34.19
CA MET A 711 -7.26 5.81 35.64
C MET A 711 -6.68 4.60 36.35
N THR A 712 -6.82 3.40 35.77
CA THR A 712 -6.30 2.21 36.43
C THR A 712 -4.78 2.16 36.38
N CYS A 713 -4.17 2.67 35.29
CA CYS A 713 -2.72 2.80 35.29
C CYS A 713 -2.26 3.77 36.38
N VAL A 714 -2.98 4.88 36.54
CA VAL A 714 -2.63 5.87 37.55
C VAL A 714 -2.73 5.27 38.95
N GLU A 715 -3.82 4.53 39.22
CA GLU A 715 -3.97 3.97 40.56
C GLU A 715 -2.99 2.81 40.80
N ILE A 716 -2.62 2.08 39.75
CA ILE A 716 -1.58 1.06 39.89
C ILE A 716 -0.27 1.72 40.28
N SER A 717 0.08 2.83 39.61
CA SER A 717 1.30 3.54 39.97
C SER A 717 1.22 4.10 41.38
N LYS A 718 0.06 4.62 41.77
CA LYS A 718 -0.11 5.17 43.10
C LYS A 718 0.04 4.11 44.18
N ASN A 719 -0.50 2.91 43.93
CA ASN A 719 -0.40 1.84 44.92
C ASN A 719 1.05 1.47 45.20
N ALA A 720 1.89 1.46 44.17
CA ALA A 720 3.31 1.15 44.31
C ALA A 720 4.11 2.32 44.83
N GLY A 721 3.46 3.39 45.30
CA GLY A 721 4.16 4.56 45.78
C GLY A 721 4.92 5.31 44.71
N LEU A 722 4.30 5.49 43.53
CA LEU A 722 4.92 6.18 42.41
C LEU A 722 3.99 7.28 41.93
N GLU A 723 4.58 8.27 41.28
CA GLU A 723 3.83 9.40 40.72
C GLU A 723 3.95 9.37 39.19
N THR A 724 2.81 9.40 38.52
CA THR A 724 2.76 9.40 37.07
C THR A 724 2.59 10.83 36.57
N LEU A 725 3.49 11.26 35.69
CA LEU A 725 3.48 12.61 35.15
C LEU A 725 3.34 12.52 33.63
N VAL A 726 2.59 13.45 33.05
CA VAL A 726 2.34 13.45 31.62
C VAL A 726 2.72 14.80 31.05
N LEU A 727 3.52 14.78 29.98
CA LEU A 727 3.87 15.99 29.24
C LEU A 727 3.29 15.89 27.84
N ASP A 728 2.52 16.89 27.44
CA ASP A 728 1.87 16.90 26.13
C ASP A 728 2.84 17.50 25.12
N LYS A 729 3.49 16.65 24.34
CA LYS A 729 4.45 17.09 23.34
C LYS A 729 3.84 17.25 21.96
N THR A 730 2.54 17.06 21.81
CA THR A 730 1.91 17.16 20.50
C THR A 730 1.96 18.59 20.00
N ARG A 731 2.22 18.75 18.71
CA ARG A 731 2.24 20.09 18.14
C ARG A 731 0.93 20.38 17.42
N PRO A 732 0.43 21.61 17.54
CA PRO A 732 -0.85 21.94 16.89
C PRO A 732 -0.83 21.75 15.38
N ASP A 733 0.31 22.00 14.73
CA ASP A 733 0.37 21.85 13.28
C ASP A 733 0.25 20.39 12.85
N ILE A 734 0.94 19.49 13.54
CA ILE A 734 0.91 18.09 13.17
C ILE A 734 -0.47 17.48 13.45
N GLY A 735 -1.00 17.74 14.65
CA GLY A 735 -2.31 17.24 15.04
C GLY A 735 -2.30 15.91 15.76
N LEU A 736 -1.46 14.98 15.31
CA LEU A 736 -1.37 13.67 15.95
C LEU A 736 -0.88 13.82 17.39
N ASN A 737 -1.55 13.11 18.30
CA ASN A 737 -1.25 13.28 19.72
C ASN A 737 0.05 12.56 20.07
N VAL A 738 0.93 13.26 20.79
CA VAL A 738 2.19 12.71 21.27
C VAL A 738 2.34 13.10 22.73
N ALA A 739 2.61 12.12 23.59
CA ALA A 739 2.73 12.37 25.01
C ALA A 739 3.95 11.64 25.57
N LYS A 740 4.61 12.27 26.53
CA LYS A 740 5.73 11.67 27.24
C LYS A 740 5.30 11.41 28.68
N VAL A 741 5.34 10.13 29.09
CA VAL A 741 4.98 9.74 30.44
C VAL A 741 6.27 9.59 31.24
N ILE A 742 6.37 10.36 32.32
CA ILE A 742 7.55 10.38 33.18
C ILE A 742 7.14 9.89 34.56
N VAL A 743 7.75 8.80 35.00
CA VAL A 743 7.64 8.32 36.37
C VAL A 743 9.04 8.36 36.96
N PRO A 744 9.28 9.15 38.02
CA PRO A 744 10.65 9.38 38.49
C PRO A 744 11.44 8.12 38.83
N GLU A 745 10.95 7.31 39.76
CA GLU A 745 11.73 6.20 40.28
C GLU A 745 11.91 5.07 39.29
N MET A 746 11.19 5.09 38.17
CA MET A 746 11.30 4.01 37.20
C MET A 746 12.64 4.09 36.46
N PRO A 747 13.45 3.03 36.46
CA PRO A 747 14.74 3.09 35.75
C PRO A 747 14.58 2.82 34.26
N HIS A 748 15.70 2.72 33.55
CA HIS A 748 15.68 2.39 32.13
C HIS A 748 16.56 1.19 31.83
N TYR A 749 16.72 0.87 30.55
CA TYR A 749 17.57 -0.25 30.16
C TYR A 749 19.01 -0.05 30.59
N TRP A 750 19.51 1.17 30.44
CA TRP A 750 20.93 1.47 30.48
C TRP A 750 21.45 1.44 31.92
N LEU A 751 22.74 1.73 32.08
CA LEU A 751 23.42 1.61 33.37
C LEU A 751 22.96 2.72 34.31
N ARG A 752 21.76 2.51 34.87
CA ARG A 752 21.18 3.43 35.84
C ARG A 752 21.03 2.67 37.15
N MET A 753 22.08 2.69 37.97
CA MET A 753 22.12 1.98 39.23
C MET A 753 21.65 2.82 40.41
N GLY A 754 21.25 4.07 40.17
CA GLY A 754 20.82 4.94 41.23
C GLY A 754 19.40 4.74 41.69
N ALA A 755 18.65 3.84 41.06
CA ALA A 755 17.27 3.59 41.42
C ALA A 755 17.22 2.44 42.42
N LYS A 756 16.59 2.69 43.56
CA LYS A 756 16.45 1.66 44.59
C LYS A 756 15.45 0.57 44.19
N ARG A 757 14.68 0.77 43.13
CA ARG A 757 13.74 -0.25 42.70
C ARG A 757 14.46 -1.52 42.27
N ILE A 758 15.55 -1.39 41.54
CA ILE A 758 16.30 -2.56 41.09
C ILE A 758 16.80 -3.36 42.29
N TYR A 759 17.20 -2.67 43.36
CA TYR A 759 17.70 -3.33 44.55
C TYR A 759 16.58 -3.93 45.40
N ASP A 760 15.40 -3.32 45.41
CA ASP A 760 14.38 -3.65 46.41
C ASP A 760 13.24 -4.50 45.87
N VAL A 761 12.82 -4.31 44.62
CA VAL A 761 11.66 -5.04 44.10
C VAL A 761 11.88 -6.56 44.14
N PRO A 762 13.03 -7.11 43.74
CA PRO A 762 13.20 -8.57 43.89
C PRO A 762 13.05 -9.04 45.32
N VAL A 763 13.49 -8.24 46.29
CA VAL A 763 13.28 -8.59 47.70
C VAL A 763 11.80 -8.55 48.04
N LYS A 764 11.08 -7.54 47.54
CA LYS A 764 9.66 -7.39 47.87
C LYS A 764 8.85 -8.57 47.35
N MET A 765 9.14 -9.03 46.13
CA MET A 765 8.44 -10.18 45.57
C MET A 765 8.99 -11.50 46.06
N GLY A 766 10.08 -11.50 46.84
CA GLY A 766 10.65 -12.72 47.33
C GLY A 766 11.57 -13.44 46.38
N TRP A 767 11.85 -12.86 45.21
CA TRP A 767 12.78 -13.49 44.27
C TRP A 767 14.17 -13.59 44.86
N LEU A 768 14.59 -12.57 45.62
CA LEU A 768 15.89 -12.55 46.28
C LEU A 768 15.68 -12.38 47.78
N SER A 769 16.39 -13.18 48.56
CA SER A 769 16.29 -13.07 50.02
C SER A 769 16.87 -11.75 50.51
N THR A 770 17.98 -11.31 49.91
CA THR A 770 18.66 -10.08 50.29
C THR A 770 18.89 -9.22 49.06
N PRO A 771 18.87 -7.89 49.21
CA PRO A 771 19.14 -7.02 48.07
C PRO A 771 20.57 -7.20 47.57
N LEU A 772 20.74 -7.06 46.26
CA LEU A 772 22.03 -7.26 45.63
C LEU A 772 22.86 -5.97 45.69
N THR A 773 24.14 -6.13 45.97
CA THR A 773 25.05 -4.99 45.97
C THR A 773 25.24 -4.48 44.55
N GLU A 774 25.59 -3.19 44.44
CA GLU A 774 25.71 -2.57 43.12
C GLU A 774 26.77 -3.26 42.27
N GLU A 775 27.92 -3.61 42.87
CA GLU A 775 28.97 -4.28 42.11
C GLU A 775 28.64 -5.73 41.80
N GLN A 776 27.61 -6.30 42.43
CA GLN A 776 27.23 -7.68 42.17
C GLN A 776 26.27 -7.83 41.00
N MET A 777 25.79 -6.72 40.43
CA MET A 777 24.81 -6.79 39.36
C MET A 777 25.48 -7.02 38.02
N ASN A 778 24.66 -7.11 36.98
CA ASN A 778 25.17 -7.40 35.64
C ASN A 778 25.97 -6.22 35.11
N PRO A 779 27.20 -6.43 34.66
CA PRO A 779 28.00 -5.33 34.10
C PRO A 779 27.81 -5.11 32.61
N ILE A 780 26.78 -5.67 32.00
CA ILE A 780 26.53 -5.55 30.57
C ILE A 780 25.21 -4.82 30.37
N SER A 781 25.22 -3.79 29.53
CA SER A 781 24.01 -3.04 29.25
C SER A 781 23.03 -3.88 28.44
N VAL A 782 21.77 -3.50 28.49
CA VAL A 782 20.73 -4.15 27.69
C VAL A 782 20.95 -3.74 26.24
N PRO A 783 21.15 -4.69 25.32
CA PRO A 783 21.41 -4.32 23.92
C PRO A 783 20.16 -3.96 23.15
N ILE A 784 18.99 -4.39 23.59
CA ILE A 784 17.74 -4.08 22.89
C ILE A 784 16.85 -3.19 23.75
N TRP B 94 20.26 24.71 -21.99
CA TRP B 94 21.05 23.78 -22.80
C TRP B 94 22.13 23.09 -21.96
N GLY B 95 22.45 23.68 -20.81
CA GLY B 95 23.49 23.14 -19.95
C GLY B 95 22.96 22.34 -18.78
N LEU B 96 21.63 22.30 -18.63
CA LEU B 96 21.03 21.55 -17.53
C LEU B 96 21.24 20.05 -17.68
N LEU B 97 21.58 19.58 -18.88
CA LEU B 97 21.93 18.19 -19.09
C LEU B 97 23.30 17.84 -18.52
N LYS B 98 24.07 18.85 -18.09
CA LYS B 98 25.41 18.70 -17.51
C LYS B 98 26.27 17.68 -18.25
N VAL B 99 26.17 17.67 -19.58
CA VAL B 99 26.93 16.75 -20.41
C VAL B 99 28.23 17.38 -20.90
N GLU B 100 28.16 18.59 -21.47
CA GLU B 100 29.32 19.29 -22.00
C GLU B 100 28.95 20.71 -22.39
N PRO B 101 29.86 21.68 -22.20
CA PRO B 101 29.54 23.04 -22.67
C PRO B 101 29.60 23.18 -24.18
N GLN B 102 30.61 22.58 -24.81
CA GLN B 102 30.76 22.66 -26.26
C GLN B 102 31.00 21.32 -26.93
N VAL B 103 31.45 20.30 -26.19
CA VAL B 103 31.65 18.98 -26.80
C VAL B 103 30.32 18.39 -27.23
N ALA B 104 29.26 18.63 -26.45
CA ALA B 104 27.94 18.13 -26.82
C ALA B 104 27.47 18.69 -28.16
N TYR B 105 27.87 19.92 -28.48
CA TYR B 105 27.54 20.49 -29.78
C TYR B 105 28.08 19.63 -30.92
N GLN B 106 29.19 18.91 -30.69
CA GLN B 106 29.69 17.98 -31.69
C GLN B 106 28.64 16.95 -32.05
N CYS B 107 27.93 16.43 -31.03
CA CYS B 107 26.80 15.54 -31.32
C CYS B 107 25.74 16.27 -32.14
N LEU B 108 25.46 17.52 -31.79
CA LEU B 108 24.52 18.32 -32.57
C LEU B 108 25.04 18.59 -33.98
N GLN B 109 26.35 18.38 -34.21
CA GLN B 109 26.92 18.52 -35.54
C GLN B 109 26.79 17.25 -36.37
N GLN B 110 26.21 16.19 -35.82
CA GLN B 110 26.05 14.94 -36.56
C GLN B 110 24.65 14.36 -36.50
N THR B 111 23.71 14.99 -35.80
CA THR B 111 22.38 14.46 -35.61
C THR B 111 21.36 15.41 -36.23
N GLN B 112 20.46 14.86 -37.04
CA GLN B 112 19.37 15.61 -37.66
C GLN B 112 18.05 15.08 -37.14
N VAL B 113 17.10 15.99 -36.91
CA VAL B 113 15.78 15.64 -36.42
C VAL B 113 14.76 16.00 -37.49
N TYR B 114 14.14 15.00 -38.09
CA TYR B 114 13.13 15.21 -39.13
C TYR B 114 11.76 15.35 -38.46
N VAL B 115 11.26 16.58 -38.40
CA VAL B 115 9.97 16.84 -37.78
C VAL B 115 8.89 16.74 -38.85
N SER B 116 7.73 16.20 -38.46
CA SER B 116 6.64 16.00 -39.39
C SER B 116 5.31 16.04 -38.63
N SER B 117 4.25 16.30 -39.39
CA SER B 117 2.90 16.34 -38.86
C SER B 117 2.08 15.21 -39.49
N VAL B 118 1.17 14.64 -38.70
CA VAL B 118 0.33 13.55 -39.19
C VAL B 118 -0.92 14.11 -39.83
N VAL B 119 -1.70 14.86 -39.06
CA VAL B 119 -2.95 15.45 -39.54
C VAL B 119 -3.01 16.91 -39.10
N ASN B 120 -2.52 17.80 -39.96
CA ASN B 120 -2.66 19.25 -39.81
C ASN B 120 -2.13 19.75 -38.46
N LEU B 121 -0.82 19.60 -38.27
CA LEU B 121 -0.14 20.22 -37.15
C LEU B 121 0.95 21.15 -37.65
N PRO B 122 1.08 22.34 -37.05
CA PRO B 122 2.17 23.24 -37.46
C PRO B 122 3.53 22.70 -37.08
N THR B 123 4.31 22.27 -38.08
CA THR B 123 5.63 21.72 -37.83
C THR B 123 6.66 22.80 -37.50
N GLN B 124 6.46 24.01 -38.03
CA GLN B 124 7.48 25.05 -37.91
C GLN B 124 7.82 25.42 -36.47
N PRO B 125 6.86 25.64 -35.55
CA PRO B 125 7.25 26.06 -34.19
C PRO B 125 8.21 25.10 -33.50
N LEU B 126 7.99 23.79 -33.64
CA LEU B 126 8.92 22.83 -33.06
C LEU B 126 10.28 22.91 -33.74
N ILE B 127 10.30 23.14 -35.05
CA ILE B 127 11.56 23.28 -35.76
C ILE B 127 12.35 24.45 -35.18
N THR B 128 11.72 25.62 -35.06
CA THR B 128 12.40 26.79 -34.54
C THR B 128 12.87 26.56 -33.11
N ALA B 129 12.03 25.94 -32.28
CA ALA B 129 12.46 25.58 -30.94
C ALA B 129 13.68 24.67 -30.96
N LEU B 130 13.79 23.82 -31.98
CA LEU B 130 14.93 22.92 -32.05
C LEU B 130 16.21 23.64 -32.49
N GLU B 131 16.13 24.57 -33.45
CA GLU B 131 17.35 25.33 -33.74
C GLU B 131 17.68 26.34 -32.65
N GLU B 132 16.72 26.66 -31.78
CA GLU B 132 17.02 27.58 -30.68
C GLU B 132 18.06 26.97 -29.74
N VAL B 133 17.96 25.67 -29.46
CA VAL B 133 18.94 24.99 -28.62
C VAL B 133 20.09 24.41 -29.43
N GLY B 134 20.10 24.61 -30.75
CA GLY B 134 21.22 24.19 -31.59
C GLY B 134 21.02 22.90 -32.34
N ILE B 135 19.90 22.19 -32.14
CA ILE B 135 19.66 20.95 -32.85
C ILE B 135 19.25 21.24 -34.28
N LYS B 136 19.90 20.56 -35.24
CA LYS B 136 19.63 20.76 -36.66
C LYS B 136 18.39 19.96 -37.03
N ALA B 137 17.26 20.65 -37.18
CA ALA B 137 15.99 20.02 -37.50
C ALA B 137 15.50 20.50 -38.86
N ILE B 138 15.13 19.57 -39.72
CA ILE B 138 14.61 19.86 -41.05
C ILE B 138 13.26 19.18 -41.22
N ASN B 139 12.33 19.87 -41.88
CA ASN B 139 10.98 19.36 -42.04
C ASN B 139 10.96 18.12 -42.94
N TRP B 140 10.03 17.22 -42.63
CA TRP B 140 9.84 16.01 -43.41
C TRP B 140 8.36 15.79 -43.65
N ASP B 141 8.04 15.02 -44.68
CA ASP B 141 6.66 14.74 -45.04
C ASP B 141 6.29 13.27 -44.95
N GLY B 142 7.27 12.37 -44.92
CA GLY B 142 7.04 10.94 -44.81
C GLY B 142 7.37 10.15 -46.06
N GLU B 143 7.59 10.82 -47.19
CA GLU B 143 7.93 10.11 -48.42
C GLU B 143 9.33 9.50 -48.35
N LEU B 144 10.23 10.12 -47.60
CA LEU B 144 11.60 9.64 -47.50
C LEU B 144 11.66 8.44 -46.56
N GLN B 145 12.35 7.39 -47.00
CA GLN B 145 12.51 6.18 -46.20
C GLN B 145 13.92 6.04 -45.61
N GLU B 146 14.96 6.16 -46.43
CA GLU B 146 16.32 6.07 -45.93
C GLU B 146 16.70 7.35 -45.20
N PHE B 147 17.43 7.18 -44.10
CA PHE B 147 17.86 8.30 -43.28
C PHE B 147 19.34 8.17 -42.94
N PRO B 148 20.03 9.29 -42.76
CA PRO B 148 21.45 9.23 -42.40
C PRO B 148 21.61 8.72 -40.98
N PRO B 149 22.78 8.16 -40.65
CA PRO B 149 22.98 7.62 -39.30
C PRO B 149 22.85 8.71 -38.24
N HIS B 150 22.41 8.31 -37.05
CA HIS B 150 22.16 9.22 -35.94
C HIS B 150 21.11 10.26 -36.32
N SER B 151 19.91 9.78 -36.61
CA SER B 151 18.79 10.64 -36.98
C SER B 151 17.56 10.22 -36.18
N LEU B 152 16.71 11.19 -35.89
CA LEU B 152 15.48 10.95 -35.14
C LEU B 152 14.32 11.59 -35.88
N LEU B 153 13.23 10.83 -36.06
CA LEU B 153 12.05 11.32 -36.76
C LEU B 153 10.96 11.60 -35.73
N VAL B 154 10.55 12.86 -35.64
CA VAL B 154 9.52 13.27 -34.70
C VAL B 154 8.23 13.48 -35.48
N VAL B 155 7.12 12.94 -34.97
CA VAL B 155 5.83 13.08 -35.62
C VAL B 155 4.83 13.64 -34.62
N LEU B 156 4.11 14.68 -35.02
CA LEU B 156 3.11 15.33 -34.19
C LEU B 156 1.72 14.86 -34.60
N THR B 157 0.85 14.72 -33.61
CA THR B 157 -0.50 14.25 -33.86
C THR B 157 -1.45 14.83 -32.83
N ASP B 158 -2.75 14.73 -33.13
CA ASP B 158 -3.79 15.10 -32.17
C ASP B 158 -4.36 13.89 -31.44
N ASP B 159 -4.34 12.72 -32.07
CA ASP B 159 -4.77 11.48 -31.44
C ASP B 159 -3.76 10.40 -31.76
N TYR B 160 -3.58 9.46 -30.82
CA TYR B 160 -2.58 8.42 -30.99
C TYR B 160 -3.07 7.25 -31.85
N LEU B 161 -4.34 7.24 -32.24
CA LEU B 161 -4.89 6.17 -33.05
C LEU B 161 -5.18 6.60 -34.47
N GLN B 162 -4.50 7.63 -34.96
CA GLN B 162 -4.70 8.07 -36.33
C GLN B 162 -4.21 6.99 -37.29
N PRO B 163 -4.99 6.64 -38.32
CA PRO B 163 -4.56 5.57 -39.24
C PRO B 163 -3.25 5.85 -39.94
N GLN B 164 -2.96 7.12 -40.24
CA GLN B 164 -1.75 7.46 -40.98
C GLN B 164 -0.50 6.98 -40.25
N LEU B 165 -0.53 6.94 -38.92
CA LEU B 165 0.61 6.45 -38.16
C LEU B 165 0.99 5.03 -38.55
N ASN B 166 0.00 4.21 -38.92
CA ASN B 166 0.29 2.85 -39.33
C ASN B 166 1.26 2.81 -40.51
N LYS B 167 1.20 3.82 -41.39
CA LYS B 167 2.18 3.90 -42.46
C LYS B 167 3.57 4.20 -41.90
N ILE B 168 3.66 5.20 -41.02
CA ILE B 168 4.96 5.61 -40.48
C ILE B 168 5.58 4.47 -39.69
N ASN B 169 4.77 3.77 -38.89
CA ASN B 169 5.27 2.62 -38.16
C ASN B 169 5.84 1.56 -39.08
N GLN B 170 5.31 1.45 -40.31
CA GLN B 170 5.89 0.52 -41.27
C GLN B 170 7.20 1.05 -41.83
N ILE B 171 7.30 2.37 -42.01
CA ILE B 171 8.53 2.96 -42.53
C ILE B 171 9.66 2.80 -41.53
N ALA B 172 9.39 3.03 -40.25
CA ALA B 172 10.43 2.96 -39.23
C ALA B 172 10.94 1.54 -39.06
N LEU B 173 10.03 0.56 -38.95
CA LEU B 173 10.44 -0.83 -38.75
C LEU B 173 11.24 -1.34 -39.94
N LYS B 174 10.81 -1.00 -41.16
CA LYS B 174 11.53 -1.43 -42.35
C LYS B 174 12.94 -0.83 -42.39
N ALA B 175 13.07 0.44 -42.03
CA ALA B 175 14.36 1.13 -42.09
C ALA B 175 15.11 1.08 -40.78
N ASN B 176 14.55 0.48 -39.73
CA ASN B 176 15.16 0.42 -38.40
C ASN B 176 15.54 1.82 -37.92
N GLN B 177 14.57 2.72 -37.95
CA GLN B 177 14.78 4.12 -37.61
C GLN B 177 14.03 4.48 -36.35
N PRO B 178 14.70 4.99 -35.31
CA PRO B 178 13.96 5.46 -34.13
C PRO B 178 13.09 6.65 -34.48
N TRP B 179 11.95 6.74 -33.80
CA TRP B 179 11.04 7.86 -34.02
C TRP B 179 10.24 8.12 -32.76
N LEU B 180 9.90 9.40 -32.57
CA LEU B 180 9.17 9.88 -31.40
C LEU B 180 7.81 10.37 -31.84
N LEU B 181 6.81 10.12 -30.99
CA LEU B 181 5.42 10.49 -31.25
C LEU B 181 4.99 11.50 -30.19
N ILE B 182 4.49 12.66 -30.61
CA ILE B 182 4.14 13.74 -29.70
C ILE B 182 2.72 14.18 -29.99
N LYS B 183 1.98 14.53 -28.92
CA LYS B 183 0.62 15.08 -29.01
C LYS B 183 0.60 16.39 -28.26
N PRO B 184 0.98 17.50 -28.91
CA PRO B 184 1.07 18.79 -28.21
C PRO B 184 -0.25 19.51 -28.00
N VAL B 185 -1.35 19.01 -28.55
CA VAL B 185 -2.62 19.71 -28.50
C VAL B 185 -3.45 19.18 -27.33
N GLY B 186 -4.45 19.96 -26.95
CA GLY B 186 -5.37 19.57 -25.89
C GLY B 186 -4.83 19.89 -24.51
N THR B 187 -5.72 19.73 -23.53
CA THR B 187 -5.33 19.95 -22.14
C THR B 187 -4.29 18.93 -21.68
N ILE B 188 -4.42 17.69 -22.14
CA ILE B 188 -3.52 16.61 -21.78
C ILE B 188 -2.50 16.46 -22.90
N LEU B 189 -1.21 16.54 -22.56
CA LEU B 189 -0.13 16.39 -23.53
C LEU B 189 0.52 15.03 -23.33
N TRP B 190 0.72 14.31 -24.44
CA TRP B 190 1.37 13.00 -24.41
C TRP B 190 2.73 13.16 -25.09
N LEU B 191 3.79 12.96 -24.32
CA LEU B 191 5.13 13.07 -24.88
C LEU B 191 5.50 11.88 -25.76
N GLY B 192 4.87 10.73 -25.53
CA GLY B 192 5.06 9.57 -26.38
C GLY B 192 6.42 8.95 -26.24
N PRO B 193 6.56 7.72 -26.74
CA PRO B 193 7.81 6.99 -26.59
C PRO B 193 8.76 7.20 -27.77
N ILE B 194 10.02 6.88 -27.53
CA ILE B 194 11.03 6.82 -28.59
C ILE B 194 10.94 5.41 -29.16
N PHE B 195 10.15 5.23 -30.20
CA PHE B 195 9.96 3.91 -30.79
C PHE B 195 11.26 3.48 -31.43
N GLN B 196 12.00 2.60 -30.76
CA GLN B 196 13.23 2.07 -31.31
C GLN B 196 12.97 0.65 -31.80
N PRO B 197 13.06 0.39 -33.10
CA PRO B 197 12.77 -0.96 -33.62
C PRO B 197 13.72 -1.99 -33.04
N GLN B 198 13.18 -3.19 -32.80
CA GLN B 198 13.87 -4.38 -32.33
C GLN B 198 14.33 -4.27 -30.88
N ILE B 199 14.15 -3.13 -30.22
CA ILE B 199 14.51 -2.95 -28.82
C ILE B 199 13.28 -2.64 -27.97
N THR B 200 12.49 -1.66 -28.37
CA THR B 200 11.26 -1.29 -27.69
C THR B 200 10.07 -1.62 -28.58
N GLY B 201 8.88 -1.48 -28.01
CA GLY B 201 7.67 -1.74 -28.76
C GLY B 201 7.48 -0.73 -29.87
N CYS B 202 6.83 -1.19 -30.95
CA CYS B 202 6.51 -0.33 -32.08
C CYS B 202 5.23 0.44 -31.77
N TRP B 203 4.69 1.13 -32.78
CA TRP B 203 3.44 1.84 -32.56
C TRP B 203 2.26 0.89 -32.51
N GLU B 204 2.34 -0.26 -33.17
CA GLU B 204 1.21 -1.17 -33.22
C GLU B 204 0.87 -1.72 -31.84
N CYS B 205 1.88 -1.98 -31.01
CA CYS B 205 1.63 -2.45 -29.65
C CYS B 205 0.83 -1.42 -28.86
N LEU B 206 1.27 -0.16 -28.91
CA LEU B 206 0.56 0.91 -28.22
C LEU B 206 -0.85 1.09 -28.77
N ALA B 207 -1.00 1.01 -30.09
CA ALA B 207 -2.32 1.17 -30.69
C ALA B 207 -3.26 0.06 -30.26
N GLN B 208 -2.77 -1.19 -30.24
CA GLN B 208 -3.60 -2.31 -29.82
C GLN B 208 -4.02 -2.15 -28.36
N ARG B 209 -3.08 -1.76 -27.50
CA ARG B 209 -3.44 -1.61 -26.09
C ARG B 209 -4.38 -0.44 -25.86
N LEU B 210 -4.21 0.65 -26.62
CA LEU B 210 -5.14 1.77 -26.53
C LEU B 210 -6.54 1.38 -26.99
N ARG B 211 -6.63 0.64 -28.11
CA ARG B 211 -7.93 0.20 -28.60
C ARG B 211 -8.60 -0.71 -27.57
N VAL B 212 -7.84 -1.63 -26.98
CA VAL B 212 -8.40 -2.46 -25.93
C VAL B 212 -8.72 -1.65 -24.68
N ASN B 213 -8.11 -0.47 -24.52
CA ASN B 213 -8.34 0.37 -23.36
C ASN B 213 -9.37 1.47 -23.61
N ARG B 214 -9.67 1.79 -24.87
CA ARG B 214 -10.59 2.87 -25.21
C ARG B 214 -12.00 2.37 -25.48
N GLU B 215 -12.37 1.19 -24.98
CA GLU B 215 -13.73 0.71 -25.19
C GLU B 215 -14.76 1.56 -24.47
N VAL B 216 -14.34 2.31 -23.45
CA VAL B 216 -15.25 3.13 -22.67
C VAL B 216 -15.77 4.31 -23.49
N LEU B 267 0.25 24.83 -25.01
CA LEU B 267 0.71 25.69 -26.09
C LEU B 267 2.22 25.63 -26.24
N GLN B 268 2.91 26.62 -25.67
CA GLN B 268 4.36 26.69 -25.76
C GLN B 268 5.05 25.70 -24.83
N THR B 269 4.41 25.32 -23.72
CA THR B 269 5.04 24.39 -22.79
C THR B 269 5.23 23.02 -23.40
N ALA B 270 4.32 22.59 -24.28
CA ALA B 270 4.48 21.32 -24.96
C ALA B 270 5.73 21.33 -25.83
N LEU B 271 5.97 22.44 -26.55
CA LEU B 271 7.15 22.54 -27.39
C LEU B 271 8.42 22.46 -26.56
N HIS B 272 8.44 23.12 -25.40
CA HIS B 272 9.64 23.11 -24.57
C HIS B 272 9.88 21.74 -23.96
N LEU B 273 8.81 21.06 -23.53
CA LEU B 273 8.98 19.70 -23.01
C LEU B 273 9.47 18.75 -24.10
N ALA B 274 8.93 18.89 -25.31
CA ALA B 274 9.37 18.05 -26.42
C ALA B 274 10.83 18.32 -26.75
N THR B 275 11.23 19.60 -26.73
CA THR B 275 12.62 19.95 -27.00
C THR B 275 13.54 19.35 -25.93
N THR B 276 13.12 19.41 -24.67
CA THR B 276 13.92 18.82 -23.60
C THR B 276 14.08 17.32 -23.79
N GLU B 277 12.97 16.63 -24.13
CA GLU B 277 13.05 15.18 -24.33
C GLU B 277 13.95 14.83 -25.51
N ILE B 278 13.82 15.57 -26.61
CA ILE B 278 14.64 15.31 -27.79
C ILE B 278 16.12 15.54 -27.46
N ALA B 279 16.42 16.65 -26.76
CA ALA B 279 17.80 16.93 -26.42
C ALA B 279 18.36 15.88 -25.48
N LYS B 280 17.54 15.37 -24.56
CA LYS B 280 17.99 14.28 -23.71
C LYS B 280 18.29 13.03 -24.52
N TRP B 281 17.47 12.75 -25.54
CA TRP B 281 17.74 11.59 -26.39
C TRP B 281 19.02 11.78 -27.20
N ILE B 282 19.30 13.00 -27.63
CA ILE B 282 20.48 13.24 -28.46
C ILE B 282 21.76 12.88 -27.70
N VAL B 283 21.85 13.31 -26.43
CA VAL B 283 23.06 13.05 -25.66
C VAL B 283 23.08 11.65 -25.07
N LYS B 284 21.94 10.97 -25.02
CA LYS B 284 21.88 9.62 -24.45
C LYS B 284 22.43 8.56 -25.40
N GLN B 285 22.72 8.91 -26.65
CA GLN B 285 23.21 7.97 -27.64
C GLN B 285 24.60 8.30 -28.18
N GLY B 286 25.10 9.51 -27.93
CA GLY B 286 26.39 9.89 -28.50
C GLY B 286 27.54 9.87 -27.51
N VAL B 287 27.32 10.39 -26.30
CA VAL B 287 28.40 10.53 -25.34
C VAL B 287 28.07 9.83 -24.03
N GLU B 288 26.96 10.24 -23.40
CA GLU B 288 26.63 9.75 -22.07
C GLU B 288 26.29 8.25 -22.10
N ASP B 289 26.38 7.64 -20.93
CA ASP B 289 26.05 6.23 -20.76
C ASP B 289 24.55 6.08 -20.51
N THR B 290 24.12 4.83 -20.32
CA THR B 290 22.70 4.56 -20.12
C THR B 290 22.21 5.10 -18.78
N THR B 291 22.97 4.87 -17.71
CA THR B 291 22.49 5.25 -16.38
C THR B 291 22.34 6.77 -16.20
N PRO B 292 23.33 7.64 -16.56
CA PRO B 292 23.18 9.08 -16.32
C PRO B 292 22.46 9.81 -17.45
N PHE B 293 21.37 9.20 -17.95
CA PHE B 293 20.60 9.81 -19.03
C PHE B 293 19.22 9.16 -19.14
N PRO B 294 18.29 9.51 -18.25
CA PRO B 294 16.91 9.01 -18.43
C PRO B 294 16.31 9.54 -19.73
N THR B 295 15.52 8.69 -20.38
CA THR B 295 14.99 9.01 -21.70
C THR B 295 13.57 8.47 -21.80
N LEU B 296 12.79 9.06 -22.70
CA LEU B 296 11.43 8.62 -22.96
C LEU B 296 11.36 7.40 -23.87
N GLU B 297 12.46 6.67 -24.02
CA GLU B 297 12.49 5.49 -24.87
C GLU B 297 11.56 4.42 -24.31
N GLY B 298 10.53 4.07 -25.09
CA GLY B 298 9.54 3.12 -24.65
C GLY B 298 8.80 3.58 -23.41
N LYS B 299 8.40 4.84 -23.40
CA LYS B 299 7.80 5.44 -22.22
C LYS B 299 6.96 6.63 -22.64
N VAL B 300 5.71 6.66 -22.22
CA VAL B 300 4.77 7.74 -22.53
C VAL B 300 4.62 8.61 -21.29
N ILE B 301 4.86 9.91 -21.46
CA ILE B 301 4.70 10.89 -20.39
C ILE B 301 3.42 11.66 -20.64
N THR B 302 2.48 11.58 -19.71
CA THR B 302 1.19 12.24 -19.82
C THR B 302 1.15 13.39 -18.82
N PHE B 303 1.11 14.62 -19.32
CA PHE B 303 1.17 15.81 -18.49
C PHE B 303 -0.12 16.61 -18.64
N ASP B 304 -0.75 16.93 -17.52
CA ASP B 304 -2.00 17.69 -17.51
C ASP B 304 -1.74 19.03 -16.84
N GLN B 305 -1.99 20.12 -17.58
CA GLN B 305 -1.78 21.46 -17.07
C GLN B 305 -2.88 21.88 -16.12
N ARG B 306 -4.12 21.42 -16.37
CA ARG B 306 -5.25 21.86 -15.57
C ARG B 306 -5.06 21.47 -14.10
N ASN B 307 -4.59 20.25 -13.86
CA ASN B 307 -4.24 19.82 -12.51
C ASN B 307 -2.74 19.86 -12.24
N LEU B 308 -1.94 20.13 -13.27
CA LEU B 308 -0.48 20.12 -13.17
C LEU B 308 0.03 18.82 -12.57
N ASP B 309 -0.26 17.72 -13.26
CA ASP B 309 0.19 16.41 -12.81
C ASP B 309 0.77 15.63 -13.98
N LEU B 310 1.82 14.86 -13.68
CA LEU B 310 2.57 14.11 -14.68
C LEU B 310 2.52 12.63 -14.32
N GLN B 311 2.24 11.79 -15.32
CA GLN B 311 2.17 10.35 -15.14
C GLN B 311 3.04 9.68 -16.18
N THR B 312 3.53 8.49 -15.84
CA THR B 312 4.44 7.73 -16.68
C THR B 312 3.82 6.37 -16.99
N HIS B 313 3.76 6.03 -18.28
CA HIS B 313 3.27 4.74 -18.73
C HIS B 313 4.39 4.02 -19.47
N ILE B 314 4.55 2.73 -19.18
CA ILE B 314 5.63 1.94 -19.76
C ILE B 314 5.08 1.16 -20.94
N LEU B 315 5.59 1.44 -22.13
CA LEU B 315 5.18 0.70 -23.31
C LEU B 315 5.75 -0.71 -23.27
N SER B 316 4.89 -1.70 -23.54
CA SER B 316 5.28 -3.10 -23.46
C SER B 316 5.46 -3.67 -24.86
N LEU B 317 6.62 -4.25 -25.11
CA LEU B 317 6.89 -4.89 -26.39
C LEU B 317 6.14 -6.21 -26.45
N ARG B 318 5.25 -6.36 -27.43
CA ARG B 318 4.45 -7.57 -27.55
C ARG B 318 5.11 -8.52 -28.53
N PRO B 319 5.56 -9.69 -28.09
CA PRO B 319 6.15 -10.66 -29.04
C PRO B 319 5.18 -11.16 -30.07
N GLN B 320 3.88 -11.03 -29.83
CA GLN B 320 2.85 -11.48 -30.78
C GLN B 320 2.35 -10.34 -31.66
N CYS B 321 3.02 -9.20 -31.65
CA CYS B 321 2.57 -8.06 -32.45
C CYS B 321 2.65 -8.40 -33.93
N PRO B 322 1.59 -8.10 -34.71
CA PRO B 322 1.63 -8.42 -36.14
C PRO B 322 2.74 -7.69 -36.90
N SER B 323 3.12 -6.49 -36.46
CA SER B 323 4.07 -5.68 -37.22
C SER B 323 5.51 -5.89 -36.76
N CYS B 324 5.76 -5.82 -35.46
CA CYS B 324 7.11 -5.84 -34.93
C CYS B 324 7.53 -7.22 -34.41
N GLY B 325 6.70 -8.24 -34.59
CA GLY B 325 7.04 -9.54 -34.06
C GLY B 325 6.30 -10.65 -34.79
N ASN B 326 6.40 -11.84 -34.22
CA ASN B 326 5.74 -13.01 -34.78
C ASN B 326 4.23 -12.87 -34.61
N PRO B 327 3.45 -12.77 -35.67
CA PRO B 327 2.02 -12.45 -35.53
C PRO B 327 1.16 -13.62 -35.11
N ASN B 328 1.70 -14.83 -35.02
CA ASN B 328 0.90 -16.00 -34.67
C ASN B 328 1.63 -16.90 -33.69
N LEU B 329 2.35 -16.31 -32.74
CA LEU B 329 3.10 -17.10 -31.77
C LEU B 329 2.19 -18.08 -31.02
N LEU B 330 0.93 -17.71 -30.82
CA LEU B 330 0.02 -18.55 -30.07
C LEU B 330 -0.27 -19.87 -30.77
N THR B 331 -0.31 -19.88 -32.11
CA THR B 331 -0.64 -21.13 -32.80
C THR B 331 0.51 -22.12 -32.78
N GLU B 332 1.76 -21.65 -32.72
CA GLU B 332 2.85 -22.58 -32.47
C GLU B 332 2.93 -22.99 -31.01
N ARG B 333 2.61 -22.08 -30.08
CA ARG B 333 2.65 -22.45 -28.67
C ARG B 333 1.60 -23.51 -28.34
N ALA B 334 0.40 -23.38 -28.92
CA ALA B 334 -0.68 -24.30 -28.59
C ALA B 334 -0.47 -25.68 -29.20
N PHE B 335 0.05 -25.73 -30.44
CA PHE B 335 0.20 -27.01 -31.11
C PHE B 335 1.25 -27.88 -30.45
N GLN B 336 2.26 -27.28 -29.82
CA GLN B 336 3.25 -28.07 -29.09
C GLN B 336 2.60 -28.72 -27.88
N PRO B 337 2.99 -29.95 -27.54
CA PRO B 337 2.42 -30.61 -26.36
C PRO B 337 2.72 -29.82 -25.10
N LEU B 338 1.73 -29.78 -24.20
CA LEU B 338 1.89 -29.06 -22.95
C LEU B 338 2.73 -29.89 -21.98
N VAL B 339 3.76 -29.26 -21.41
CA VAL B 339 4.65 -29.91 -20.46
C VAL B 339 4.64 -29.11 -19.16
N LEU B 340 4.49 -29.81 -18.04
CA LEU B 340 4.45 -29.19 -16.72
C LEU B 340 5.76 -29.47 -16.00
N SER B 341 6.37 -28.42 -15.48
CA SER B 341 7.65 -28.51 -14.80
C SER B 341 7.44 -28.50 -13.30
N SER B 342 8.09 -29.42 -12.60
CA SER B 342 7.99 -29.48 -11.15
C SER B 342 8.62 -28.25 -10.51
N ARG B 343 7.93 -27.69 -9.52
CA ARG B 343 8.41 -26.51 -8.80
C ARG B 343 8.01 -26.67 -7.34
N LYS B 344 8.96 -27.12 -6.51
CA LYS B 344 8.66 -27.33 -5.10
C LYS B 344 8.42 -26.01 -4.40
N LYS B 345 7.39 -25.98 -3.55
CA LYS B 345 7.06 -24.77 -2.80
C LYS B 345 8.11 -24.52 -1.72
N GLN B 346 8.24 -23.25 -1.34
CA GLN B 346 9.23 -22.83 -0.35
C GLN B 346 8.60 -22.19 0.88
N PHE B 347 7.58 -21.34 0.70
CA PHE B 347 6.93 -20.67 1.82
C PHE B 347 5.43 -20.63 1.55
N THR B 348 4.66 -21.35 2.36
CA THR B 348 3.21 -21.40 2.26
C THR B 348 2.57 -21.17 3.61
N SER B 349 3.07 -20.16 4.34
CA SER B 349 2.57 -19.89 5.69
C SER B 349 1.11 -19.45 5.66
N ASP B 350 0.74 -18.61 4.71
CA ASP B 350 -0.62 -18.07 4.65
C ASP B 350 -0.96 -17.74 3.21
N GLY B 351 -2.24 -17.54 2.96
CA GLY B 351 -2.72 -17.22 1.63
C GLY B 351 -2.72 -18.37 0.65
N GLY B 352 -2.77 -19.60 1.14
CA GLY B 352 -2.77 -20.77 0.28
C GLY B 352 -1.37 -21.19 -0.12
N HIS B 353 -1.35 -22.16 -1.03
CA HIS B 353 -0.09 -22.75 -1.52
C HIS B 353 0.41 -21.91 -2.68
N ARG B 354 1.14 -20.85 -2.37
CA ARG B 354 1.75 -19.98 -3.37
C ARG B 354 3.25 -19.89 -3.09
N ALA B 355 4.06 -20.10 -4.13
CA ALA B 355 5.50 -20.06 -3.99
C ALA B 355 6.07 -18.65 -4.05
N PHE B 356 5.26 -17.66 -4.41
CA PHE B 356 5.70 -16.28 -4.51
C PHE B 356 4.67 -15.37 -3.85
N SER B 357 5.14 -14.23 -3.36
CA SER B 357 4.26 -13.25 -2.71
C SER B 357 3.44 -12.52 -3.77
N PRO B 358 2.11 -12.54 -3.68
CA PRO B 358 1.31 -11.78 -4.64
C PRO B 358 1.59 -10.28 -4.64
N ASP B 359 2.01 -9.73 -3.49
CA ASP B 359 2.45 -8.34 -3.47
C ASP B 359 3.66 -8.14 -4.37
N GLN B 360 4.59 -9.10 -4.36
CA GLN B 360 5.73 -9.03 -5.27
C GLN B 360 5.27 -9.11 -6.72
N THR B 361 4.25 -9.93 -6.99
CA THR B 361 3.71 -10.01 -8.35
C THR B 361 3.12 -8.68 -8.79
N VAL B 362 2.37 -8.02 -7.92
CA VAL B 362 1.82 -6.71 -8.26
C VAL B 362 2.92 -5.69 -8.46
N ASN B 363 3.96 -5.73 -7.62
CA ASN B 363 5.08 -4.82 -7.79
C ASN B 363 5.79 -5.05 -9.11
N ARG B 364 5.93 -6.32 -9.52
CA ARG B 364 6.61 -6.61 -10.77
C ARG B 364 5.76 -6.21 -11.98
N TYR B 365 4.44 -6.38 -11.88
CA TYR B 365 3.54 -6.15 -13.01
C TYR B 365 2.84 -4.80 -12.94
N GLN B 366 3.30 -3.90 -12.07
CA GLN B 366 2.77 -2.54 -12.08
C GLN B 366 2.97 -1.85 -13.41
N HIS B 367 3.93 -2.31 -14.24
CA HIS B 367 4.10 -1.73 -15.56
C HIS B 367 2.93 -2.03 -16.49
N LEU B 368 2.06 -2.97 -16.13
CA LEU B 368 0.83 -3.22 -16.88
C LEU B 368 -0.35 -2.44 -16.33
N ILE B 369 -0.15 -1.64 -15.29
CA ILE B 369 -1.22 -0.87 -14.66
C ILE B 369 -1.14 0.54 -15.23
N SER B 370 -1.97 0.80 -16.25
CA SER B 370 -1.98 2.11 -16.92
C SER B 370 -3.23 2.23 -17.78
N PRO B 371 -3.79 3.43 -17.94
CA PRO B 371 -4.96 3.60 -18.79
C PRO B 371 -4.63 3.87 -20.26
N ILE B 372 -3.36 3.96 -20.63
CA ILE B 372 -2.98 4.20 -22.01
C ILE B 372 -2.22 2.99 -22.55
N THR B 373 -1.10 2.67 -21.92
CA THR B 373 -0.25 1.56 -22.36
C THR B 373 -0.35 0.36 -21.43
N GLY B 374 -1.42 0.25 -20.65
CA GLY B 374 -1.58 -0.84 -19.70
C GLY B 374 -2.85 -1.64 -19.99
N VAL B 375 -3.01 -2.71 -19.21
CA VAL B 375 -4.16 -3.59 -19.36
C VAL B 375 -5.18 -3.44 -18.24
N VAL B 376 -4.81 -2.82 -17.12
CA VAL B 376 -5.73 -2.58 -16.01
C VAL B 376 -5.83 -1.08 -15.79
N THR B 377 -7.06 -0.56 -15.76
CA THR B 377 -7.28 0.86 -15.62
C THR B 377 -7.03 1.38 -14.21
N SER B 378 -6.94 0.49 -13.22
CA SER B 378 -6.69 0.87 -11.83
C SER B 378 -7.76 1.85 -11.33
N LEU B 379 -7.45 3.14 -11.41
CA LEU B 379 -8.40 4.20 -11.06
C LEU B 379 -8.84 4.11 -9.60
N VAL B 380 -9.98 3.46 -9.36
CA VAL B 380 -10.56 3.44 -8.02
C VAL B 380 -9.65 2.73 -7.03
N ARG B 381 -9.01 1.65 -7.47
CA ARG B 381 -8.12 0.83 -6.63
C ARG B 381 -8.92 0.34 -5.43
N ALA B 382 -8.57 0.69 -4.20
CA ALA B 382 -9.31 0.22 -3.04
C ALA B 382 -10.69 0.84 -2.99
N SER B 383 -11.69 0.03 -2.63
CA SER B 383 -13.07 0.48 -2.51
C SER B 383 -13.57 0.42 -1.07
N ASP B 384 -13.45 -0.74 -0.42
CA ASP B 384 -13.88 -0.86 0.96
C ASP B 384 -12.94 -0.09 1.89
N PRO B 385 -13.46 0.40 3.02
CA PRO B 385 -12.60 1.12 3.97
C PRO B 385 -11.51 0.22 4.53
N ASN B 386 -10.37 0.84 4.84
CA ASN B 386 -9.22 0.11 5.38
C ASN B 386 -9.33 -0.14 6.87
N ASP B 387 -10.39 0.33 7.53
CA ASP B 387 -10.53 0.10 8.96
C ASP B 387 -10.67 -1.38 9.28
N SER B 388 -11.43 -2.11 8.48
CA SER B 388 -11.61 -3.54 8.70
C SER B 388 -10.33 -4.27 8.28
N LEU B 389 -9.49 -4.60 9.27
CA LEU B 389 -8.23 -5.27 9.00
C LEU B 389 -8.41 -6.76 8.75
N ASN B 390 -9.41 -7.39 9.36
CA ASN B 390 -9.62 -8.83 9.20
C ASN B 390 -9.94 -9.18 7.76
N HIS B 391 -10.77 -8.35 7.10
CA HIS B 391 -11.13 -8.57 5.72
C HIS B 391 -11.05 -7.24 4.97
N THR B 392 -10.39 -7.25 3.82
CA THR B 392 -10.22 -6.05 3.02
C THR B 392 -10.67 -6.31 1.59
N TYR B 393 -10.74 -5.23 0.80
CA TYR B 393 -11.26 -5.31 -0.55
C TYR B 393 -10.58 -4.25 -1.42
N ASN B 394 -10.62 -4.48 -2.72
CA ASN B 394 -10.02 -3.57 -3.69
C ASN B 394 -10.65 -3.83 -5.06
N ALA B 395 -10.95 -2.75 -5.78
CA ALA B 395 -11.67 -2.84 -7.05
C ALA B 395 -10.74 -2.58 -8.22
N VAL B 396 -11.09 -3.16 -9.37
CA VAL B 396 -10.35 -2.99 -10.61
C VAL B 396 -11.34 -2.73 -11.74
N HIS B 397 -10.83 -2.20 -12.84
CA HIS B 397 -11.62 -1.89 -14.02
C HIS B 397 -11.12 -2.68 -15.21
N SER B 398 -12.02 -3.40 -15.87
CA SER B 398 -11.68 -4.22 -17.03
C SER B 398 -12.96 -4.43 -17.85
N PHE B 399 -12.91 -5.38 -18.76
CA PHE B 399 -14.06 -5.73 -19.61
C PHE B 399 -14.37 -7.21 -19.44
N VAL B 400 -15.62 -7.51 -19.07
CA VAL B 400 -16.07 -8.88 -18.90
C VAL B 400 -17.15 -9.26 -19.89
N ILE B 401 -18.05 -8.33 -20.22
CA ILE B 401 -19.15 -8.57 -21.14
C ILE B 401 -19.02 -7.61 -22.31
N ALA B 402 -19.28 -8.12 -23.52
CA ALA B 402 -19.08 -7.34 -24.74
C ALA B 402 -20.40 -7.16 -25.49
N SER B 403 -21.46 -6.78 -24.78
CA SER B 403 -22.74 -6.54 -25.42
C SER B 403 -22.65 -5.38 -26.39
N ASN B 404 -23.40 -5.48 -27.48
CA ASN B 404 -23.35 -4.50 -28.56
C ASN B 404 -24.21 -3.26 -28.28
N ILE B 405 -24.97 -3.26 -27.20
CA ILE B 405 -25.83 -2.12 -26.87
C ILE B 405 -24.95 -1.01 -26.30
N GLY B 406 -24.73 0.05 -27.08
CA GLY B 406 -23.87 1.12 -26.63
C GLY B 406 -24.43 1.90 -25.45
N ARG B 407 -25.74 2.15 -25.46
CA ARG B 407 -26.36 2.93 -24.39
C ARG B 407 -26.24 2.21 -23.05
N MET B 408 -26.50 0.89 -23.03
CA MET B 408 -26.37 0.13 -21.79
C MET B 408 -24.91 -0.06 -21.41
N ARG B 409 -24.02 -0.20 -22.40
CA ARG B 409 -22.59 -0.31 -22.12
C ARG B 409 -22.02 1.01 -21.60
N ARG B 410 -22.66 2.13 -21.96
CA ARG B 410 -22.13 3.44 -21.58
C ARG B 410 -22.09 3.62 -20.08
N TYR B 411 -23.13 3.17 -19.39
CA TYR B 411 -23.23 3.37 -17.94
C TYR B 411 -22.97 2.10 -17.14
N LEU B 412 -23.41 0.94 -17.61
CA LEU B 412 -23.37 -0.29 -16.83
C LEU B 412 -22.15 -1.15 -17.10
N LYS B 413 -21.92 -1.54 -18.36
CA LYS B 413 -20.87 -2.49 -18.66
C LYS B 413 -19.46 -1.92 -18.51
N HIS B 414 -19.33 -0.61 -18.34
CA HIS B 414 -18.01 -0.03 -18.12
C HIS B 414 -17.44 -0.51 -16.79
N LYS B 415 -16.10 -0.62 -16.75
CA LYS B 415 -15.38 -1.17 -15.60
C LYS B 415 -15.76 -2.62 -15.36
N SER B 416 -15.30 -3.20 -14.27
CA SER B 416 -15.56 -4.61 -13.97
C SER B 416 -15.49 -4.81 -12.45
N SER B 417 -15.38 -6.07 -12.04
CA SER B 417 -15.44 -6.45 -10.64
C SER B 417 -14.17 -7.24 -10.26
N GLY B 418 -14.22 -7.85 -9.09
CA GLY B 418 -13.06 -8.52 -8.51
C GLY B 418 -12.60 -7.77 -7.28
N LYS B 419 -12.99 -8.26 -6.10
CA LYS B 419 -12.88 -7.48 -4.88
C LYS B 419 -13.00 -8.38 -3.68
N GLY B 420 -11.99 -8.40 -2.82
CA GLY B 420 -12.18 -9.08 -1.53
C GLY B 420 -11.19 -10.18 -1.20
N LYS B 421 -10.62 -10.08 0.00
CA LYS B 421 -9.74 -11.10 0.55
C LYS B 421 -9.52 -10.78 2.03
N THR B 422 -9.45 -11.83 2.86
CA THR B 422 -9.16 -11.64 4.28
C THR B 422 -7.72 -11.19 4.49
N ASP B 423 -6.80 -11.64 3.64
CA ASP B 423 -5.42 -11.18 3.71
C ASP B 423 -5.31 -9.81 3.04
N SER B 424 -4.12 -9.21 3.17
CA SER B 424 -3.86 -7.91 2.54
C SER B 424 -3.73 -8.00 1.02
N GLN B 425 -4.03 -9.17 0.44
CA GLN B 425 -3.89 -9.39 -0.99
C GLN B 425 -5.22 -9.26 -1.73
N SER B 426 -6.13 -8.43 -1.23
CA SER B 426 -7.36 -8.16 -1.96
C SER B 426 -7.07 -7.45 -3.28
N LYS B 427 -6.14 -6.49 -3.25
CA LYS B 427 -5.74 -5.82 -4.49
C LYS B 427 -5.06 -6.80 -5.43
N ALA B 428 -4.27 -7.72 -4.88
CA ALA B 428 -3.63 -8.73 -5.72
C ALA B 428 -4.66 -9.65 -6.37
N SER B 429 -5.68 -10.05 -5.63
CA SER B 429 -6.74 -10.89 -6.19
C SER B 429 -7.52 -10.14 -7.27
N GLY B 430 -7.84 -8.87 -7.03
CA GLY B 430 -8.52 -8.07 -8.04
C GLY B 430 -7.69 -7.89 -9.29
N PHE B 431 -6.39 -7.64 -9.12
CA PHE B 431 -5.49 -7.52 -10.27
C PHE B 431 -5.41 -8.84 -11.03
N CYS B 432 -5.36 -9.97 -10.31
CA CYS B 432 -5.30 -11.26 -10.97
C CYS B 432 -6.57 -11.53 -11.76
N GLU B 433 -7.73 -11.19 -11.20
CA GLU B 433 -8.98 -11.41 -11.93
C GLU B 433 -9.07 -10.50 -13.14
N ALA B 434 -8.62 -9.25 -13.01
CA ALA B 434 -8.58 -8.35 -14.16
C ALA B 434 -7.65 -8.88 -15.25
N ILE B 435 -6.51 -9.43 -14.84
CA ILE B 435 -5.57 -10.00 -15.80
C ILE B 435 -6.18 -11.19 -16.51
N GLU B 436 -6.88 -12.05 -15.77
CA GLU B 436 -7.49 -13.22 -16.40
C GLU B 436 -8.60 -12.80 -17.36
N ARG B 437 -9.38 -11.78 -17.00
CA ARG B 437 -10.42 -11.31 -17.91
C ARG B 437 -9.82 -10.69 -19.16
N TYR B 438 -8.71 -9.95 -19.01
CA TYR B 438 -8.06 -9.38 -20.19
C TYR B 438 -7.45 -10.47 -21.07
N SER B 439 -6.90 -11.51 -20.46
CA SER B 439 -6.32 -12.60 -21.24
C SER B 439 -7.39 -13.46 -21.90
N GLY B 440 -8.60 -13.46 -21.37
CA GLY B 440 -9.67 -14.25 -21.96
C GLY B 440 -10.42 -13.63 -23.10
N VAL B 441 -10.09 -12.41 -23.52
CA VAL B 441 -10.84 -11.74 -24.58
C VAL B 441 -10.25 -12.14 -25.92
N TYR B 442 -11.09 -12.13 -26.95
CA TYR B 442 -10.69 -12.51 -28.30
C TYR B 442 -10.15 -11.29 -29.03
N GLN B 443 -9.00 -11.47 -29.70
CA GLN B 443 -8.37 -10.40 -30.45
C GLN B 443 -7.91 -10.82 -31.83
N GLY B 444 -8.16 -12.06 -32.26
CA GLY B 444 -7.80 -12.53 -33.57
C GLY B 444 -6.52 -13.33 -33.63
N ASP B 445 -5.67 -13.21 -32.61
CA ASP B 445 -4.42 -13.97 -32.56
C ASP B 445 -4.62 -15.39 -32.06
N GLU B 446 -5.83 -15.72 -31.59
CA GLU B 446 -6.07 -17.01 -30.96
C GLU B 446 -5.93 -18.15 -31.97
N PRO B 447 -5.46 -19.32 -31.53
CA PRO B 447 -5.32 -20.45 -32.46
C PRO B 447 -6.65 -21.16 -32.66
N ARG B 448 -6.98 -21.41 -33.93
CA ARG B 448 -8.24 -22.07 -34.26
C ARG B 448 -8.14 -22.67 -35.65
N ILE B 449 -9.02 -23.64 -35.91
CA ILE B 449 -9.13 -24.26 -37.22
C ILE B 449 -10.60 -24.28 -37.61
N SER B 450 -10.88 -23.92 -38.86
CA SER B 450 -12.26 -23.86 -39.35
C SER B 450 -12.67 -25.23 -39.88
N ALA B 451 -13.59 -25.89 -39.17
CA ALA B 451 -14.05 -27.21 -39.56
C ALA B 451 -15.37 -27.48 -38.84
N THR B 452 -15.96 -28.63 -39.16
CA THR B 452 -17.16 -29.10 -38.48
C THR B 452 -16.84 -30.37 -37.71
N LEU B 453 -17.81 -30.82 -36.92
CA LEU B 453 -17.60 -31.98 -36.06
C LEU B 453 -17.29 -33.25 -36.86
N ALA B 454 -17.77 -33.33 -38.10
CA ALA B 454 -17.60 -34.56 -38.88
C ALA B 454 -16.12 -34.86 -39.13
N GLU B 455 -15.37 -33.89 -39.63
CA GLU B 455 -13.96 -34.14 -39.93
C GLU B 455 -13.16 -34.40 -38.67
N LEU B 456 -13.43 -33.64 -37.60
CA LEU B 456 -12.67 -33.80 -36.37
C LEU B 456 -12.94 -35.15 -35.71
N GLY B 457 -14.18 -35.62 -35.78
CA GLY B 457 -14.48 -36.94 -35.24
C GLY B 457 -14.36 -36.96 -33.73
N GLU B 458 -13.64 -37.97 -33.23
CA GLU B 458 -13.50 -38.13 -31.78
C GLU B 458 -12.56 -37.10 -31.17
N LYS B 459 -11.76 -36.41 -31.98
CA LYS B 459 -10.83 -35.42 -31.45
C LYS B 459 -11.54 -34.18 -30.92
N ALA B 460 -12.77 -33.94 -31.34
CA ALA B 460 -13.52 -32.75 -30.94
C ALA B 460 -14.52 -33.08 -29.86
N ILE B 461 -14.72 -32.14 -28.94
CA ILE B 461 -15.69 -32.26 -27.87
C ILE B 461 -16.95 -31.52 -28.27
N HIS B 462 -18.08 -32.22 -28.22
CA HIS B 462 -19.34 -31.61 -28.64
C HIS B 462 -19.67 -30.43 -27.75
N PRO B 463 -20.16 -29.32 -28.30
CA PRO B 463 -20.50 -28.16 -27.47
C PRO B 463 -21.55 -28.45 -26.41
N ALA B 464 -22.50 -29.34 -26.69
CA ALA B 464 -23.49 -29.72 -25.70
C ALA B 464 -22.89 -30.53 -24.56
N ARG B 465 -21.75 -31.19 -24.80
CA ARG B 465 -21.07 -31.92 -23.74
C ARG B 465 -20.45 -30.99 -22.71
N CYS B 466 -20.19 -29.73 -23.08
CA CYS B 466 -19.62 -28.74 -22.18
C CYS B 466 -20.65 -27.78 -21.63
N SER B 467 -21.54 -27.26 -22.49
CA SER B 467 -22.57 -26.34 -22.02
C SER B 467 -23.58 -27.05 -21.14
N LEU B 468 -23.97 -28.27 -21.51
CA LEU B 468 -24.83 -29.14 -20.70
C LEU B 468 -26.19 -28.49 -20.43
N PHE B 469 -26.92 -28.23 -21.51
CA PHE B 469 -28.27 -27.72 -21.45
C PHE B 469 -29.24 -28.83 -21.83
N SER B 470 -30.32 -28.96 -21.06
CA SER B 470 -31.31 -30.00 -21.33
C SER B 470 -32.10 -29.66 -22.59
N SER B 471 -32.61 -30.72 -23.24
CA SER B 471 -33.42 -30.53 -24.44
C SER B 471 -34.71 -29.79 -24.13
N GLU B 472 -35.27 -30.00 -22.94
CA GLU B 472 -36.46 -29.25 -22.55
C GLU B 472 -36.17 -27.75 -22.47
N GLN B 473 -34.98 -27.39 -21.97
CA GLN B 473 -34.60 -25.99 -21.95
C GLN B 473 -34.46 -25.42 -23.35
N TYR B 474 -33.87 -26.21 -24.27
CA TYR B 474 -33.72 -25.76 -25.64
C TYR B 474 -35.06 -25.55 -26.31
N GLU B 475 -36.01 -26.47 -26.10
CA GLU B 475 -37.30 -26.37 -26.79
C GLU B 475 -38.20 -25.30 -26.18
N TYR B 476 -37.91 -24.84 -24.98
CA TYR B 476 -38.55 -23.66 -24.39
C TYR B 476 -37.56 -22.51 -24.23
N ARG B 477 -36.68 -22.35 -25.23
CA ARG B 477 -35.62 -21.36 -25.11
C ARG B 477 -36.16 -19.93 -25.07
N GLU B 478 -37.18 -19.65 -25.87
CA GLU B 478 -37.65 -18.27 -26.05
C GLU B 478 -38.19 -17.69 -24.74
N GLU B 479 -39.21 -18.34 -24.17
CA GLU B 479 -39.82 -17.80 -22.95
C GLU B 479 -38.85 -17.87 -21.76
N PHE B 480 -38.00 -18.90 -21.71
CA PHE B 480 -37.02 -18.97 -20.64
C PHE B 480 -36.04 -17.80 -20.70
N ASN B 481 -35.59 -17.45 -21.91
CA ASN B 481 -34.75 -16.27 -22.07
C ASN B 481 -35.51 -14.99 -21.73
N ARG B 482 -36.79 -14.94 -22.11
CA ARG B 482 -37.60 -13.75 -21.82
C ARG B 482 -37.74 -13.53 -20.32
N ARG B 483 -37.97 -14.59 -19.55
CA ARG B 483 -38.13 -14.47 -18.11
C ARG B 483 -36.81 -14.56 -17.35
N GLY B 484 -35.78 -15.13 -17.94
CA GLY B 484 -34.51 -15.29 -17.26
C GLY B 484 -33.63 -14.05 -17.36
N GLY B 485 -32.47 -14.16 -16.73
CA GLY B 485 -31.48 -13.09 -16.73
C GLY B 485 -30.40 -13.30 -17.78
N VAL B 486 -29.45 -12.37 -17.78
CA VAL B 486 -28.33 -12.45 -18.72
C VAL B 486 -27.42 -13.62 -18.39
N PHE B 487 -27.20 -13.87 -17.09
CA PHE B 487 -26.28 -14.93 -16.69
C PHE B 487 -26.79 -16.30 -17.12
N ASP B 488 -28.09 -16.55 -16.98
CA ASP B 488 -28.68 -17.85 -17.31
C ASP B 488 -29.38 -17.84 -18.67
N TRP B 489 -28.84 -17.09 -19.63
CA TRP B 489 -29.39 -17.08 -20.97
C TRP B 489 -29.19 -18.44 -21.64
N ILE B 490 -30.21 -18.90 -22.35
CA ILE B 490 -30.20 -20.20 -22.99
C ILE B 490 -29.80 -20.01 -24.45
N PRO B 491 -28.65 -20.54 -24.88
CA PRO B 491 -28.23 -20.37 -26.28
C PRO B 491 -29.00 -21.31 -27.21
N GLN B 492 -28.84 -21.06 -28.49
CA GLN B 492 -29.47 -21.89 -29.50
C GLN B 492 -28.82 -23.28 -29.54
N PRO B 493 -29.57 -24.31 -29.90
CA PRO B 493 -28.97 -25.65 -30.03
C PRO B 493 -27.88 -25.67 -31.08
N PHE B 494 -26.85 -26.47 -30.82
CA PHE B 494 -25.71 -26.58 -31.72
C PHE B 494 -26.00 -27.66 -32.76
N ASP B 495 -25.83 -27.31 -34.03
CA ASP B 495 -26.00 -28.24 -35.15
C ASP B 495 -24.64 -28.53 -35.78
N GLU B 496 -24.33 -29.81 -35.95
CA GLU B 496 -23.03 -30.20 -36.51
C GLU B 496 -22.92 -29.93 -38.00
N THR B 497 -24.02 -29.56 -38.66
CA THR B 497 -23.96 -29.29 -40.10
C THR B 497 -23.07 -28.09 -40.41
N LYS B 498 -23.16 -27.05 -39.59
CA LYS B 498 -22.39 -25.84 -39.84
C LYS B 498 -20.92 -26.04 -39.47
N VAL B 499 -20.09 -25.13 -39.97
CA VAL B 499 -18.64 -25.17 -39.77
C VAL B 499 -18.26 -24.01 -38.86
N ILE B 500 -17.52 -24.32 -37.80
CA ILE B 500 -17.11 -23.33 -36.80
C ILE B 500 -15.61 -23.43 -36.58
N GLU B 501 -15.10 -22.57 -35.70
CA GLU B 501 -13.68 -22.50 -35.41
C GLU B 501 -13.41 -23.22 -34.10
N TRP B 502 -12.51 -24.20 -34.13
CA TRP B 502 -12.17 -25.01 -32.98
C TRP B 502 -10.77 -24.66 -32.50
N THR B 503 -10.63 -24.41 -31.21
CA THR B 503 -9.37 -24.11 -30.55
C THR B 503 -8.80 -25.37 -29.93
N PRO B 504 -7.53 -25.69 -30.18
CA PRO B 504 -6.93 -26.89 -29.56
C PRO B 504 -6.70 -26.68 -28.07
N VAL B 505 -6.91 -27.76 -27.31
CA VAL B 505 -6.69 -27.79 -25.88
C VAL B 505 -5.97 -29.08 -25.53
N TRP B 506 -5.29 -29.07 -24.39
CA TRP B 506 -4.46 -30.19 -23.95
C TRP B 506 -5.24 -31.06 -22.98
N SER B 507 -5.63 -32.25 -23.43
CA SER B 507 -6.29 -33.23 -22.57
C SER B 507 -5.23 -33.93 -21.73
N LEU B 508 -5.23 -33.63 -20.43
CA LEU B 508 -4.24 -34.19 -19.52
C LEU B 508 -4.47 -35.69 -19.29
N THR B 509 -5.74 -36.10 -19.19
CA THR B 509 -6.04 -37.50 -18.90
C THR B 509 -5.53 -38.41 -20.01
N GLU B 510 -5.77 -38.03 -21.26
CA GLU B 510 -5.26 -38.77 -22.41
C GLU B 510 -3.92 -38.22 -22.91
N GLN B 511 -3.46 -37.11 -22.36
CA GLN B 511 -2.18 -36.49 -22.76
C GLN B 511 -2.14 -36.24 -24.26
N THR B 512 -3.22 -35.67 -24.78
CA THR B 512 -3.35 -35.49 -26.23
C THR B 512 -3.96 -34.11 -26.49
N HIS B 513 -4.34 -33.86 -27.73
CA HIS B 513 -4.96 -32.60 -28.13
C HIS B 513 -6.41 -32.84 -28.52
N LYS B 514 -7.32 -32.10 -27.89
CA LYS B 514 -8.73 -32.07 -28.24
C LYS B 514 -9.07 -30.70 -28.79
N TYR B 515 -10.32 -30.52 -29.20
CA TYR B 515 -10.75 -29.27 -29.83
C TYR B 515 -12.04 -28.80 -29.17
N ILE B 516 -12.01 -27.58 -28.62
CA ILE B 516 -13.18 -26.97 -28.00
C ILE B 516 -13.63 -25.83 -28.91
N PRO B 517 -14.94 -25.61 -29.09
CA PRO B 517 -15.37 -24.45 -29.89
C PRO B 517 -14.79 -23.16 -29.33
N THR B 518 -14.31 -22.31 -30.24
CA THR B 518 -13.62 -21.10 -29.83
C THR B 518 -14.55 -20.15 -29.09
N ALA B 519 -15.82 -20.08 -29.49
CA ALA B 519 -16.77 -19.20 -28.82
C ALA B 519 -16.92 -19.56 -27.35
N TYR B 520 -16.71 -20.82 -26.99
CA TYR B 520 -16.79 -21.25 -25.61
C TYR B 520 -15.56 -20.90 -24.79
N CYS B 521 -14.46 -20.53 -25.44
CA CYS B 521 -13.20 -20.28 -24.75
C CYS B 521 -12.91 -18.80 -24.51
N TYR B 522 -13.11 -17.96 -25.52
CA TYR B 522 -12.68 -16.57 -25.48
C TYR B 522 -13.88 -15.62 -25.48
N TYR B 523 -13.77 -14.55 -24.70
CA TYR B 523 -14.82 -13.54 -24.63
C TYR B 523 -14.89 -12.74 -25.91
N GLY B 524 -16.09 -12.27 -26.24
CA GLY B 524 -16.25 -11.37 -27.36
C GLY B 524 -16.03 -11.98 -28.71
N TYR B 525 -16.08 -13.30 -28.83
CA TYR B 525 -15.89 -13.94 -30.12
C TYR B 525 -17.09 -13.64 -31.02
N PRO B 526 -16.87 -13.13 -32.22
CA PRO B 526 -18.00 -12.81 -33.11
C PRO B 526 -18.66 -14.08 -33.63
N LEU B 527 -19.94 -14.26 -33.28
CA LEU B 527 -20.72 -15.39 -33.75
C LEU B 527 -21.82 -14.92 -34.70
N PRO B 528 -22.24 -15.76 -35.64
CA PRO B 528 -23.36 -15.40 -36.50
C PRO B 528 -24.64 -15.24 -35.69
N GLU B 529 -25.53 -14.38 -36.18
CA GLU B 529 -26.78 -14.10 -35.49
C GLU B 529 -27.72 -15.31 -35.44
N ASP B 530 -27.45 -16.36 -36.20
CA ASP B 530 -28.28 -17.56 -36.21
C ASP B 530 -27.55 -18.78 -35.66
N HIS B 531 -26.34 -18.62 -35.14
CA HIS B 531 -25.55 -19.74 -34.64
C HIS B 531 -24.86 -19.37 -33.34
N GLU B 532 -25.59 -18.73 -32.42
CA GLU B 532 -25.05 -18.37 -31.11
C GLU B 532 -25.24 -19.54 -30.15
N PHE B 533 -24.51 -20.61 -30.43
CA PHE B 533 -24.70 -21.86 -29.70
C PHE B 533 -24.13 -21.81 -28.29
N CYS B 534 -23.25 -20.85 -27.99
CA CYS B 534 -22.66 -20.79 -26.66
C CYS B 534 -22.11 -19.39 -26.43
N ARG B 535 -21.88 -19.08 -25.15
CA ARG B 535 -21.27 -17.82 -24.73
C ARG B 535 -20.21 -18.14 -23.69
N ALA B 536 -19.02 -17.56 -23.88
CA ALA B 536 -17.90 -17.83 -22.98
C ALA B 536 -18.19 -17.27 -21.59
N ASN B 537 -17.79 -18.02 -20.56
CA ASN B 537 -17.93 -17.62 -19.17
C ASN B 537 -16.58 -17.79 -18.47
N SER B 538 -16.55 -17.42 -17.19
CA SER B 538 -15.32 -17.48 -16.41
C SER B 538 -15.12 -18.80 -15.70
N ASN B 539 -16.00 -19.77 -15.91
CA ASN B 539 -15.89 -21.05 -15.21
C ASN B 539 -14.62 -21.78 -15.62
N GLY B 540 -13.73 -21.98 -14.65
CA GLY B 540 -12.49 -22.68 -14.88
C GLY B 540 -11.30 -21.80 -15.20
N ASP B 541 -11.53 -20.56 -15.64
CA ASP B 541 -10.43 -19.66 -15.93
C ASP B 541 -9.80 -19.17 -14.63
N ALA B 542 -8.47 -19.23 -14.57
CA ALA B 542 -7.76 -18.96 -13.34
C ALA B 542 -6.39 -18.38 -13.63
N THR B 543 -5.80 -17.75 -12.62
CA THR B 543 -4.57 -17.01 -12.74
C THR B 543 -3.53 -17.54 -11.77
N GLY B 544 -2.27 -17.54 -12.18
CA GLY B 544 -1.18 -17.93 -11.32
C GLY B 544 0.15 -17.52 -11.90
N ASN B 545 1.15 -17.44 -11.00
CA ASN B 545 2.51 -17.16 -11.44
C ASN B 545 3.04 -18.28 -12.33
N THR B 546 2.76 -19.52 -11.96
CA THR B 546 3.10 -20.68 -12.76
C THR B 546 1.84 -21.26 -13.38
N LEU B 547 2.01 -21.98 -14.49
CA LEU B 547 0.87 -22.57 -15.18
C LEU B 547 0.18 -23.62 -14.31
N GLU B 548 0.97 -24.40 -13.56
CA GLU B 548 0.40 -25.44 -12.72
C GLU B 548 -0.49 -24.87 -11.63
N GLU B 549 -0.09 -23.74 -11.04
CA GLU B 549 -0.92 -23.10 -10.03
C GLU B 549 -2.24 -22.64 -10.62
N ALA B 550 -2.20 -22.09 -11.84
CA ALA B 550 -3.44 -21.71 -12.52
C ALA B 550 -4.31 -22.93 -12.78
N ILE B 551 -3.71 -24.06 -13.15
CA ILE B 551 -4.47 -25.28 -13.37
C ILE B 551 -5.15 -25.73 -12.10
N ILE B 552 -4.43 -25.69 -10.97
CA ILE B 552 -5.03 -26.07 -9.69
C ILE B 552 -6.19 -25.15 -9.34
N GLN B 553 -6.00 -23.84 -9.51
CA GLN B 553 -7.08 -22.90 -9.20
C GLN B 553 -8.30 -23.14 -10.07
N GLY B 554 -8.07 -23.38 -11.36
CA GLY B 554 -9.19 -23.64 -12.26
C GLY B 554 -9.92 -24.92 -11.93
N PHE B 555 -9.18 -25.99 -11.62
CA PHE B 555 -9.82 -27.24 -11.26
C PHE B 555 -10.61 -27.11 -9.96
N PHE B 556 -10.06 -26.38 -8.99
CA PHE B 556 -10.81 -26.14 -7.76
C PHE B 556 -12.08 -25.35 -8.04
N GLU B 557 -12.01 -24.37 -8.94
CA GLU B 557 -13.21 -23.63 -9.32
C GLU B 557 -14.25 -24.55 -9.95
N ILE B 558 -13.82 -25.43 -10.85
CA ILE B 558 -14.76 -26.36 -11.48
C ILE B 558 -15.41 -27.27 -10.44
N VAL B 559 -14.61 -27.79 -9.52
CA VAL B 559 -15.15 -28.68 -8.49
C VAL B 559 -16.14 -27.91 -7.62
N GLU B 560 -15.82 -26.66 -7.28
CA GLU B 560 -16.73 -25.84 -6.49
C GLU B 560 -18.06 -25.64 -7.21
N ARG B 561 -18.01 -25.32 -8.51
CA ARG B 561 -19.23 -25.12 -9.26
C ARG B 561 -20.06 -26.40 -9.31
N ASP B 562 -19.41 -27.54 -9.55
CA ASP B 562 -20.15 -28.81 -9.60
C ASP B 562 -20.83 -29.10 -8.27
N SER B 563 -20.08 -28.99 -7.17
CA SER B 563 -20.65 -29.30 -5.87
C SER B 563 -21.78 -28.35 -5.52
N VAL B 564 -21.61 -27.06 -5.83
CA VAL B 564 -22.65 -26.08 -5.55
C VAL B 564 -23.90 -26.40 -6.35
N ALA B 565 -23.75 -26.73 -7.63
CA ALA B 565 -24.92 -27.06 -8.45
C ALA B 565 -25.63 -28.30 -7.92
N ILE B 566 -24.86 -29.34 -7.57
CA ILE B 566 -25.46 -30.59 -7.10
C ILE B 566 -26.23 -30.35 -5.80
N TRP B 567 -25.63 -29.61 -4.87
CA TRP B 567 -26.32 -29.35 -3.60
C TRP B 567 -27.54 -28.45 -3.80
N TRP B 568 -27.40 -27.40 -4.61
CA TRP B 568 -28.46 -26.40 -4.73
C TRP B 568 -29.66 -26.97 -5.46
N TYR B 569 -29.45 -27.61 -6.61
CA TYR B 569 -30.58 -27.99 -7.45
C TYR B 569 -31.33 -29.20 -6.92
N ASN B 570 -30.72 -30.00 -6.07
CA ASN B 570 -31.42 -31.11 -5.43
C ASN B 570 -32.11 -30.69 -4.14
N ARG B 571 -31.91 -29.46 -3.69
CA ARG B 571 -32.45 -28.98 -2.41
C ARG B 571 -32.07 -29.92 -1.27
N LEU B 572 -30.81 -30.34 -1.26
CA LEU B 572 -30.33 -31.35 -0.32
C LEU B 572 -29.88 -30.71 0.98
N LYS B 573 -30.09 -31.45 2.07
CA LYS B 573 -29.63 -31.05 3.40
C LYS B 573 -28.32 -31.77 3.69
N ARG B 574 -27.33 -31.03 4.19
CA ARG B 574 -26.02 -31.58 4.43
C ARG B 574 -25.53 -31.23 5.82
N PRO B 575 -24.66 -32.04 6.40
CA PRO B 575 -24.21 -31.78 7.77
C PRO B 575 -23.41 -30.50 7.89
N ALA B 576 -23.48 -29.90 9.08
CA ALA B 576 -22.76 -28.67 9.36
C ALA B 576 -21.29 -28.96 9.65
N VAL B 577 -20.52 -27.89 9.87
CA VAL B 577 -19.10 -27.99 10.20
C VAL B 577 -18.85 -27.09 11.40
N ASP B 578 -18.24 -27.63 12.45
CA ASP B 578 -17.93 -26.86 13.64
C ASP B 578 -16.59 -26.15 13.43
N LEU B 579 -16.63 -24.82 13.41
CA LEU B 579 -15.43 -24.04 13.17
C LEU B 579 -14.42 -24.20 14.30
N ALA B 580 -14.90 -24.49 15.51
CA ALA B 580 -13.99 -24.66 16.65
C ALA B 580 -13.02 -25.82 16.41
N SER B 581 -13.50 -26.89 15.77
CA SER B 581 -12.64 -28.02 15.45
C SER B 581 -11.62 -27.68 14.37
N PHE B 582 -11.75 -26.55 13.68
CA PHE B 582 -10.85 -26.19 12.60
C PHE B 582 -9.56 -25.53 13.10
N ASN B 583 -9.42 -25.33 14.41
CA ASN B 583 -8.22 -24.74 15.00
C ASN B 583 -7.92 -23.36 14.40
N GLU B 584 -8.96 -22.55 14.26
CA GLU B 584 -8.80 -21.21 13.73
C GLU B 584 -9.66 -20.22 14.50
N PRO B 585 -9.06 -19.37 15.33
CA PRO B 585 -9.85 -18.36 16.05
C PRO B 585 -10.49 -17.33 15.14
N TYR B 586 -10.00 -17.18 13.91
CA TYR B 586 -10.59 -16.22 12.98
C TYR B 586 -12.04 -16.56 12.67
N LEU B 587 -12.33 -17.85 12.45
CA LEU B 587 -13.70 -18.25 12.19
C LEU B 587 -14.61 -17.93 13.37
N LEU B 588 -14.16 -18.23 14.58
CA LEU B 588 -14.98 -17.95 15.76
C LEU B 588 -15.20 -16.46 15.93
N GLU B 589 -14.17 -15.64 15.70
CA GLU B 589 -14.32 -14.21 15.92
C GLU B 589 -15.22 -13.59 14.85
N VAL B 590 -15.13 -14.04 13.60
CA VAL B 590 -16.00 -13.49 12.57
C VAL B 590 -17.44 -13.95 12.80
N GLN B 591 -17.63 -15.18 13.28
CA GLN B 591 -18.97 -15.64 13.62
C GLN B 591 -19.56 -14.81 14.74
N ASP B 592 -18.75 -14.51 15.77
CA ASP B 592 -19.22 -13.68 16.87
C ASP B 592 -19.54 -12.27 16.39
N LEU B 593 -18.73 -11.71 15.49
CA LEU B 593 -19.00 -10.39 14.94
C LEU B 593 -20.31 -10.39 14.15
N TYR B 594 -20.54 -11.43 13.34
CA TYR B 594 -21.77 -11.51 12.59
C TYR B 594 -22.98 -11.64 13.51
N ARG B 595 -22.86 -12.43 14.57
CA ARG B 595 -23.94 -12.56 15.53
C ARG B 595 -24.21 -11.23 16.23
N SER B 596 -23.14 -10.49 16.55
CA SER B 596 -23.30 -9.17 17.15
C SER B 596 -24.03 -8.22 16.19
N ASN B 597 -23.73 -8.32 14.90
CA ASN B 597 -24.41 -7.52 13.89
C ASN B 597 -25.78 -8.09 13.50
N ASN B 598 -26.34 -8.99 14.31
CA ASN B 598 -27.63 -9.60 14.07
C ASN B 598 -27.64 -10.38 12.74
N ARG B 599 -26.68 -11.29 12.61
CA ARG B 599 -26.57 -12.12 11.40
C ARG B 599 -25.99 -13.47 11.82
N ASP B 600 -26.83 -14.49 11.88
CA ASP B 600 -26.37 -15.82 12.22
C ASP B 600 -25.66 -16.44 11.02
N LEU B 601 -24.44 -16.93 11.24
CA LEU B 601 -23.59 -17.47 10.19
C LEU B 601 -23.16 -18.87 10.56
N TRP B 602 -23.14 -19.76 9.56
CA TRP B 602 -22.66 -21.13 9.76
C TRP B 602 -22.17 -21.67 8.44
N VAL B 603 -21.65 -22.89 8.47
CA VAL B 603 -20.99 -23.52 7.33
C VAL B 603 -21.54 -24.92 7.14
N ILE B 604 -21.74 -25.30 5.88
CA ILE B 604 -22.27 -26.61 5.50
C ILE B 604 -21.27 -27.28 4.57
N ASP B 605 -21.07 -28.58 4.75
CA ASP B 605 -20.15 -29.36 3.93
C ASP B 605 -20.92 -30.04 2.81
N ILE B 606 -20.54 -29.75 1.56
CA ILE B 606 -21.25 -30.25 0.39
C ILE B 606 -20.32 -31.03 -0.52
N THR B 607 -19.33 -31.70 0.07
CA THR B 607 -18.34 -32.43 -0.71
C THR B 607 -19.00 -33.50 -1.57
N ALA B 608 -18.56 -33.58 -2.82
CA ALA B 608 -19.10 -34.50 -3.80
C ALA B 608 -18.26 -35.77 -3.86
N ASP B 609 -18.51 -36.59 -4.88
CA ASP B 609 -17.80 -37.85 -5.03
C ASP B 609 -16.29 -37.65 -5.24
N LEU B 610 -15.88 -36.48 -5.70
CA LEU B 610 -14.45 -36.22 -5.87
C LEU B 610 -13.73 -36.12 -4.54
N ASP B 611 -14.46 -35.96 -3.43
CA ASP B 611 -13.90 -35.93 -2.08
C ASP B 611 -12.91 -34.77 -1.91
N ILE B 612 -13.08 -33.71 -2.67
CA ILE B 612 -12.30 -32.49 -2.51
C ILE B 612 -13.04 -31.61 -1.50
N PRO B 613 -12.42 -31.27 -0.36
CA PRO B 613 -13.14 -30.49 0.66
C PRO B 613 -13.71 -29.18 0.13
N THR B 614 -15.03 -29.10 0.09
CA THR B 614 -15.74 -27.90 -0.34
C THR B 614 -16.82 -27.57 0.69
N PHE B 615 -17.02 -26.28 0.91
CA PHE B 615 -17.92 -25.80 1.95
C PHE B 615 -18.68 -24.58 1.46
N VAL B 616 -19.89 -24.42 1.98
CA VAL B 616 -20.72 -23.25 1.71
C VAL B 616 -21.02 -22.56 3.04
N ALA B 617 -20.67 -21.28 3.13
CA ALA B 617 -20.90 -20.47 4.31
C ALA B 617 -22.14 -19.61 4.07
N VAL B 618 -23.13 -19.77 4.93
CA VAL B 618 -24.40 -19.07 4.79
C VAL B 618 -24.65 -18.22 6.03
N SER B 619 -25.04 -16.97 5.82
CA SER B 619 -25.35 -16.05 6.91
C SER B 619 -26.67 -15.36 6.62
N TYR B 620 -27.55 -15.33 7.61
CA TYR B 620 -28.86 -14.69 7.46
C TYR B 620 -29.14 -13.76 8.63
N LEU B 621 -29.78 -12.63 8.34
CA LEU B 621 -30.10 -11.65 9.35
C LEU B 621 -31.30 -12.09 10.17
N LYS B 622 -31.16 -12.06 11.50
CA LYS B 622 -32.22 -12.51 12.38
C LYS B 622 -33.29 -11.44 12.55
N ASP B 623 -34.45 -11.88 13.06
CA ASP B 623 -35.59 -11.05 13.41
C ASP B 623 -35.90 -9.96 12.38
N ASN B 624 -35.76 -10.29 11.10
CA ASN B 624 -36.06 -9.36 10.03
C ASN B 624 -36.90 -10.06 8.96
N LYS B 625 -37.77 -9.28 8.30
CA LYS B 625 -38.59 -9.84 7.24
C LYS B 625 -37.75 -10.14 6.01
N HIS B 626 -36.69 -9.36 5.78
CA HIS B 626 -35.73 -9.61 4.71
C HIS B 626 -34.48 -10.22 5.35
N GLN B 627 -34.33 -11.54 5.23
CA GLN B 627 -33.17 -12.21 5.83
C GLN B 627 -31.87 -11.78 5.17
N THR B 628 -31.91 -11.46 3.88
CA THR B 628 -30.72 -11.11 3.10
C THR B 628 -29.65 -12.18 3.25
N ILE B 629 -29.99 -13.38 2.77
CA ILE B 629 -29.12 -14.54 2.93
C ILE B 629 -27.88 -14.36 2.05
N LEU B 630 -26.71 -14.39 2.69
CA LEU B 630 -25.44 -14.26 2.00
C LEU B 630 -24.76 -15.62 1.95
N LEU B 631 -24.26 -15.98 0.77
CA LEU B 631 -23.65 -17.28 0.51
C LEU B 631 -22.22 -17.10 0.03
N GLY B 632 -21.35 -18.01 0.47
CA GLY B 632 -19.99 -18.06 -0.05
C GLY B 632 -19.58 -19.50 -0.25
N PHE B 633 -18.75 -19.74 -1.26
CA PHE B 633 -18.32 -21.08 -1.61
C PHE B 633 -16.79 -21.16 -1.56
N GLY B 634 -16.28 -22.24 -0.97
CA GLY B 634 -14.85 -22.44 -0.92
C GLY B 634 -14.44 -23.89 -1.08
N THR B 635 -13.55 -24.17 -2.03
CA THR B 635 -13.13 -25.53 -2.32
C THR B 635 -11.61 -25.59 -2.35
N HIS B 636 -11.04 -26.57 -1.64
CA HIS B 636 -9.60 -26.77 -1.65
C HIS B 636 -9.29 -28.13 -1.05
N PHE B 637 -8.08 -28.62 -1.34
CA PHE B 637 -7.61 -29.85 -0.71
C PHE B 637 -7.50 -29.68 0.80
N ASP B 638 -7.01 -28.52 1.25
CA ASP B 638 -6.87 -28.25 2.67
C ASP B 638 -8.18 -27.70 3.22
N PRO B 639 -8.84 -28.40 4.14
CA PRO B 639 -10.13 -27.90 4.65
C PRO B 639 -10.04 -26.54 5.33
N LYS B 640 -8.92 -26.23 5.97
CA LYS B 640 -8.81 -24.96 6.69
C LYS B 640 -8.92 -23.78 5.73
N ILE B 641 -8.12 -23.80 4.65
CA ILE B 641 -8.19 -22.70 3.70
C ILE B 641 -9.47 -22.75 2.88
N ALA B 642 -10.11 -23.91 2.74
CA ALA B 642 -11.43 -23.95 2.13
C ALA B 642 -12.45 -23.21 2.98
N ILE B 643 -12.43 -23.44 4.30
CA ILE B 643 -13.30 -22.68 5.20
C ILE B 643 -12.96 -21.20 5.14
N LEU B 644 -11.66 -20.88 5.05
CA LEU B 644 -11.26 -19.48 4.95
C LEU B 644 -11.82 -18.84 3.69
N ARG B 645 -11.75 -19.55 2.56
CA ARG B 645 -12.33 -19.04 1.32
C ARG B 645 -13.83 -18.83 1.45
N ALA B 646 -14.52 -19.79 2.06
CA ALA B 646 -15.97 -19.69 2.20
C ALA B 646 -16.35 -18.49 3.06
N VAL B 647 -15.67 -18.32 4.20
CA VAL B 647 -16.02 -17.21 5.09
C VAL B 647 -15.65 -15.88 4.47
N THR B 648 -14.53 -15.82 3.74
CA THR B 648 -14.17 -14.58 3.06
C THR B 648 -15.22 -14.22 2.01
N GLU B 649 -15.68 -15.21 1.23
CA GLU B 649 -16.70 -14.94 0.24
C GLU B 649 -18.00 -14.49 0.88
N VAL B 650 -18.39 -15.11 2.00
CA VAL B 650 -19.66 -14.75 2.62
C VAL B 650 -19.60 -13.38 3.28
N ASN B 651 -18.45 -13.01 3.86
CA ASN B 651 -18.37 -11.73 4.54
C ASN B 651 -17.85 -10.61 3.65
N GLN B 652 -17.52 -10.89 2.39
CA GLN B 652 -17.23 -9.81 1.45
C GLN B 652 -18.45 -8.92 1.24
N ILE B 653 -19.65 -9.46 1.43
CA ILE B 653 -20.88 -8.67 1.32
C ILE B 653 -21.42 -8.28 2.69
N ALA B 654 -20.99 -8.94 3.76
CA ALA B 654 -21.53 -8.65 5.10
C ALA B 654 -21.23 -7.22 5.53
N PHE B 655 -20.01 -6.74 5.29
CA PHE B 655 -19.67 -5.38 5.68
C PHE B 655 -20.29 -4.32 4.76
N THR B 656 -20.85 -4.73 3.62
CA THR B 656 -21.50 -3.78 2.72
C THR B 656 -22.90 -3.38 3.21
N CYS B 657 -23.40 -3.99 4.28
CA CYS B 657 -24.71 -3.64 4.81
C CYS B 657 -24.70 -2.21 5.34
N ASP B 658 -25.89 -1.69 5.62
CA ASP B 658 -26.10 -0.31 6.06
C ASP B 658 -25.55 0.66 5.02
N GLY B 659 -26.18 0.63 3.86
CA GLY B 659 -25.71 1.40 2.71
C GLY B 659 -25.35 0.51 1.53
N VAL B 660 -26.08 -0.61 1.39
CA VAL B 660 -25.85 -1.52 0.29
C VAL B 660 -26.08 -0.81 -1.05
N GLU B 661 -25.25 -1.14 -2.04
CA GLU B 661 -25.40 -0.59 -3.38
C GLU B 661 -26.59 -1.15 -4.14
N VAL B 662 -27.42 -1.96 -3.48
CA VAL B 662 -28.70 -2.49 -3.95
C VAL B 662 -28.70 -2.81 -5.45
N THR B 663 -29.72 -2.31 -6.16
CA THR B 663 -30.01 -2.72 -7.53
C THR B 663 -28.96 -2.25 -8.54
N LYS B 664 -28.02 -1.40 -8.12
CA LYS B 664 -27.04 -0.86 -9.07
C LYS B 664 -26.30 -1.96 -9.82
N GLU B 665 -25.85 -2.99 -9.10
CA GLU B 665 -25.27 -4.16 -9.76
C GLU B 665 -25.67 -5.47 -9.11
N PHE B 666 -26.50 -5.46 -8.06
CA PHE B 666 -27.03 -6.67 -7.45
C PHE B 666 -28.51 -6.88 -7.80
N VAL B 667 -28.89 -6.51 -9.02
CA VAL B 667 -30.30 -6.63 -9.41
C VAL B 667 -30.76 -8.09 -9.35
N GLU B 668 -29.95 -9.01 -9.87
CA GLU B 668 -30.29 -10.43 -9.79
C GLU B 668 -30.37 -10.89 -8.34
N MET B 669 -29.61 -10.25 -7.46
CA MET B 669 -29.64 -10.56 -6.03
C MET B 669 -30.74 -9.83 -5.28
N ARG B 670 -31.49 -8.93 -5.94
CA ARG B 670 -32.55 -8.23 -5.25
C ARG B 670 -33.72 -9.16 -4.93
N GLU B 671 -34.33 -9.74 -5.96
CA GLU B 671 -35.46 -10.63 -5.75
C GLU B 671 -35.09 -11.81 -4.87
N TRP B 672 -33.83 -12.26 -4.94
CA TRP B 672 -33.36 -13.30 -4.04
C TRP B 672 -33.56 -12.91 -2.58
N PHE B 673 -33.16 -11.68 -2.22
CA PHE B 673 -33.37 -11.20 -0.87
C PHE B 673 -34.85 -11.06 -0.54
N LYS B 674 -35.71 -10.96 -1.55
CA LYS B 674 -37.15 -10.93 -1.31
C LYS B 674 -37.74 -12.31 -1.04
N LYS B 675 -36.97 -13.37 -1.25
CA LYS B 675 -37.46 -14.73 -1.02
C LYS B 675 -36.48 -15.60 -0.24
N ALA B 676 -35.29 -15.09 0.08
CA ALA B 676 -34.27 -15.88 0.79
C ALA B 676 -34.65 -15.96 2.26
N THR B 677 -35.59 -16.85 2.56
CA THR B 677 -35.99 -17.15 3.92
C THR B 677 -35.68 -18.61 4.22
N ILE B 678 -35.08 -18.85 5.38
CA ILE B 678 -34.60 -20.19 5.71
C ILE B 678 -35.74 -21.20 5.77
N GLU B 679 -36.92 -20.76 6.19
CA GLU B 679 -38.06 -21.68 6.24
C GLU B 679 -38.51 -22.09 4.85
N ASN B 680 -38.47 -21.16 3.88
CA ASN B 680 -38.81 -21.50 2.51
C ASN B 680 -37.70 -22.26 1.80
N GLN B 681 -36.45 -22.07 2.20
CA GLN B 681 -35.32 -22.80 1.64
C GLN B 681 -34.75 -23.73 2.69
N PRO B 682 -35.37 -24.88 2.93
CA PRO B 682 -34.89 -25.76 4.01
C PRO B 682 -33.51 -26.33 3.76
N TYR B 683 -33.03 -26.36 2.51
CA TYR B 683 -31.71 -26.90 2.24
C TYR B 683 -30.60 -25.97 2.71
N LEU B 684 -30.91 -24.71 2.98
CA LEU B 684 -29.90 -23.75 3.41
C LEU B 684 -29.52 -23.90 4.88
N VAL B 685 -30.27 -24.68 5.66
CA VAL B 685 -29.92 -24.94 7.05
C VAL B 685 -29.34 -26.35 7.13
N PRO B 686 -28.40 -26.61 8.03
CA PRO B 686 -27.78 -27.94 8.08
C PRO B 686 -28.74 -28.99 8.63
N ASP B 687 -28.47 -30.23 8.24
CA ASP B 687 -29.25 -31.36 8.75
C ASP B 687 -28.84 -31.63 10.19
N SER B 688 -29.74 -31.30 11.13
CA SER B 688 -29.44 -31.48 12.55
C SER B 688 -29.29 -32.94 12.94
N THR B 689 -29.87 -33.87 12.18
CA THR B 689 -29.78 -35.28 12.52
C THR B 689 -28.36 -35.80 12.40
N VAL B 690 -27.71 -35.53 11.27
CA VAL B 690 -26.33 -36.01 11.06
C VAL B 690 -25.38 -35.19 11.92
N PRO B 691 -24.43 -35.81 12.63
CA PRO B 691 -23.47 -35.02 13.41
C PRO B 691 -22.60 -34.14 12.52
N ALA B 692 -22.21 -32.99 13.07
CA ALA B 692 -21.41 -32.04 12.32
C ALA B 692 -20.02 -32.60 12.04
N LYS B 693 -19.55 -32.39 10.81
CA LYS B 693 -18.21 -32.81 10.44
C LYS B 693 -17.16 -31.94 11.12
N VAL B 694 -15.99 -32.52 11.36
CA VAL B 694 -14.89 -31.84 12.01
C VAL B 694 -13.70 -31.81 11.05
N TYR B 695 -12.65 -31.08 11.47
CA TYR B 695 -11.46 -30.95 10.65
C TYR B 695 -10.71 -32.27 10.48
N GLN B 696 -10.93 -33.24 11.37
CA GLN B 696 -10.28 -34.54 11.28
C GLN B 696 -11.04 -35.52 10.40
N ASP B 697 -12.18 -35.12 9.85
CA ASP B 697 -12.98 -35.98 8.99
C ASP B 697 -12.54 -35.94 7.53
N TYR B 698 -11.60 -35.05 7.18
CA TYR B 698 -11.16 -34.89 5.80
C TYR B 698 -9.69 -35.30 5.69
N GLN B 699 -9.39 -36.12 4.70
CA GLN B 699 -8.03 -36.59 4.48
C GLN B 699 -7.16 -35.46 3.92
N GLN B 700 -5.86 -35.60 4.13
CA GLN B 700 -4.88 -34.64 3.64
C GLN B 700 -4.34 -35.11 2.30
N ARG B 701 -4.52 -34.30 1.26
CA ARG B 701 -4.14 -34.67 -0.09
C ARG B 701 -3.10 -33.77 -0.72
N TRP B 702 -2.88 -32.56 -0.20
CA TRP B 702 -1.93 -31.65 -0.81
C TRP B 702 -0.51 -32.18 -0.69
N SER B 703 0.27 -31.98 -1.74
CA SER B 703 1.66 -32.43 -1.81
C SER B 703 2.60 -31.26 -1.63
N ASP B 704 3.90 -31.57 -1.61
CA ASP B 704 4.91 -30.52 -1.41
C ASP B 704 5.12 -29.70 -2.69
N ASP B 705 4.98 -30.33 -3.86
CA ASP B 705 5.18 -29.66 -5.13
C ASP B 705 3.86 -29.57 -5.88
N ILE B 706 3.66 -28.44 -6.58
CA ILE B 706 2.42 -28.21 -7.30
C ILE B 706 2.27 -29.17 -8.48
N TYR B 707 3.38 -29.71 -9.01
CA TYR B 707 3.28 -30.68 -10.08
C TYR B 707 2.55 -31.94 -9.62
N GLU B 708 2.86 -32.41 -8.42
CA GLU B 708 2.14 -33.56 -7.88
C GLU B 708 0.69 -33.22 -7.58
N ASP B 709 0.41 -31.95 -7.24
CA ASP B 709 -0.99 -31.53 -7.08
C ASP B 709 -1.74 -31.62 -8.40
N VAL B 710 -1.11 -31.17 -9.50
CA VAL B 710 -1.73 -31.31 -10.81
C VAL B 710 -1.96 -32.77 -11.13
N MET B 711 -0.95 -33.62 -10.85
CA MET B 711 -1.08 -35.04 -11.12
C MET B 711 -2.26 -35.64 -10.35
N THR B 712 -2.29 -35.43 -9.03
CA THR B 712 -3.34 -36.03 -8.21
C THR B 712 -4.71 -35.49 -8.57
N CYS B 713 -4.81 -34.23 -9.00
CA CYS B 713 -6.06 -33.75 -9.56
C CYS B 713 -6.44 -34.53 -10.81
N VAL B 714 -5.45 -34.86 -11.64
CA VAL B 714 -5.72 -35.62 -12.86
C VAL B 714 -6.26 -37.00 -12.52
N GLU B 715 -5.63 -37.71 -11.57
CA GLU B 715 -6.18 -39.02 -11.22
C GLU B 715 -7.51 -38.92 -10.49
N ILE B 716 -7.73 -37.85 -9.71
CA ILE B 716 -9.03 -37.68 -9.07
C ILE B 716 -10.12 -37.53 -10.13
N SER B 717 -9.86 -36.71 -11.15
CA SER B 717 -10.83 -36.56 -12.24
C SER B 717 -11.01 -37.87 -13.02
N LYS B 718 -9.92 -38.58 -13.26
CA LYS B 718 -9.99 -39.82 -14.05
C LYS B 718 -10.79 -40.89 -13.33
N ASN B 719 -10.60 -41.01 -12.00
CA ASN B 719 -11.32 -42.02 -11.24
C ASN B 719 -12.83 -41.82 -11.29
N ALA B 720 -13.29 -40.60 -11.52
CA ALA B 720 -14.70 -40.30 -11.63
C ALA B 720 -15.22 -40.42 -13.06
N GLY B 721 -14.40 -40.93 -13.97
CA GLY B 721 -14.80 -41.01 -15.37
C GLY B 721 -14.93 -39.67 -16.05
N LEU B 722 -14.01 -38.75 -15.76
CA LEU B 722 -14.01 -37.41 -16.34
C LEU B 722 -12.68 -37.14 -17.02
N GLU B 723 -12.70 -36.20 -17.96
CA GLU B 723 -11.52 -35.80 -18.69
C GLU B 723 -11.20 -34.34 -18.39
N THR B 724 -9.97 -34.08 -17.95
CA THR B 724 -9.53 -32.74 -17.61
C THR B 724 -8.75 -32.16 -18.79
N LEU B 725 -9.17 -31.01 -19.26
CA LEU B 725 -8.53 -30.34 -20.39
C LEU B 725 -8.05 -28.97 -19.96
N VAL B 726 -6.90 -28.55 -20.46
CA VAL B 726 -6.30 -27.28 -20.08
C VAL B 726 -6.02 -26.46 -21.34
N LEU B 727 -6.47 -25.21 -21.33
CA LEU B 727 -6.18 -24.26 -22.39
C LEU B 727 -5.30 -23.16 -21.83
N ASP B 728 -4.16 -22.92 -22.48
CA ASP B 728 -3.20 -21.93 -22.02
C ASP B 728 -3.60 -20.57 -22.61
N LYS B 729 -4.21 -19.73 -21.76
CA LYS B 729 -4.60 -18.39 -22.17
C LYS B 729 -3.52 -17.35 -21.89
N THR B 730 -2.35 -17.78 -21.43
CA THR B 730 -1.29 -16.84 -21.07
C THR B 730 -0.84 -16.05 -22.30
N ARG B 731 -0.87 -14.74 -22.18
CA ARG B 731 -0.42 -13.86 -23.26
C ARG B 731 1.07 -13.58 -23.10
N PRO B 732 1.87 -13.80 -24.13
CA PRO B 732 3.32 -13.57 -24.00
C PRO B 732 3.68 -12.14 -23.63
N ASP B 733 2.87 -11.16 -24.06
CA ASP B 733 3.17 -9.77 -23.74
C ASP B 733 2.94 -9.45 -22.27
N ILE B 734 2.18 -10.26 -21.55
CA ILE B 734 1.91 -10.04 -20.13
C ILE B 734 2.85 -10.84 -19.25
N GLY B 735 2.91 -12.16 -19.46
CA GLY B 735 3.83 -13.01 -18.74
C GLY B 735 3.23 -13.70 -17.52
N LEU B 736 2.13 -13.19 -16.98
CA LEU B 736 1.49 -13.83 -15.85
C LEU B 736 0.55 -14.94 -16.34
N ASN B 737 0.69 -16.13 -15.78
CA ASN B 737 0.06 -17.30 -16.36
C ASN B 737 -1.44 -17.28 -16.11
N VAL B 738 -2.21 -17.53 -17.17
CA VAL B 738 -3.66 -17.66 -17.10
C VAL B 738 -4.06 -18.93 -17.83
N ALA B 739 -4.83 -19.79 -17.17
CA ALA B 739 -5.21 -21.06 -17.75
C ALA B 739 -6.70 -21.31 -17.54
N LYS B 740 -7.35 -21.90 -18.54
CA LYS B 740 -8.75 -22.27 -18.44
C LYS B 740 -8.84 -23.79 -18.38
N VAL B 741 -9.39 -24.30 -17.29
CA VAL B 741 -9.57 -25.74 -17.11
C VAL B 741 -11.00 -26.09 -17.50
N ILE B 742 -11.14 -26.96 -18.50
CA ILE B 742 -12.43 -27.38 -19.02
C ILE B 742 -12.59 -28.86 -18.77
N VAL B 743 -13.65 -29.22 -18.05
CA VAL B 743 -14.06 -30.61 -17.88
C VAL B 743 -15.47 -30.73 -18.43
N PRO B 744 -15.72 -31.59 -19.42
CA PRO B 744 -17.01 -31.58 -20.12
C PRO B 744 -18.22 -31.80 -19.22
N GLU B 745 -18.28 -32.94 -18.53
CA GLU B 745 -19.48 -33.29 -17.79
C GLU B 745 -19.69 -32.44 -16.54
N MET B 746 -18.70 -31.65 -16.15
CA MET B 746 -18.84 -30.81 -14.97
C MET B 746 -19.74 -29.62 -15.30
N PRO B 747 -20.85 -29.43 -14.59
CA PRO B 747 -21.75 -28.33 -14.91
C PRO B 747 -21.47 -27.08 -14.10
N HIS B 748 -22.00 -25.97 -14.59
CA HIS B 748 -22.02 -24.71 -13.86
C HIS B 748 -23.22 -24.69 -12.90
N TYR B 749 -23.27 -23.67 -12.04
CA TYR B 749 -24.41 -23.58 -11.13
C TYR B 749 -25.59 -22.83 -11.74
N TRP B 750 -25.47 -22.36 -12.96
CA TRP B 750 -26.61 -21.79 -13.66
C TRP B 750 -27.57 -22.90 -14.06
N LEU B 751 -28.71 -22.52 -14.65
CA LEU B 751 -29.74 -23.49 -15.01
C LEU B 751 -29.25 -24.32 -16.20
N ARG B 752 -28.36 -25.26 -15.90
CA ARG B 752 -27.83 -26.21 -16.87
C ARG B 752 -28.27 -27.59 -16.43
N MET B 753 -29.46 -27.99 -16.87
CA MET B 753 -30.08 -29.24 -16.43
C MET B 753 -29.74 -30.41 -17.34
N GLY B 754 -28.90 -30.22 -18.35
CA GLY B 754 -28.51 -31.31 -19.22
C GLY B 754 -27.41 -32.19 -18.69
N ALA B 755 -26.83 -31.86 -17.54
CA ALA B 755 -25.75 -32.64 -16.96
C ALA B 755 -26.33 -33.78 -16.13
N LYS B 756 -25.96 -35.01 -16.47
CA LYS B 756 -26.44 -36.16 -15.73
C LYS B 756 -25.81 -36.26 -14.35
N ARG B 757 -24.74 -35.50 -14.08
CA ARG B 757 -24.13 -35.54 -12.75
C ARG B 757 -25.10 -35.05 -11.68
N ILE B 758 -25.84 -33.99 -11.96
CA ILE B 758 -26.78 -33.46 -10.97
C ILE B 758 -27.84 -34.51 -10.64
N TYR B 759 -28.23 -35.31 -11.62
CA TYR B 759 -29.22 -36.35 -11.39
C TYR B 759 -28.64 -37.57 -10.69
N ASP B 760 -27.37 -37.90 -10.95
CA ASP B 760 -26.83 -39.21 -10.58
C ASP B 760 -25.91 -39.19 -9.36
N VAL B 761 -25.14 -38.13 -9.15
CA VAL B 761 -24.17 -38.12 -8.05
C VAL B 761 -24.84 -38.27 -6.69
N PRO B 762 -25.92 -37.56 -6.37
CA PRO B 762 -26.58 -37.81 -5.08
C PRO B 762 -27.05 -39.24 -4.91
N VAL B 763 -27.48 -39.90 -5.99
CA VAL B 763 -27.83 -41.31 -5.92
C VAL B 763 -26.59 -42.15 -5.62
N LYS B 764 -25.46 -41.83 -6.27
CA LYS B 764 -24.25 -42.60 -6.08
C LYS B 764 -23.76 -42.53 -4.64
N MET B 765 -23.82 -41.36 -4.02
CA MET B 765 -23.43 -41.21 -2.63
C MET B 765 -24.52 -41.65 -1.65
N GLY B 766 -25.70 -42.01 -2.14
CA GLY B 766 -26.78 -42.42 -1.27
C GLY B 766 -27.58 -41.29 -0.67
N TRP B 767 -27.32 -40.05 -1.06
CA TRP B 767 -28.11 -38.93 -0.54
C TRP B 767 -29.58 -39.05 -0.96
N LEU B 768 -29.85 -39.66 -2.10
CA LEU B 768 -31.21 -39.93 -2.55
C LEU B 768 -31.33 -41.39 -2.96
N SER B 769 -32.53 -41.94 -2.75
CA SER B 769 -32.80 -43.31 -3.18
C SER B 769 -33.04 -43.37 -4.69
N THR B 770 -33.65 -42.34 -5.26
CA THR B 770 -33.95 -42.28 -6.68
C THR B 770 -33.52 -40.92 -7.23
N PRO B 771 -33.09 -40.88 -8.49
CA PRO B 771 -32.71 -39.58 -9.08
C PRO B 771 -33.93 -38.67 -9.21
N LEU B 772 -33.67 -37.37 -9.08
CA LEU B 772 -34.73 -36.38 -9.13
C LEU B 772 -35.07 -36.04 -10.58
N THR B 773 -36.37 -35.90 -10.85
CA THR B 773 -36.82 -35.49 -12.16
C THR B 773 -36.46 -34.01 -12.40
N GLU B 774 -36.32 -33.65 -13.67
CA GLU B 774 -35.85 -32.31 -14.02
C GLU B 774 -36.79 -31.23 -13.47
N GLU B 775 -38.10 -31.44 -13.58
CA GLU B 775 -39.05 -30.46 -13.08
C GLU B 775 -39.16 -30.47 -11.56
N GLN B 776 -38.60 -31.46 -10.87
CA GLN B 776 -38.64 -31.52 -9.42
C GLN B 776 -37.49 -30.76 -8.76
N MET B 777 -36.54 -30.24 -9.54
CA MET B 777 -35.39 -29.57 -8.96
C MET B 777 -35.71 -28.11 -8.63
N ASN B 778 -34.72 -27.42 -8.09
CA ASN B 778 -34.91 -26.05 -7.69
C ASN B 778 -35.10 -25.15 -8.90
N PRO B 779 -36.15 -24.35 -8.97
CA PRO B 779 -36.36 -23.44 -10.10
C PRO B 779 -35.70 -22.08 -9.96
N ILE B 780 -34.78 -21.90 -9.02
CA ILE B 780 -34.13 -20.63 -8.75
C ILE B 780 -32.64 -20.79 -9.01
N SER B 781 -32.08 -19.88 -9.80
CA SER B 781 -30.65 -19.89 -10.07
C SER B 781 -29.87 -19.53 -8.80
N VAL B 782 -28.59 -19.91 -8.79
CA VAL B 782 -27.72 -19.57 -7.68
C VAL B 782 -27.41 -18.08 -7.77
N PRO B 783 -27.77 -17.28 -6.77
CA PRO B 783 -27.48 -15.85 -6.84
C PRO B 783 -25.99 -15.53 -6.82
N ILE B 784 -25.18 -16.37 -6.19
CA ILE B 784 -23.76 -16.11 -6.07
C ILE B 784 -22.95 -17.26 -6.67
ZN ZN C . 3.23 31.45 9.60
MG MG D . 8.86 4.69 22.89
MG MG E . 9.24 1.08 19.42
ZN ZN F . 4.68 -4.18 -32.11
MG MG G . -12.61 -18.02 -11.77
MG MG H . -13.47 -14.80 -7.81
#